data_4BXS
#
_entry.id   4BXS
#
_cell.length_a   115.310
_cell.length_b   115.310
_cell.length_c   429.520
_cell.angle_alpha   90.00
_cell.angle_beta   90.00
_cell.angle_gamma   90.00
#
_symmetry.space_group_name_H-M   'P 43 21 2'
#
loop_
_entity.id
_entity.type
_entity.pdbx_description
1 polymer 'FACTOR X-LIKE PROTEASE'
2 polymer 'VENOM PROTHROMBIN ACTIVATOR PSEUTARIN-C NON-CATALYTIC SUBUNIT'
3 branched alpha-L-fucopyranose-(1-6)-2-acetamido-2-deoxy-beta-D-glucopyranose
4 branched alpha-D-mannopyranose-(1-2)-alpha-D-mannopyranose-(1-3)-[alpha-D-mannopyranose-(1-3)-[alpha-D-mannopyranose-(1-6)]alpha-D-mannopyranose-(1-6)]beta-D-mannopyranose-(1-4)-2-acetamido-2-deoxy-beta-D-glucopyranose-(1-4)-2-acetamido-2-deoxy-beta-D-glucopyranose
5 branched 2-acetamido-2-deoxy-beta-D-glucopyranose-(1-4)-2-acetamido-2-deoxy-beta-D-glucopyranose
6 non-polymer 2-acetamido-2-deoxy-beta-D-glucopyranose
7 non-polymer 'CALCIUM ION'
8 non-polymer 'COPPER (II) ION'
9 water water
#
loop_
_entity_poly.entity_id
_entity_poly.type
_entity_poly.pdbx_seq_one_letter_code
_entity_poly.pdbx_strand_id
1 'polypeptide(L)'
;ANSLVEEFKSGNIERECIEERCSKEEAREVFEDDEKTETFWNVYVDGDQCSSNPCHYRGICKDGIGSYTCTCLSGYEGKN
CERVLYKSCRVDNGNCWHFCKHVQNDIQCSCAEGYLLGEDGHSCVAGGNFSCGRNIKTRNKREANLPDFVQSQNATLLKK
SDNPSPDIRIVNGMDCKLGECPWQAALVDEKEGVFCGGTILSPIYVLTAAHCINETETISVVVGEIDKSRIETGPLLSVD
KIYVHKKFVPPQKAYKFDLAAYDYDIAIIQMKTPIQFSENVVPACLPTADFANQVLMKQDFGIVSGFGRIVEKGPKSKTL
KVLKVPYVDRHTCMVSSETPITPNMFCAGYDTLPRDACQGDSGGPHTTVYRDTHFITGIVSSGEGCARNGKYGNYTKLSK
FIPWIKRIMRQKLPSTESSTGRL
;
A
2 'polypeptide(L)'
;AQLREYHIAAQLEDWDYNPQPEELSRLSESDLTFKKIVYREYELDFKQEKPRDALSGLLGPTLRGEVGDSLIIYFKNFAT
QPVSIHPQSAVYNKWSEGSSYSDGTSDVERLDDAVPPGQSFKYVWNITAEIGPKKADPPCLTYAYYSHVNMVRDFNSGLI
GALLICKEGSLNANGSQKFFNREYVLMFSVFDESKNWYRKPSLQYTINGFANGTLPDVQACAYDHISWHLIGMSSSPEIF
SVHFNGQTLEQNHYKVSTINLVGGASVTADMSVSRTGKWLISSLVAKHLQAGMYGYLNIKDCGNPDTLTRKLSFRELMKI
KNWEYFIAAEEITWDYAPEIPSSVDRRYKAQYLDNFSNFIGKKYKKAVFRQYEDGNFTKPTYAIWPKERGILGPVIKAKV
RDTVTIVFKNLASRPYSIYVHGVSVSKDAEGAIYPSDPKENITHGKAVEPGQVYTYKWTVLDTDEPTVKDSECITKLYHS
AVDMTRDIASGLIGPLLVCKHKALSVKGVQNKADVEQHAVFAVFDENKSWYLEDNIKKYCSNPSAVKKDDPKFYKSNVMY
TLNGYASDRTEVLRFHQSEVVQWHLTSVGTVDEIVPVHLSGHTFLSKGKHQDILNLFPMSGESATVTMDNLGTWLLSSWG
SCEMSNGMRLRFLDANYDDEDEGNEEEEEDDGDIFADIFIPSEVVKKKEEVPVNFVPDPESDALAKELGLIDDEGNPIIQ
PRREQTEDDEEQLMKASMLGLRSFKGSVAEEELKHTALALEEDAHASDPRIDSNSARNPDDIAGRYLRTINRGNKRRYYI
AAEEVLWDYSPIGKSQVRSRAAKTTFKKAIFRSYLDDTFQTPSTGGEYEKHLGILGPIIRAEVDDVIEIQFKNLASRPYS
LHAHGLLYEKSSEGRSYDDKSPELFKKDDAIMPNGTYTYVWQVPPRSGPTDNTEKCKSWAYYSGVNPEKDIHSGLIGPIL
ICQKGMIDKYNRTIDIREFVLFFMVFDEEKSWYFPKSDKSTCEEKLIGVQSLHTFPAINGIPYQLQGLTMYKDENVHWHL
LNMGGPKDIHVVNFHGQTFTEEGREDNQLGVLPLLPGTFASIKMKPSKIGTWLLETEVGENQERGMQALFTVIDKDCKLP
MGLASGIIQDSQISASGHVGYWEPKLARLNNTGKYNAWSIIKKEHEHPWIQIDLQRQVVITGIQTQGTVQLLQHSYTVEY
FVTYSEDGQNWITFKGRHSETQMHFEGNSDGTTVKENHIDPPIIARYIRLHPTKFYNRPTFRIELLGCEVEGCSVPLGME
SGAIKNKEITASSYKKTWWSSWEPFLARLNLEGGTNAWQPEVNNKDQWLQIDLQHLTKITSIITQGATSMTTSMYVKTFS
IHYTDDNSTWKPYLDVRTSMEKVFTGNINSDGHVKHFFKPPILSRFIRIIPKTWNQYIALRIELFGCEVF
;
V
#
# COMPACT_ATOMS: atom_id res chain seq x y z
N LYS A 87 -10.86 12.96 28.56
CA LYS A 87 -10.31 13.69 27.37
C LYS A 87 -11.44 14.22 26.49
N SER A 88 -12.62 14.39 27.07
CA SER A 88 -13.79 14.85 26.35
C SER A 88 -13.53 16.17 25.63
N CYS A 89 -13.14 17.21 26.38
CA CYS A 89 -12.82 18.49 25.78
C CYS A 89 -12.14 18.24 24.44
N ARG A 90 -11.13 17.39 24.45
CA ARG A 90 -10.47 16.97 23.23
C ARG A 90 -11.45 16.27 22.31
N VAL A 91 -12.50 15.71 22.90
CA VAL A 91 -13.51 14.97 22.15
C VAL A 91 -14.68 15.87 21.76
N ASP A 92 -14.50 16.63 20.69
CA ASP A 92 -15.55 17.52 20.19
C ASP A 92 -15.74 18.74 21.10
N ASN A 93 -14.74 19.03 21.92
CA ASN A 93 -14.76 20.18 22.80
C ASN A 93 -15.79 20.03 23.93
N GLY A 94 -15.77 18.87 24.58
CA GLY A 94 -16.68 18.58 25.68
C GLY A 94 -18.09 19.06 25.40
N ASN A 95 -18.49 19.00 24.13
CA ASN A 95 -19.79 19.50 23.72
C ASN A 95 -20.03 20.90 24.25
N CYS A 96 -18.96 21.69 24.30
CA CYS A 96 -19.02 23.02 24.89
C CYS A 96 -19.09 24.09 23.81
N TRP A 97 -19.73 25.21 24.14
CA TRP A 97 -19.90 26.30 23.18
C TRP A 97 -18.62 27.13 23.04
N HIS A 98 -17.87 27.25 24.14
CA HIS A 98 -16.64 28.04 24.12
C HIS A 98 -15.45 27.29 24.70
N PHE A 99 -14.96 27.76 25.85
CA PHE A 99 -13.73 27.21 26.42
C PHE A 99 -13.94 25.98 27.29
N CYS A 100 -13.51 24.83 26.78
CA CYS A 100 -13.56 23.58 27.52
C CYS A 100 -12.20 23.34 28.17
N LYS A 101 -12.20 23.11 29.48
CA LYS A 101 -10.96 22.86 30.21
C LYS A 101 -10.99 21.50 30.92
N HIS A 102 -10.10 21.33 31.89
CA HIS A 102 -9.97 20.03 32.54
C HIS A 102 -10.01 20.03 34.07
N VAL A 103 -10.78 19.08 34.61
CA VAL A 103 -10.65 18.69 36.00
C VAL A 103 -10.08 17.28 35.97
N GLN A 104 -9.72 16.74 37.14
CA GLN A 104 -9.02 15.46 37.23
C GLN A 104 -9.77 14.29 36.58
N ASN A 105 -11.09 14.29 36.72
CA ASN A 105 -11.95 13.31 36.07
C ASN A 105 -13.13 14.04 35.46
N ASP A 106 -13.01 15.36 35.40
CA ASP A 106 -14.11 16.23 35.04
C ASP A 106 -13.99 16.78 33.62
N ILE A 107 -14.49 18.00 33.45
CA ILE A 107 -14.35 18.75 32.21
C ILE A 107 -15.01 20.11 32.42
N GLN A 108 -14.21 21.11 32.76
CA GLN A 108 -14.73 22.43 33.08
C GLN A 108 -15.04 23.24 31.83
N CYS A 109 -16.26 23.78 31.79
CA CYS A 109 -16.69 24.62 30.67
C CYS A 109 -16.68 26.09 31.06
N SER A 110 -16.04 26.90 30.22
CA SER A 110 -15.95 28.33 30.47
C SER A 110 -16.63 29.13 29.37
N CYS A 111 -16.45 30.44 29.40
CA CYS A 111 -17.01 31.33 28.39
C CYS A 111 -16.04 32.46 28.07
N ALA A 112 -16.30 33.16 26.97
CA ALA A 112 -15.49 34.31 26.60
C ALA A 112 -15.88 35.51 27.44
N GLU A 113 -15.15 36.62 27.27
CA GLU A 113 -15.45 37.84 28.01
C GLU A 113 -16.84 38.36 27.66
N GLY A 114 -17.57 38.81 28.68
CA GLY A 114 -18.91 39.35 28.48
C GLY A 114 -19.93 38.31 28.03
N TYR A 115 -19.75 37.08 28.51
CA TYR A 115 -20.68 36.00 28.18
C TYR A 115 -21.17 35.26 29.43
N LEU A 116 -22.39 34.75 29.36
CA LEU A 116 -22.96 33.98 30.45
C LEU A 116 -22.98 32.50 30.09
N LEU A 117 -22.29 31.68 30.89
CA LEU A 117 -22.22 30.25 30.67
C LEU A 117 -23.60 29.61 30.66
N GLY A 118 -23.73 28.49 29.97
CA GLY A 118 -25.02 27.81 29.85
C GLY A 118 -25.53 27.26 31.16
N GLU A 119 -26.82 27.48 31.43
CA GLU A 119 -27.47 26.90 32.59
C GLU A 119 -27.28 25.39 32.56
N ASP A 120 -27.09 24.88 31.35
CA ASP A 120 -26.77 23.47 31.15
C ASP A 120 -25.39 23.18 31.73
N GLY A 121 -24.50 24.15 31.61
CA GLY A 121 -23.11 23.98 31.99
C GLY A 121 -22.22 23.98 30.75
N HIS A 122 -22.76 24.50 29.65
CA HIS A 122 -22.03 24.53 28.38
C HIS A 122 -22.62 25.53 27.39
N SER A 123 -23.93 25.76 27.47
CA SER A 123 -24.62 26.63 26.53
C SER A 123 -23.84 27.89 26.18
N CYS A 124 -23.66 28.76 27.17
CA CYS A 124 -22.90 30.01 26.98
C CYS A 124 -23.62 30.96 26.04
N VAL A 125 -24.02 32.13 26.56
CA VAL A 125 -24.74 33.12 25.76
C VAL A 125 -24.21 34.53 26.01
N ALA A 126 -24.63 35.47 25.17
CA ALA A 126 -24.23 36.86 25.30
C ALA A 126 -24.71 37.45 26.62
N GLY A 127 -23.77 37.98 27.41
CA GLY A 127 -24.09 38.54 28.71
C GLY A 127 -24.61 39.96 28.66
N GLY A 128 -24.20 40.70 27.62
CA GLY A 128 -24.60 42.09 27.47
C GLY A 128 -24.87 42.49 26.03
N ASN A 129 -25.07 43.78 25.81
CA ASN A 129 -25.33 44.31 24.48
C ASN A 129 -24.05 44.68 23.74
N PHE A 130 -22.96 44.81 24.49
CA PHE A 130 -21.66 45.14 23.90
C PHE A 130 -20.73 43.94 23.93
N SER A 131 -21.30 42.74 23.91
CA SER A 131 -20.52 41.51 23.94
C SER A 131 -19.66 41.35 22.69
N CYS A 132 -18.41 40.94 22.88
CA CYS A 132 -17.49 40.76 21.77
C CYS A 132 -17.92 39.61 20.86
N GLY A 133 -17.34 39.57 19.66
CA GLY A 133 -17.60 38.48 18.72
C GLY A 133 -18.80 38.69 17.83
N ARG A 134 -19.86 39.29 18.39
CA ARG A 134 -21.10 39.50 17.65
C ARG A 134 -20.93 40.53 16.53
N ASN A 135 -21.02 40.06 15.29
CA ASN A 135 -20.87 40.93 14.13
C ASN A 135 -22.20 41.48 13.64
N ILE A 136 -22.98 40.64 12.98
CA ILE A 136 -24.29 41.03 12.47
C ILE A 136 -25.17 39.80 12.23
N LYS A 137 -25.59 39.17 13.31
CA LYS A 137 -26.42 37.97 13.24
C LYS A 137 -26.70 37.40 14.62
N MET A 174 -16.83 40.80 -0.69
CA MET A 174 -15.84 41.87 -0.56
C MET A 174 -16.17 42.84 0.57
N ASP A 175 -15.84 44.11 0.36
CA ASP A 175 -16.07 45.16 1.36
C ASP A 175 -16.91 44.67 2.54
N CYS A 176 -16.34 44.80 3.74
CA CYS A 176 -17.04 44.42 4.96
C CYS A 176 -18.02 45.50 5.39
N LYS A 177 -19.31 45.25 5.19
CA LYS A 177 -20.35 46.20 5.55
C LYS A 177 -20.04 46.88 6.89
N LEU A 178 -20.36 48.16 6.99
CA LEU A 178 -20.18 48.90 8.22
C LEU A 178 -21.12 48.35 9.30
N GLY A 179 -20.53 47.71 10.30
CA GLY A 179 -21.30 47.02 11.34
C GLY A 179 -21.02 45.54 11.29
N GLU A 180 -20.43 45.09 10.18
CA GLU A 180 -20.03 43.71 10.03
C GLU A 180 -18.70 43.49 10.74
N CYS A 181 -17.78 44.43 10.56
CA CYS A 181 -16.49 44.40 11.23
C CYS A 181 -16.44 45.49 12.31
N PRO A 182 -17.29 45.36 13.33
CA PRO A 182 -17.42 46.38 14.38
C PRO A 182 -16.13 46.59 15.15
N TRP A 183 -15.24 45.60 15.09
CA TRP A 183 -13.99 45.63 15.84
C TRP A 183 -12.83 46.24 15.04
N GLN A 184 -12.71 45.86 13.77
CA GLN A 184 -11.63 46.34 12.93
C GLN A 184 -11.17 47.73 13.35
N ALA A 185 -9.87 47.99 13.22
CA ALA A 185 -9.31 49.29 13.58
C ALA A 185 -8.40 49.83 12.48
N ALA A 186 -8.17 51.14 12.50
CA ALA A 186 -7.34 51.79 11.49
C ALA A 186 -6.33 52.74 12.11
N LEU A 187 -5.05 52.47 11.85
CA LEU A 187 -3.97 53.34 12.30
C LEU A 187 -3.80 54.50 11.33
N VAL A 188 -4.02 55.71 11.80
CA VAL A 188 -3.96 56.89 10.95
C VAL A 188 -2.71 57.73 11.19
N ASP A 189 -2.01 58.06 10.11
CA ASP A 189 -0.82 58.90 10.18
C ASP A 189 -1.08 60.23 9.47
N GLU A 190 -0.64 61.32 10.09
CA GLU A 190 -0.85 62.66 9.54
C GLU A 190 -0.47 62.72 8.06
N LYS A 191 0.70 62.18 7.72
CA LYS A 191 1.22 62.28 6.36
C LYS A 191 0.73 61.16 5.45
N GLU A 192 0.78 59.93 5.94
CA GLU A 192 0.44 58.77 5.11
C GLU A 192 -0.99 58.27 5.34
N GLY A 193 -1.69 58.87 6.29
CA GLY A 193 -3.07 58.48 6.60
C GLY A 193 -3.14 57.10 7.23
N VAL A 194 -3.97 56.24 6.67
CA VAL A 194 -4.12 54.87 7.17
C VAL A 194 -2.93 54.02 6.73
N PHE A 195 -2.03 53.73 7.68
CA PHE A 195 -0.82 52.95 7.40
C PHE A 195 -1.03 51.48 7.73
N CYS A 196 -1.62 51.22 8.89
CA CYS A 196 -1.87 49.85 9.34
C CYS A 196 -3.28 49.68 9.87
N GLY A 197 -3.67 48.44 10.08
CA GLY A 197 -4.96 48.13 10.69
C GLY A 197 -4.76 47.56 12.09
N GLY A 198 -5.86 47.41 12.82
CA GLY A 198 -5.80 46.86 14.16
C GLY A 198 -7.06 46.10 14.52
N THR A 199 -7.15 45.67 15.77
CA THR A 199 -8.32 44.96 16.26
C THR A 199 -8.63 45.37 17.69
N ILE A 200 -9.81 45.93 17.89
CA ILE A 200 -10.24 46.40 19.20
C ILE A 200 -10.46 45.24 20.16
N LEU A 201 -9.63 45.16 21.20
CA LEU A 201 -9.74 44.11 22.20
C LEU A 201 -10.62 44.57 23.37
N SER A 202 -10.43 45.82 23.78
CA SER A 202 -11.22 46.40 24.85
C SER A 202 -11.39 47.90 24.63
N PRO A 203 -12.14 48.57 25.51
CA PRO A 203 -12.36 50.02 25.39
C PRO A 203 -11.06 50.81 25.52
N ILE A 204 -10.01 50.16 26.02
CA ILE A 204 -8.75 50.86 26.26
C ILE A 204 -7.60 50.38 25.36
N TYR A 205 -7.55 49.08 25.11
CA TYR A 205 -6.43 48.50 24.35
C TYR A 205 -6.87 47.82 23.04
N VAL A 206 -6.13 48.10 21.96
CA VAL A 206 -6.40 47.49 20.67
C VAL A 206 -5.15 46.81 20.11
N LEU A 207 -5.31 45.59 19.61
CA LEU A 207 -4.18 44.80 19.13
C LEU A 207 -3.73 45.21 17.72
N THR A 208 -2.42 45.19 17.51
CA THR A 208 -1.84 45.51 16.21
C THR A 208 -0.55 44.74 15.98
N ALA A 209 0.12 45.00 14.86
CA ALA A 209 1.39 44.35 14.56
C ALA A 209 2.56 45.18 15.09
N ALA A 210 3.66 44.50 15.38
CA ALA A 210 4.84 45.17 15.90
C ALA A 210 5.48 46.07 14.85
N HIS A 211 5.58 45.57 13.63
CA HIS A 211 6.21 46.33 12.54
C HIS A 211 5.31 47.48 12.08
N CYS A 212 4.17 47.65 12.75
CA CYS A 212 3.25 48.72 12.42
C CYS A 212 3.49 49.98 13.24
N ILE A 213 4.39 49.89 14.22
CA ILE A 213 4.68 51.02 15.09
C ILE A 213 6.06 51.61 14.79
N ASN A 214 6.22 52.90 15.10
CA ASN A 214 7.47 53.62 14.82
C ASN A 214 8.00 53.42 13.41
N GLU A 215 7.10 53.48 12.43
CA GLU A 215 7.49 53.45 11.02
C GLU A 215 6.79 54.60 10.31
N THR A 216 6.07 55.41 11.09
CA THR A 216 5.32 56.53 10.56
C THR A 216 5.36 57.72 11.53
N GLU A 217 5.24 58.92 10.99
CA GLU A 217 5.41 60.14 11.77
C GLU A 217 4.49 60.23 12.99
N THR A 218 3.29 59.65 12.88
CA THR A 218 2.32 59.70 13.98
C THR A 218 1.43 58.46 14.00
N ILE A 219 0.45 58.45 14.91
CA ILE A 219 -0.46 57.32 15.04
C ILE A 219 -1.71 57.68 15.85
N SER A 220 -2.87 57.50 15.23
CA SER A 220 -4.14 57.75 15.89
C SER A 220 -5.24 56.84 15.34
N GLY A 224 -15.45 52.24 13.88
CA GLY A 224 -16.83 52.41 13.42
C GLY A 224 -16.92 53.20 12.14
N GLU A 225 -16.07 52.88 11.18
CA GLU A 225 -16.06 53.56 9.89
C GLU A 225 -15.51 52.65 8.80
N ILE A 226 -16.20 52.61 7.67
CA ILE A 226 -15.78 51.77 6.54
C ILE A 226 -15.46 52.62 5.31
N ASP A 227 -15.80 53.90 5.38
CA ASP A 227 -15.55 54.83 4.28
C ASP A 227 -14.15 55.45 4.38
N LYS A 228 -13.24 54.98 3.55
CA LYS A 228 -11.87 55.48 3.55
C LYS A 228 -11.83 57.00 3.41
N LEU A 237 -9.06 59.61 17.63
CA LEU A 237 -8.75 58.87 18.85
C LEU A 237 -7.24 58.86 19.12
N SER A 238 -6.83 59.54 20.19
CA SER A 238 -5.42 59.66 20.54
C SER A 238 -4.86 58.37 21.11
N VAL A 239 -3.62 58.05 20.74
CA VAL A 239 -2.94 56.86 21.24
C VAL A 239 -2.08 57.20 22.44
N ASP A 240 -2.45 56.66 23.60
CA ASP A 240 -1.73 56.95 24.84
C ASP A 240 -0.41 56.18 24.92
N LYS A 241 -0.49 54.89 25.27
CA LYS A 241 0.69 54.05 25.36
C LYS A 241 0.64 52.93 24.32
N ILE A 242 1.80 52.37 24.00
CA ILE A 242 1.88 51.28 23.03
C ILE A 242 2.95 50.26 23.43
N TYR A 243 2.52 49.02 23.63
CA TYR A 243 3.42 47.96 24.06
C TYR A 243 3.89 47.10 22.89
N VAL A 244 5.18 47.22 22.56
CA VAL A 244 5.78 46.39 21.52
C VAL A 244 6.49 45.20 22.17
N HIS A 245 6.11 43.99 21.76
CA HIS A 245 6.70 42.79 22.33
C HIS A 245 8.23 42.89 22.35
N LYS A 246 8.81 42.51 23.48
CA LYS A 246 10.25 42.68 23.70
C LYS A 246 11.12 41.78 22.83
N LYS A 247 10.47 40.92 22.03
CA LYS A 247 11.22 39.96 21.22
C LYS A 247 11.01 40.15 19.72
N PHE A 248 10.17 41.12 19.35
CA PHE A 248 9.92 41.39 17.94
C PHE A 248 11.21 41.61 17.17
N VAL A 249 11.29 41.01 15.98
CA VAL A 249 12.48 41.10 15.15
C VAL A 249 12.18 41.78 13.82
N PRO A 250 12.47 43.08 13.72
CA PRO A 250 12.25 43.87 12.51
C PRO A 250 13.24 43.50 11.41
N PRO A 251 12.84 43.69 10.14
CA PRO A 251 13.68 43.35 9.00
C PRO A 251 15.14 43.72 9.24
N GLN A 252 15.39 44.99 9.53
CA GLN A 252 16.75 45.46 9.78
C GLN A 252 17.44 44.61 10.85
N LYS A 253 16.76 44.43 11.98
CA LYS A 253 17.30 43.65 13.09
C LYS A 253 17.36 42.16 12.75
N ALA A 254 16.45 41.73 11.88
CA ALA A 254 16.46 40.35 11.39
C ALA A 254 17.73 40.13 10.58
N TYR A 255 18.34 41.22 10.16
CA TYR A 255 19.58 41.18 9.38
C TYR A 255 20.81 41.22 10.29
N LYS A 256 20.72 42.00 11.37
CA LYS A 256 21.86 42.22 12.26
C LYS A 256 22.30 40.95 13.01
N PHE A 257 21.38 40.02 13.20
CA PHE A 257 21.68 38.81 13.96
C PHE A 257 21.15 37.55 13.28
N ASP A 258 21.02 37.59 11.96
CA ASP A 258 20.51 36.45 11.21
C ASP A 258 19.37 35.77 11.96
N LEU A 259 18.27 36.50 12.15
CA LEU A 259 17.11 35.98 12.88
C LEU A 259 15.87 35.97 12.01
N ALA A 260 14.81 35.36 12.52
CA ALA A 260 13.53 35.30 11.81
C ALA A 260 12.92 36.68 11.67
N ALA A 261 12.63 37.08 10.44
CA ALA A 261 12.04 38.40 10.17
C ALA A 261 10.57 38.44 10.59
N TYR A 262 10.19 39.53 11.24
CA TYR A 262 8.81 39.72 11.67
C TYR A 262 8.41 38.73 12.75
N ASP A 263 9.39 37.99 13.27
CA ASP A 263 9.14 37.07 14.37
C ASP A 263 8.65 37.84 15.58
N TYR A 264 7.54 37.40 16.15
CA TYR A 264 6.91 38.11 17.26
C TYR A 264 6.33 39.43 16.77
N ASP A 265 5.76 39.42 15.56
CA ASP A 265 5.14 40.61 15.00
C ASP A 265 3.83 40.91 15.70
N ILE A 266 3.93 41.37 16.95
CA ILE A 266 2.75 41.57 17.79
C ILE A 266 2.92 42.79 18.71
N ALA A 267 1.82 43.52 18.92
CA ALA A 267 1.85 44.72 19.76
C ALA A 267 0.45 45.09 20.24
N ILE A 268 0.40 45.93 21.28
CA ILE A 268 -0.88 46.36 21.86
C ILE A 268 -0.92 47.87 22.09
N ILE A 269 -1.92 48.54 21.54
CA ILE A 269 -2.07 49.97 21.69
C ILE A 269 -3.09 50.33 22.76
N GLN A 270 -2.79 51.36 23.55
CA GLN A 270 -3.69 51.80 24.62
C GLN A 270 -4.20 53.21 24.37
N MET A 271 -5.52 53.35 24.27
CA MET A 271 -6.15 54.63 23.98
C MET A 271 -6.00 55.61 25.14
N LYS A 272 -6.12 56.90 24.84
CA LYS A 272 -6.11 57.92 25.87
C LYS A 272 -7.47 58.02 26.54
N THR A 273 -8.53 57.87 25.73
CA THR A 273 -9.89 57.91 26.24
C THR A 273 -10.64 56.63 25.88
N PRO A 274 -11.42 56.10 26.83
CA PRO A 274 -12.20 54.88 26.64
C PRO A 274 -13.11 54.98 25.41
N ILE A 275 -13.05 53.97 24.54
CA ILE A 275 -13.86 53.94 23.33
C ILE A 275 -15.29 53.48 23.65
N GLN A 276 -16.27 54.19 23.11
CA GLN A 276 -17.67 53.86 23.33
C GLN A 276 -18.17 52.84 22.29
N PHE A 277 -18.60 51.69 22.78
CA PHE A 277 -19.09 50.62 21.89
C PHE A 277 -20.38 51.02 21.18
N VAL A 282 -17.89 47.11 18.15
CA VAL A 282 -17.70 46.08 19.16
C VAL A 282 -16.33 45.42 19.03
N PRO A 283 -15.78 44.95 20.14
CA PRO A 283 -14.48 44.29 20.15
C PRO A 283 -14.58 42.81 19.80
N ALA A 284 -13.45 42.20 19.45
CA ALA A 284 -13.41 40.78 19.16
C ALA A 284 -13.09 39.98 20.43
N CYS A 285 -13.59 38.75 20.48
CA CYS A 285 -13.38 37.91 21.67
C CYS A 285 -11.99 37.27 21.67
N LEU A 286 -11.32 37.31 22.82
CA LEU A 286 -10.02 36.68 22.97
C LEU A 286 -10.17 35.24 23.41
N PRO A 287 -9.58 34.30 22.65
CA PRO A 287 -9.66 32.88 22.92
C PRO A 287 -8.50 32.37 23.77
N THR A 288 -8.62 31.13 24.24
CA THR A 288 -7.55 30.51 25.03
C THR A 288 -6.65 29.68 24.12
N ALA A 289 -5.37 29.61 24.47
CA ALA A 289 -4.40 28.86 23.67
C ALA A 289 -4.97 27.53 23.20
N ASP A 290 -5.45 26.72 24.13
CA ASP A 290 -6.02 25.42 23.80
C ASP A 290 -7.19 25.55 22.83
N PHE A 291 -8.23 26.28 23.24
CA PHE A 291 -9.40 26.49 22.40
C PHE A 291 -9.01 26.92 20.99
N ALA A 292 -8.07 27.86 20.90
CA ALA A 292 -7.61 28.37 19.61
C ALA A 292 -6.84 27.31 18.82
N ASN A 293 -6.07 26.49 19.54
CA ASN A 293 -5.23 25.48 18.89
C ASN A 293 -6.01 24.27 18.40
N GLN A 294 -6.94 23.78 19.21
CA GLN A 294 -7.66 22.55 18.90
C GLN A 294 -9.09 22.73 18.41
N VAL A 295 -9.60 23.97 18.46
CA VAL A 295 -10.97 24.21 18.03
C VAL A 295 -11.08 25.31 16.98
N LEU A 296 -10.50 26.47 17.26
CA LEU A 296 -10.60 27.62 16.35
C LEU A 296 -9.73 27.44 15.10
N MET A 297 -8.42 27.32 15.28
CA MET A 297 -7.50 27.17 14.16
C MET A 297 -7.71 25.84 13.44
N LYS A 298 -8.63 25.03 13.95
CA LYS A 298 -8.96 23.76 13.32
C LYS A 298 -10.20 23.89 12.43
N GLN A 299 -10.41 25.09 11.91
CA GLN A 299 -11.55 25.36 11.03
C GLN A 299 -11.17 25.23 9.56
N ASP A 300 -12.15 25.40 8.67
CA ASP A 300 -11.92 25.33 7.24
C ASP A 300 -11.30 26.63 6.72
N PHE A 301 -11.90 27.75 7.09
CA PHE A 301 -11.40 29.05 6.68
C PHE A 301 -11.52 30.08 7.79
N GLY A 302 -10.82 31.19 7.65
CA GLY A 302 -10.88 32.28 8.62
C GLY A 302 -11.16 33.62 7.96
N ILE A 303 -11.56 34.61 8.74
CA ILE A 303 -11.88 35.93 8.21
C ILE A 303 -10.72 36.90 8.36
N VAL A 304 -10.38 37.59 7.27
CA VAL A 304 -9.26 38.52 7.28
C VAL A 304 -9.69 39.88 6.72
N SER A 305 -10.47 40.63 7.49
CA SER A 305 -10.98 41.92 7.03
C SER A 305 -9.83 42.86 6.66
N GLY A 306 -9.11 42.51 5.60
CA GLY A 306 -8.00 43.32 5.12
C GLY A 306 -8.42 44.37 4.11
N PHE A 307 -8.24 45.63 4.47
CA PHE A 307 -8.61 46.74 3.61
C PHE A 307 -7.86 46.69 2.28
N LYS A 316 -5.06 49.43 -2.52
CA LYS A 316 -5.67 50.26 -1.49
C LYS A 316 -7.05 50.75 -1.92
N SER A 317 -8.09 50.07 -1.46
CA SER A 317 -9.46 50.43 -1.79
C SER A 317 -9.92 51.64 -0.99
N LYS A 318 -10.97 52.30 -1.47
CA LYS A 318 -11.55 53.44 -0.76
C LYS A 318 -12.52 52.97 0.32
N THR A 319 -12.90 51.69 0.24
CA THR A 319 -13.81 51.10 1.21
C THR A 319 -13.21 49.85 1.84
N LEU A 320 -13.74 49.45 2.99
CA LEU A 320 -13.23 48.29 3.71
C LEU A 320 -13.42 46.99 2.92
N LYS A 321 -12.48 46.06 3.10
CA LYS A 321 -12.53 44.76 2.42
C LYS A 321 -12.66 43.62 3.42
N VAL A 322 -13.03 42.45 2.91
CA VAL A 322 -13.10 41.22 3.71
C VAL A 322 -12.84 40.01 2.82
N LEU A 323 -12.47 38.90 3.43
CA LEU A 323 -12.21 37.66 2.69
C LEU A 323 -11.98 36.48 3.63
N LYS A 324 -12.25 35.28 3.14
CA LYS A 324 -12.03 34.06 3.92
C LYS A 324 -10.79 33.33 3.42
N VAL A 325 -9.87 33.04 4.35
CA VAL A 325 -8.63 32.36 4.02
C VAL A 325 -8.52 31.02 4.73
N PRO A 326 -8.29 29.94 3.97
CA PRO A 326 -8.23 28.58 4.49
C PRO A 326 -6.95 28.34 5.29
N TYR A 327 -7.06 27.58 6.38
CA TYR A 327 -5.90 27.27 7.21
C TYR A 327 -4.99 26.24 6.53
N VAL A 328 -3.78 26.69 6.19
CA VAL A 328 -2.81 25.84 5.50
C VAL A 328 -1.96 25.06 6.50
N ASP A 329 -1.47 23.90 6.08
CA ASP A 329 -0.60 23.08 6.93
C ASP A 329 0.64 23.87 7.34
N ARG A 330 1.32 23.39 8.37
CA ARG A 330 2.54 24.04 8.83
C ARG A 330 3.72 23.70 7.92
N HIS A 331 3.76 22.45 7.47
CA HIS A 331 4.80 22.02 6.55
C HIS A 331 4.58 22.64 5.18
N THR A 332 3.33 22.58 4.71
CA THR A 332 2.93 23.21 3.47
C THR A 332 3.42 24.66 3.47
N CYS A 333 3.16 25.35 4.58
CA CYS A 333 3.54 26.74 4.72
C CYS A 333 5.06 26.90 4.70
N MET A 334 5.75 26.07 5.48
CA MET A 334 7.20 26.18 5.64
C MET A 334 7.95 25.81 4.36
N VAL A 335 7.33 25.00 3.51
CA VAL A 335 7.96 24.60 2.25
C VAL A 335 7.44 25.42 1.08
N SER A 336 6.55 26.37 1.37
CA SER A 336 5.92 27.17 0.33
C SER A 336 6.53 28.57 0.21
N SER A 337 7.33 28.95 1.20
CA SER A 337 7.96 30.27 1.20
C SER A 337 9.47 30.17 1.43
N GLU A 338 10.22 31.05 0.78
CA GLU A 338 11.65 31.12 0.98
C GLU A 338 11.95 31.71 2.36
N THR A 339 11.01 32.49 2.87
CA THR A 339 11.12 33.06 4.20
C THR A 339 10.81 32.02 5.25
N PRO A 340 11.75 31.80 6.18
CA PRO A 340 11.50 30.83 7.25
C PRO A 340 10.47 31.36 8.23
N ILE A 341 9.36 30.63 8.37
CA ILE A 341 8.33 31.03 9.33
C ILE A 341 8.53 30.33 10.67
N THR A 342 8.50 31.12 11.73
CA THR A 342 8.72 30.60 13.07
C THR A 342 7.44 29.99 13.63
N PRO A 343 7.57 29.23 14.73
CA PRO A 343 6.44 28.59 15.41
C PRO A 343 5.49 29.61 16.03
N ASN A 344 5.80 30.89 15.86
CA ASN A 344 4.92 31.96 16.30
C ASN A 344 3.91 32.32 15.22
N MET A 345 4.30 32.14 13.97
CA MET A 345 3.49 32.54 12.83
C MET A 345 2.56 31.43 12.35
N PHE A 346 1.83 31.73 11.29
CA PHE A 346 0.97 30.76 10.60
C PHE A 346 0.38 31.46 9.38
N CYS A 347 0.08 30.70 8.34
CA CYS A 347 -0.38 31.31 7.09
C CYS A 347 -1.70 30.74 6.59
N ALA A 348 -2.35 31.48 5.70
CA ALA A 348 -3.62 31.07 5.11
C ALA A 348 -3.76 31.60 3.70
N ASP A 361 -2.74 46.39 4.72
CA ASP A 361 -3.66 45.57 5.51
C ASP A 361 -3.01 45.13 6.83
N SER A 362 -1.71 44.87 6.79
CA SER A 362 -0.96 44.42 7.95
C SER A 362 -1.41 45.15 9.22
N GLY A 363 -1.69 44.38 10.27
CA GLY A 363 -2.18 44.93 11.52
C GLY A 363 -3.65 44.57 11.72
N GLY A 364 -4.32 44.25 10.63
CA GLY A 364 -5.73 43.87 10.66
C GLY A 364 -5.97 42.60 11.46
N PRO A 365 -7.25 42.28 11.72
CA PRO A 365 -7.63 41.13 12.50
C PRO A 365 -7.88 39.88 11.67
N HIS A 366 -7.39 38.74 12.16
CA HIS A 366 -7.63 37.44 11.54
C HIS A 366 -8.41 36.58 12.53
N THR A 367 -9.73 36.55 12.34
CA THR A 367 -10.60 35.87 13.30
C THR A 367 -11.16 34.54 12.79
N THR A 368 -11.32 33.60 13.71
CA THR A 368 -11.96 32.33 13.42
C THR A 368 -13.34 32.32 14.06
N VAL A 369 -14.36 32.01 13.26
CA VAL A 369 -15.74 32.05 13.73
C VAL A 369 -16.15 30.75 14.43
N TYR A 370 -17.09 30.86 15.36
CA TYR A 370 -17.60 29.71 16.09
C TYR A 370 -18.95 30.05 16.72
N ARG A 371 -19.88 29.12 16.64
CA ARG A 371 -21.23 29.34 17.18
C ARG A 371 -21.64 30.81 17.01
N ASP A 372 -21.69 31.26 15.77
CA ASP A 372 -22.06 32.64 15.45
C ASP A 372 -21.32 33.64 16.35
N THR A 373 -20.11 33.30 16.73
CA THR A 373 -19.27 34.18 17.55
C THR A 373 -17.92 34.41 16.88
N HIS A 374 -17.19 35.41 17.33
CA HIS A 374 -15.92 35.78 16.71
C HIS A 374 -14.76 35.73 17.69
N PHE A 375 -13.74 34.94 17.34
CA PHE A 375 -12.56 34.80 18.17
C PHE A 375 -11.29 35.22 17.43
N ILE A 376 -10.55 36.17 18.00
CA ILE A 376 -9.29 36.61 17.41
C ILE A 376 -8.26 35.49 17.44
N THR A 377 -7.82 35.06 16.27
CA THR A 377 -6.89 33.95 16.15
C THR A 377 -5.49 34.40 15.77
N GLY A 378 -5.41 35.40 14.91
CA GLY A 378 -4.12 35.92 14.46
C GLY A 378 -4.22 37.38 14.05
N ILE A 379 -3.15 37.89 13.45
CA ILE A 379 -3.14 39.27 12.96
C ILE A 379 -2.16 39.43 11.79
N VAL A 380 -2.61 40.16 10.78
CA VAL A 380 -1.83 40.32 9.54
C VAL A 380 -0.34 40.49 9.81
N SER A 381 0.48 39.78 9.05
CA SER A 381 1.92 39.92 9.14
C SER A 381 2.46 40.57 7.87
N SER A 382 3.07 39.77 7.00
CA SER A 382 3.63 40.26 5.75
C SER A 382 3.48 39.24 4.62
N GLY A 383 3.62 39.69 3.38
CA GLY A 383 3.51 38.82 2.22
C GLY A 383 2.37 39.22 1.29
N LYS A 391 2.26 31.12 -2.98
CA LYS A 391 2.53 31.89 -1.77
C LYS A 391 1.24 32.14 -0.97
N TYR A 392 1.35 32.03 0.36
CA TYR A 392 0.22 32.28 1.25
C TYR A 392 0.51 33.48 2.13
N GLY A 393 -0.53 33.99 2.78
CA GLY A 393 -0.38 35.12 3.69
C GLY A 393 0.06 34.65 5.07
N ASN A 394 0.93 35.42 5.71
CA ASN A 394 1.45 35.08 7.03
C ASN A 394 0.74 35.84 8.16
N TYR A 395 0.46 35.14 9.25
CA TYR A 395 -0.21 35.75 10.39
C TYR A 395 0.54 35.43 11.68
N THR A 396 0.36 36.27 12.69
CA THR A 396 0.97 36.04 14.00
C THR A 396 0.11 35.09 14.82
N LYS A 397 0.60 33.87 15.03
CA LYS A 397 -0.13 32.86 15.76
C LYS A 397 -0.47 33.33 17.18
N LEU A 398 -1.61 34.00 17.32
CA LEU A 398 -2.02 34.58 18.58
C LEU A 398 -2.15 33.53 19.69
N SER A 399 -2.09 32.26 19.30
CA SER A 399 -2.16 31.17 20.27
C SER A 399 -1.00 31.26 21.27
N LYS A 400 0.17 31.67 20.77
CA LYS A 400 1.38 31.71 21.58
C LYS A 400 1.48 32.97 22.43
N PHE A 401 0.66 33.97 22.13
CA PHE A 401 0.72 35.24 22.83
C PHE A 401 -0.59 35.59 23.52
N ILE A 402 -1.24 34.58 24.10
CA ILE A 402 -2.48 34.80 24.83
C ILE A 402 -2.17 35.29 26.25
N PRO A 403 -1.22 34.64 26.92
CA PRO A 403 -0.81 35.04 28.27
C PRO A 403 -0.11 36.39 28.26
N TRP A 404 0.61 36.69 27.18
CA TRP A 404 1.29 37.97 27.04
C TRP A 404 0.29 39.12 26.94
N ILE A 405 -0.85 38.85 26.31
CA ILE A 405 -1.91 39.84 26.15
C ILE A 405 -2.67 40.02 27.46
N LYS A 406 -2.96 38.91 28.14
CA LYS A 406 -3.63 38.96 29.43
C LYS A 406 -2.77 39.72 30.44
N ARG A 407 -1.46 39.63 30.27
CA ARG A 407 -0.52 40.33 31.13
C ARG A 407 -0.79 41.82 31.07
N ILE A 408 -0.86 42.34 29.85
CA ILE A 408 -1.03 43.78 29.61
C ILE A 408 -2.46 44.23 29.94
N MET A 409 -3.43 43.36 29.68
CA MET A 409 -4.81 43.66 30.02
C MET A 409 -4.96 43.75 31.52
N ARG A 410 -4.61 42.65 32.20
CA ARG A 410 -4.60 42.61 33.66
C ARG A 410 -3.76 43.76 34.21
N GLN A 411 -3.57 44.78 33.39
CA GLN A 411 -2.69 45.91 33.71
C GLN A 411 -3.07 46.61 35.00
N LYS A 412 -4.12 47.43 34.95
CA LYS A 412 -4.55 48.22 36.09
C LYS A 412 -3.64 49.42 36.32
N ALA B 1 5.40 -0.84 -33.95
CA ALA B 1 5.05 -2.29 -33.76
C ALA B 1 6.12 -3.20 -34.34
N GLN B 2 5.98 -4.50 -34.08
CA GLN B 2 6.93 -5.49 -34.59
C GLN B 2 6.66 -6.88 -34.04
N LEU B 3 7.22 -7.89 -34.69
CA LEU B 3 7.08 -9.27 -34.26
C LEU B 3 8.43 -9.82 -33.83
N ARG B 4 8.66 -9.86 -32.52
CA ARG B 4 9.93 -10.35 -31.98
C ARG B 4 9.88 -11.85 -31.75
N GLU B 5 10.88 -12.55 -32.26
CA GLU B 5 10.92 -14.00 -32.17
C GLU B 5 12.23 -14.51 -31.56
N TYR B 6 12.13 -15.09 -30.38
CA TYR B 6 13.29 -15.68 -29.71
C TYR B 6 13.21 -17.19 -29.76
N HIS B 7 14.37 -17.84 -29.88
CA HIS B 7 14.45 -19.29 -29.79
C HIS B 7 15.09 -19.68 -28.46
N ILE B 8 14.25 -20.01 -27.48
CA ILE B 8 14.73 -20.37 -26.15
C ILE B 8 14.53 -21.86 -25.87
N ALA B 9 15.25 -22.36 -24.87
CA ALA B 9 15.17 -23.76 -24.51
C ALA B 9 15.85 -24.03 -23.18
N ALA B 10 15.33 -25.00 -22.43
CA ALA B 10 15.96 -25.44 -21.20
C ALA B 10 17.01 -26.49 -21.55
N GLN B 11 17.87 -26.80 -20.59
CA GLN B 11 18.96 -27.74 -20.82
C GLN B 11 19.92 -27.68 -19.64
N LEU B 12 20.50 -28.82 -19.30
CA LEU B 12 21.43 -28.88 -18.18
C LEU B 12 22.77 -28.25 -18.55
N GLU B 13 23.57 -27.95 -17.52
CA GLU B 13 24.88 -27.38 -17.71
C GLU B 13 25.71 -27.47 -16.44
N ASP B 14 27.01 -27.69 -16.60
CA ASP B 14 27.92 -27.81 -15.47
C ASP B 14 28.35 -26.43 -14.97
N TRP B 15 27.51 -25.80 -14.15
CA TRP B 15 27.79 -24.47 -13.65
C TRP B 15 28.78 -24.50 -12.49
N ASP B 16 29.69 -23.53 -12.48
CA ASP B 16 30.65 -23.38 -11.40
C ASP B 16 30.62 -21.93 -10.89
N TYR B 17 30.19 -21.76 -9.65
CA TYR B 17 30.05 -20.43 -9.07
C TYR B 17 31.39 -19.70 -9.01
N ASN B 18 32.42 -20.33 -9.54
CA ASN B 18 33.75 -19.71 -9.58
C ASN B 18 34.53 -20.19 -10.81
N PRO B 19 34.83 -19.27 -11.73
CA PRO B 19 35.47 -19.56 -13.00
C PRO B 19 36.97 -19.27 -12.99
N GLN B 20 37.38 -18.32 -12.15
CA GLN B 20 38.78 -17.93 -12.08
C GLN B 20 39.56 -18.39 -13.31
N LEU B 32 35.04 -28.27 -8.24
CA LEU B 32 33.67 -28.79 -8.15
C LEU B 32 32.68 -27.87 -8.84
N THR B 33 31.85 -28.45 -9.69
CA THR B 33 30.80 -27.73 -10.38
C THR B 33 29.46 -28.43 -10.17
N PHE B 34 28.37 -27.74 -10.46
CA PHE B 34 27.04 -28.30 -10.27
C PHE B 34 26.22 -28.30 -11.54
N LYS B 35 25.55 -29.42 -11.81
CA LYS B 35 24.72 -29.55 -13.00
C LYS B 35 23.36 -28.88 -12.78
N LYS B 36 23.05 -27.91 -13.64
CA LYS B 36 21.82 -27.15 -13.50
C LYS B 36 20.98 -27.13 -14.77
N ILE B 37 19.68 -26.87 -14.60
CA ILE B 37 18.77 -26.72 -15.72
C ILE B 37 18.50 -25.22 -15.91
N VAL B 38 19.02 -24.67 -17.00
CA VAL B 38 18.88 -23.24 -17.24
C VAL B 38 18.36 -22.93 -18.64
N TYR B 39 17.91 -21.71 -18.85
CA TYR B 39 17.47 -21.27 -20.16
C TYR B 39 18.67 -20.97 -21.04
N ARG B 40 18.44 -20.83 -22.34
CA ARG B 40 19.49 -20.42 -23.26
C ARG B 40 18.97 -20.28 -24.69
N GLU B 41 19.27 -19.14 -25.29
CA GLU B 41 18.77 -18.79 -26.61
C GLU B 41 19.50 -19.52 -27.74
N TYR B 42 18.92 -20.61 -28.21
CA TYR B 42 19.41 -21.28 -29.40
C TYR B 42 18.99 -20.47 -30.63
N GLU B 43 19.87 -20.37 -31.61
CA GLU B 43 19.57 -19.61 -32.81
C GLU B 43 18.35 -20.18 -33.51
N LEU B 44 18.06 -19.69 -34.72
CA LEU B 44 16.89 -20.15 -35.47
C LEU B 44 16.99 -21.63 -35.80
N ASP B 45 15.86 -22.32 -35.69
CA ASP B 45 15.81 -23.75 -35.96
C ASP B 45 16.68 -24.54 -34.99
N PHE B 46 17.13 -23.87 -33.93
CA PHE B 46 17.98 -24.50 -32.92
C PHE B 46 19.28 -25.01 -33.54
N LYS B 47 19.85 -24.20 -34.43
CA LYS B 47 21.04 -24.63 -35.18
C LYS B 47 22.35 -24.48 -34.42
N GLN B 48 22.63 -23.27 -33.93
CA GLN B 48 23.95 -23.00 -33.36
C GLN B 48 23.92 -22.28 -32.01
N GLU B 49 22.81 -22.36 -31.30
CA GLU B 49 22.67 -21.56 -30.09
C GLU B 49 22.86 -20.09 -30.46
N LYS B 50 23.64 -19.39 -29.66
CA LYS B 50 23.93 -17.98 -29.91
C LYS B 50 24.98 -17.48 -28.93
N PRO B 51 25.57 -16.31 -29.21
CA PRO B 51 26.63 -15.73 -28.40
C PRO B 51 26.33 -15.71 -26.91
N ARG B 52 25.25 -15.05 -26.51
CA ARG B 52 24.92 -14.89 -25.09
C ARG B 52 26.12 -14.33 -24.32
N ASP B 53 25.95 -13.15 -23.74
CA ASP B 53 27.02 -12.49 -23.01
C ASP B 53 27.57 -13.37 -21.88
N ALA B 54 28.78 -13.07 -21.44
CA ALA B 54 29.42 -13.81 -20.37
C ALA B 54 28.97 -13.27 -19.01
N LEU B 55 28.16 -12.21 -19.05
CA LEU B 55 27.69 -11.57 -17.83
C LEU B 55 26.35 -12.13 -17.36
N SER B 56 25.59 -12.68 -18.30
CA SER B 56 24.27 -13.23 -17.99
C SER B 56 24.36 -14.45 -17.06
N GLY B 57 25.53 -15.06 -17.02
CA GLY B 57 25.75 -16.23 -16.17
C GLY B 57 24.68 -17.29 -16.30
N LEU B 58 24.04 -17.62 -15.19
CA LEU B 58 22.95 -18.58 -15.20
C LEU B 58 21.69 -17.96 -15.82
N LEU B 59 21.48 -16.68 -15.54
CA LEU B 59 20.31 -15.97 -16.03
C LEU B 59 20.05 -16.25 -17.52
N GLY B 60 18.85 -16.72 -17.82
CA GLY B 60 18.45 -16.95 -19.21
C GLY B 60 18.67 -15.71 -20.05
N PRO B 61 18.17 -15.72 -21.29
CA PRO B 61 18.34 -14.61 -22.23
C PRO B 61 17.31 -13.51 -22.01
N THR B 62 17.79 -12.27 -21.89
CA THR B 62 16.93 -11.13 -21.60
C THR B 62 16.00 -10.79 -22.75
N LEU B 63 14.71 -10.74 -22.46
CA LEU B 63 13.70 -10.44 -23.48
C LEU B 63 13.32 -8.97 -23.48
N ARG B 64 12.88 -8.48 -24.63
CA ARG B 64 12.45 -7.08 -24.77
C ARG B 64 11.14 -7.00 -25.54
N GLY B 65 10.79 -5.80 -25.98
CA GLY B 65 9.57 -5.59 -26.76
C GLY B 65 8.78 -4.38 -26.32
N GLU B 66 8.79 -3.34 -27.14
CA GLU B 66 8.08 -2.11 -26.85
C GLU B 66 6.60 -2.38 -26.54
N VAL B 67 5.76 -1.39 -26.85
CA VAL B 67 4.33 -1.52 -26.70
C VAL B 67 3.69 -1.72 -28.07
N GLY B 68 2.76 -2.66 -28.16
CA GLY B 68 2.10 -2.95 -29.43
C GLY B 68 2.84 -4.03 -30.21
N ASP B 69 4.06 -4.34 -29.79
CA ASP B 69 4.83 -5.41 -30.40
C ASP B 69 4.17 -6.75 -30.15
N SER B 70 4.91 -7.83 -30.41
CA SER B 70 4.42 -9.17 -30.15
C SER B 70 5.60 -10.13 -30.08
N LEU B 71 5.68 -10.91 -29.01
CA LEU B 71 6.80 -11.81 -28.82
C LEU B 71 6.41 -13.27 -28.95
N ILE B 72 7.17 -14.01 -29.75
CA ILE B 72 7.03 -15.45 -29.83
C ILE B 72 8.24 -16.11 -29.18
N ILE B 73 8.00 -17.19 -28.44
CA ILE B 73 9.09 -17.90 -27.79
C ILE B 73 9.03 -19.39 -28.11
N TYR B 74 9.94 -19.84 -28.96
CA TYR B 74 10.02 -21.25 -29.33
C TYR B 74 10.79 -22.00 -28.25
N PHE B 75 10.04 -22.55 -27.29
CA PHE B 75 10.63 -23.23 -26.15
C PHE B 75 10.76 -24.72 -26.42
N LYS B 76 11.99 -25.23 -26.30
CA LYS B 76 12.25 -26.66 -26.42
C LYS B 76 12.91 -27.18 -25.14
N ASN B 77 12.22 -28.09 -24.45
CA ASN B 77 12.68 -28.56 -23.16
C ASN B 77 13.69 -29.70 -23.23
N PHE B 78 14.97 -29.36 -23.19
CA PHE B 78 16.04 -30.36 -23.17
C PHE B 78 16.44 -30.69 -21.74
N ALA B 79 15.47 -30.75 -20.85
CA ALA B 79 15.74 -31.00 -19.44
C ALA B 79 15.29 -32.38 -18.99
N THR B 80 15.66 -32.75 -17.77
CA THR B 80 15.23 -34.02 -17.20
C THR B 80 13.82 -33.90 -16.66
N GLN B 81 13.38 -32.66 -16.46
CA GLN B 81 12.06 -32.38 -15.91
C GLN B 81 11.24 -31.50 -16.84
N PRO B 82 9.92 -31.43 -16.60
CA PRO B 82 9.03 -30.58 -17.38
C PRO B 82 9.15 -29.13 -16.92
N VAL B 83 9.67 -28.27 -17.80
CA VAL B 83 9.85 -26.87 -17.46
C VAL B 83 8.73 -26.00 -18.02
N SER B 84 8.91 -24.69 -17.92
CA SER B 84 7.93 -23.73 -18.45
C SER B 84 8.50 -22.32 -18.51
N ILE B 85 7.79 -21.44 -19.18
CA ILE B 85 8.16 -20.02 -19.23
C ILE B 85 7.02 -19.16 -18.70
N HIS B 86 7.37 -18.15 -17.91
CA HIS B 86 6.36 -17.40 -17.17
C HIS B 86 6.78 -15.99 -16.85
N PRO B 87 5.97 -15.00 -17.28
CA PRO B 87 6.24 -13.59 -17.15
C PRO B 87 5.48 -12.98 -15.98
N GLN B 88 6.11 -12.05 -15.28
CA GLN B 88 5.45 -11.35 -14.19
C GLN B 88 4.49 -10.29 -14.74
N SER B 89 4.66 -9.96 -16.02
CA SER B 89 3.84 -8.96 -16.69
C SER B 89 2.67 -9.61 -17.44
N ALA B 90 1.48 -9.03 -17.30
CA ALA B 90 0.27 -9.57 -17.89
C ALA B 90 0.23 -9.37 -19.41
N VAL B 91 1.22 -9.93 -20.10
CA VAL B 91 1.30 -9.84 -21.55
C VAL B 91 0.97 -11.20 -22.18
N TYR B 92 0.06 -11.93 -21.54
CA TYR B 92 -0.22 -13.29 -21.96
C TYR B 92 -1.68 -13.69 -21.77
N ASN B 93 -2.03 -14.85 -22.33
CA ASN B 93 -3.32 -15.49 -22.10
C ASN B 93 -3.10 -16.86 -21.48
N LYS B 94 -4.18 -17.60 -21.26
CA LYS B 94 -4.09 -18.87 -20.56
C LYS B 94 -3.46 -20.02 -21.36
N TRP B 95 -3.13 -19.75 -22.62
CA TRP B 95 -2.39 -20.71 -23.43
C TRP B 95 -0.94 -20.26 -23.54
N SER B 96 -0.61 -19.21 -22.79
CA SER B 96 0.75 -18.70 -22.71
C SER B 96 1.12 -18.43 -21.26
N GLU B 97 0.15 -18.62 -20.37
CA GLU B 97 0.33 -18.35 -18.95
C GLU B 97 1.55 -19.07 -18.40
N GLY B 98 1.74 -20.31 -18.80
CA GLY B 98 2.89 -21.10 -18.35
C GLY B 98 2.77 -21.52 -16.89
N SER B 99 1.55 -21.47 -16.37
CA SER B 99 1.27 -21.85 -14.99
C SER B 99 0.12 -22.83 -14.92
N SER B 100 0.16 -23.74 -13.95
CA SER B 100 -0.84 -24.80 -13.86
C SER B 100 -1.65 -24.74 -12.56
N TYR B 101 -2.92 -24.40 -12.69
CA TYR B 101 -3.86 -24.43 -11.57
C TYR B 101 -5.25 -24.81 -12.03
N SER B 102 -6.24 -24.66 -11.16
CA SER B 102 -7.62 -24.99 -11.50
C SER B 102 -8.29 -23.84 -12.23
N ASP B 103 -8.17 -23.84 -13.55
CA ASP B 103 -8.69 -22.74 -14.36
C ASP B 103 -9.78 -23.22 -15.32
N GLY B 104 -10.13 -24.49 -15.24
CA GLY B 104 -11.18 -25.07 -16.06
C GLY B 104 -11.07 -24.69 -17.53
N THR B 105 -9.89 -24.90 -18.11
CA THR B 105 -9.67 -24.58 -19.52
C THR B 105 -9.37 -25.84 -20.33
N SER B 106 -9.35 -25.68 -21.64
CA SER B 106 -9.15 -26.79 -22.58
C SER B 106 -7.71 -27.29 -22.61
N ASP B 107 -7.55 -28.58 -22.87
CA ASP B 107 -6.22 -29.18 -22.97
C ASP B 107 -5.35 -28.41 -23.95
N VAL B 108 -5.98 -27.48 -24.67
CA VAL B 108 -5.27 -26.60 -25.60
C VAL B 108 -4.69 -25.41 -24.85
N GLU B 109 -5.27 -25.12 -23.70
CA GLU B 109 -4.84 -23.99 -22.88
C GLU B 109 -4.03 -24.46 -21.67
N ARG B 110 -3.75 -25.76 -21.62
CA ARG B 110 -2.91 -26.31 -20.58
C ARG B 110 -1.66 -26.92 -21.20
N LEU B 111 -1.51 -26.75 -22.50
CA LEU B 111 -0.34 -27.23 -23.23
C LEU B 111 0.90 -26.43 -22.81
N ASP B 112 0.66 -25.22 -22.34
CA ASP B 112 1.74 -24.33 -21.90
C ASP B 112 2.08 -24.57 -20.44
N ASP B 113 1.06 -24.88 -19.64
CA ASP B 113 1.23 -25.11 -18.21
C ASP B 113 2.52 -25.86 -17.90
N ALA B 114 2.81 -26.88 -18.69
CA ALA B 114 4.04 -27.67 -18.50
C ALA B 114 4.50 -28.27 -19.82
N VAL B 115 5.81 -28.43 -19.96
CA VAL B 115 6.38 -29.01 -21.17
C VAL B 115 7.42 -30.08 -20.84
N PRO B 116 7.04 -31.36 -21.00
CA PRO B 116 7.90 -32.50 -20.71
C PRO B 116 9.15 -32.52 -21.57
N PRO B 117 10.15 -33.31 -21.16
CA PRO B 117 11.42 -33.44 -21.88
C PRO B 117 11.22 -33.76 -23.37
N GLY B 118 11.88 -33.00 -24.23
CA GLY B 118 11.80 -33.21 -25.67
C GLY B 118 10.68 -32.43 -26.31
N GLN B 119 9.64 -32.13 -25.52
CA GLN B 119 8.48 -31.39 -26.02
C GLN B 119 8.81 -29.92 -26.22
N SER B 120 8.06 -29.28 -27.11
CA SER B 120 8.26 -27.86 -27.41
C SER B 120 6.97 -27.08 -27.25
N PHE B 121 7.00 -25.79 -27.54
CA PHE B 121 5.81 -24.95 -27.46
C PHE B 121 6.04 -23.55 -28.02
N LYS B 122 4.99 -22.96 -28.58
CA LYS B 122 5.08 -21.60 -29.10
C LYS B 122 4.38 -20.63 -28.15
N TYR B 123 5.18 -19.81 -27.47
CA TYR B 123 4.64 -18.83 -26.55
C TYR B 123 4.38 -17.50 -27.25
N VAL B 124 3.10 -17.19 -27.48
CA VAL B 124 2.73 -15.94 -28.14
C VAL B 124 2.23 -14.92 -27.13
N TRP B 125 3.02 -13.87 -26.91
CA TRP B 125 2.63 -12.81 -25.99
C TRP B 125 2.31 -11.51 -26.72
N ASN B 126 1.26 -10.83 -26.27
CA ASN B 126 0.84 -9.56 -26.82
C ASN B 126 1.09 -8.44 -25.82
N ILE B 127 2.23 -7.78 -25.93
CA ILE B 127 2.59 -6.68 -25.04
C ILE B 127 1.63 -5.50 -25.20
N THR B 128 0.56 -5.52 -24.41
CA THR B 128 -0.49 -4.51 -24.52
C THR B 128 -0.01 -3.12 -24.12
N ALA B 129 -0.86 -2.13 -24.35
CA ALA B 129 -0.59 -0.76 -23.93
C ALA B 129 -1.07 -0.57 -22.50
N GLU B 130 -1.93 -1.48 -22.06
CA GLU B 130 -2.45 -1.43 -20.69
C GLU B 130 -1.37 -1.82 -19.68
N ILE B 131 -0.40 -2.61 -20.12
CA ILE B 131 0.66 -3.11 -19.24
C ILE B 131 1.98 -2.38 -19.47
N GLY B 132 1.97 -1.39 -20.36
CA GLY B 132 3.17 -0.61 -20.67
C GLY B 132 3.49 0.43 -19.60
N PRO B 133 4.78 0.82 -19.50
CA PRO B 133 5.33 1.73 -18.49
C PRO B 133 4.56 3.05 -18.35
N LYS B 134 4.32 3.71 -19.48
CA LYS B 134 3.52 4.94 -19.50
C LYS B 134 4.15 6.14 -18.77
N LYS B 135 3.30 6.86 -18.04
CA LYS B 135 3.58 8.23 -17.61
C LYS B 135 4.85 8.45 -16.78
N ALA B 136 4.83 8.00 -15.53
CA ALA B 136 5.92 8.32 -14.59
C ALA B 136 7.03 7.27 -14.59
N ASP B 137 6.81 6.18 -15.30
CA ASP B 137 7.81 5.11 -15.37
C ASP B 137 8.86 5.39 -16.43
N PRO B 138 10.05 4.81 -16.27
CA PRO B 138 11.14 4.99 -17.21
C PRO B 138 10.77 4.45 -18.59
N PRO B 139 11.74 4.41 -19.51
CA PRO B 139 11.51 3.88 -20.84
C PRO B 139 11.13 2.40 -20.79
N CYS B 140 11.88 1.62 -20.01
CA CYS B 140 11.66 0.18 -19.92
C CYS B 140 11.60 -0.32 -18.48
N LEU B 141 10.53 -1.01 -18.13
CA LEU B 141 10.39 -1.58 -16.80
C LEU B 141 11.03 -2.96 -16.75
N THR B 142 11.42 -3.38 -15.55
CA THR B 142 12.08 -4.67 -15.38
C THR B 142 11.14 -5.73 -14.82
N TYR B 143 11.24 -6.95 -15.36
CA TYR B 143 10.41 -8.06 -14.89
C TYR B 143 11.15 -9.39 -15.02
N ALA B 144 10.72 -10.38 -14.26
CA ALA B 144 11.37 -11.69 -14.27
C ALA B 144 10.47 -12.77 -14.87
N TYR B 145 11.09 -13.80 -15.45
CA TYR B 145 10.35 -14.96 -15.96
C TYR B 145 11.10 -16.22 -15.57
N TYR B 146 10.43 -17.36 -15.62
CA TYR B 146 10.96 -18.54 -14.93
C TYR B 146 9.97 -19.69 -14.78
N SER B 147 10.50 -20.91 -14.65
CA SER B 147 9.69 -22.12 -14.62
C SER B 147 8.67 -22.21 -13.48
N HIS B 148 7.42 -21.86 -13.79
CA HIS B 148 6.36 -21.86 -12.79
C HIS B 148 6.07 -23.25 -12.24
N VAL B 149 6.47 -24.29 -12.97
CA VAL B 149 6.12 -25.67 -12.63
C VAL B 149 6.34 -26.02 -11.15
N ASN B 150 7.55 -25.75 -10.65
CA ASN B 150 7.86 -25.95 -9.24
C ASN B 150 8.77 -24.83 -8.73
N MET B 151 8.62 -23.67 -9.35
CA MET B 151 9.42 -22.47 -9.06
C MET B 151 10.50 -22.65 -7.99
N VAL B 152 10.11 -23.13 -6.81
CA VAL B 152 11.07 -23.31 -5.72
C VAL B 152 12.13 -24.34 -6.09
N ARG B 153 11.72 -25.37 -6.82
CA ARG B 153 12.64 -26.42 -7.27
C ARG B 153 13.18 -26.11 -8.65
N ASP B 154 12.38 -25.43 -9.47
CA ASP B 154 12.76 -25.15 -10.86
C ASP B 154 13.72 -23.98 -10.98
N PHE B 155 13.53 -22.95 -10.16
CA PHE B 155 14.42 -21.80 -10.15
C PHE B 155 15.78 -22.20 -9.59
N ASN B 156 15.80 -22.54 -8.31
CA ASN B 156 17.04 -22.95 -7.65
C ASN B 156 17.93 -23.73 -8.60
N SER B 157 17.32 -24.40 -9.57
CA SER B 157 18.06 -25.13 -10.60
C SER B 157 18.81 -24.16 -11.49
N GLY B 158 18.14 -23.09 -11.92
CA GLY B 158 18.76 -22.10 -12.78
C GLY B 158 17.78 -21.48 -13.77
N LEU B 159 16.67 -22.15 -13.99
CA LEU B 159 15.64 -21.64 -14.88
C LEU B 159 15.16 -20.29 -14.38
N ILE B 160 15.66 -19.23 -15.00
CA ILE B 160 15.33 -17.86 -14.60
C ILE B 160 15.90 -16.87 -15.62
N GLY B 161 15.16 -15.79 -15.86
CA GLY B 161 15.58 -14.77 -16.82
C GLY B 161 14.91 -13.44 -16.54
N ALA B 162 15.11 -12.49 -17.44
CA ALA B 162 14.58 -11.13 -17.24
C ALA B 162 13.78 -10.65 -18.44
N LEU B 163 12.56 -10.17 -18.19
CA LEU B 163 11.73 -9.58 -19.22
C LEU B 163 11.69 -8.07 -19.07
N LEU B 164 11.69 -7.36 -20.20
CA LEU B 164 11.70 -5.91 -20.18
C LEU B 164 10.53 -5.34 -20.98
N ILE B 165 9.48 -4.91 -20.27
CA ILE B 165 8.31 -4.35 -20.92
C ILE B 165 8.56 -2.90 -21.33
N CYS B 166 9.51 -2.70 -22.24
CA CYS B 166 9.83 -1.38 -22.75
C CYS B 166 8.57 -0.61 -23.16
N LYS B 167 8.74 0.70 -23.35
CA LYS B 167 7.62 1.55 -23.75
C LYS B 167 7.71 1.84 -25.24
N GLU B 168 6.65 2.43 -25.80
CA GLU B 168 6.57 2.66 -27.24
C GLU B 168 7.58 3.70 -27.73
N GLY B 169 8.47 3.28 -28.61
CA GLY B 169 9.44 4.17 -29.23
C GLY B 169 10.63 4.49 -28.35
N SER B 170 11.09 3.52 -27.58
CA SER B 170 12.25 3.70 -26.71
C SER B 170 13.40 2.81 -27.14
N LEU B 171 13.20 2.07 -28.22
CA LEU B 171 14.20 1.12 -28.68
C LEU B 171 14.71 1.45 -30.08
N ASN B 172 15.91 0.95 -30.39
CA ASN B 172 16.46 1.05 -31.72
C ASN B 172 16.32 -0.30 -32.41
N ALA B 173 16.79 -0.40 -33.65
CA ALA B 173 16.86 -1.69 -34.31
C ALA B 173 17.71 -2.59 -33.43
N ASN B 174 18.88 -2.10 -33.05
CA ASN B 174 19.75 -2.81 -32.13
C ASN B 174 18.92 -3.57 -31.10
N GLY B 175 17.73 -3.06 -30.84
CA GLY B 175 16.88 -3.58 -29.78
C GLY B 175 17.28 -2.96 -28.45
N SER B 176 18.38 -2.22 -28.47
CA SER B 176 18.90 -1.55 -27.28
C SER B 176 18.21 -0.21 -27.07
N GLN B 177 18.10 0.20 -25.81
CA GLN B 177 17.44 1.45 -25.45
C GLN B 177 18.18 2.66 -26.01
N LYS B 178 17.41 3.69 -26.39
CA LYS B 178 17.99 4.88 -27.01
C LYS B 178 18.25 5.99 -26.01
N PHE B 179 17.46 6.03 -24.94
CA PHE B 179 17.60 7.07 -23.93
C PHE B 179 18.90 6.96 -23.15
N PHE B 180 19.35 5.73 -22.92
CA PHE B 180 20.54 5.50 -22.10
C PHE B 180 21.75 5.08 -22.94
N ASN B 181 22.92 5.55 -22.52
CA ASN B 181 24.17 5.19 -23.18
C ASN B 181 24.56 3.76 -22.87
N ARG B 182 23.98 3.21 -21.79
CA ARG B 182 24.30 1.86 -21.37
C ARG B 182 23.07 1.16 -20.80
N GLU B 183 23.13 -0.16 -20.69
CA GLU B 183 22.01 -0.95 -20.18
C GLU B 183 22.53 -2.27 -19.61
N TYR B 184 22.28 -2.50 -18.32
CA TYR B 184 22.78 -3.71 -17.67
C TYR B 184 21.74 -4.39 -16.77
N VAL B 185 21.58 -5.70 -16.98
CA VAL B 185 20.67 -6.51 -16.18
C VAL B 185 21.40 -7.23 -15.05
N LEU B 186 21.07 -6.88 -13.81
CA LEU B 186 21.69 -7.50 -12.66
C LEU B 186 20.67 -8.25 -11.80
N MET B 187 20.84 -9.56 -11.71
CA MET B 187 19.98 -10.40 -10.90
C MET B 187 20.71 -10.86 -9.64
N PHE B 188 20.41 -10.21 -8.51
CA PHE B 188 20.91 -10.67 -7.23
C PHE B 188 20.07 -11.87 -6.81
N SER B 189 20.67 -13.05 -6.82
CA SER B 189 19.93 -14.27 -6.53
C SER B 189 20.62 -15.16 -5.50
N VAL B 190 19.81 -15.84 -4.69
CA VAL B 190 20.31 -16.82 -3.74
C VAL B 190 19.88 -18.22 -4.18
N PHE B 191 20.85 -19.09 -4.42
CA PHE B 191 20.56 -20.43 -4.90
C PHE B 191 20.84 -21.49 -3.85
N ASP B 192 19.93 -22.45 -3.73
CA ASP B 192 20.06 -23.51 -2.75
C ASP B 192 20.05 -24.87 -3.44
N GLU B 193 21.21 -25.28 -3.94
CA GLU B 193 21.36 -26.53 -4.67
C GLU B 193 20.69 -27.70 -3.93
N SER B 194 20.48 -27.53 -2.63
CA SER B 194 19.82 -28.55 -1.82
C SER B 194 18.35 -28.67 -2.22
N LYS B 195 17.93 -27.84 -3.16
CA LYS B 195 16.57 -27.89 -3.68
C LYS B 195 16.59 -28.19 -5.17
N ASN B 196 17.73 -27.93 -5.80
CA ASN B 196 17.93 -28.22 -7.21
C ASN B 196 17.81 -29.72 -7.50
N TRP B 197 16.78 -30.08 -8.27
CA TRP B 197 16.52 -31.48 -8.59
C TRP B 197 17.72 -32.37 -8.33
N TYR B 198 18.84 -32.07 -9.00
CA TYR B 198 20.08 -32.77 -8.73
C TYR B 198 20.64 -32.29 -7.40
N ARG B 199 19.94 -32.66 -6.32
CA ARG B 199 20.23 -32.16 -4.99
C ARG B 199 21.70 -32.15 -4.62
N LYS B 200 22.17 -30.98 -4.15
CA LYS B 200 23.48 -30.86 -3.53
C LYS B 200 23.35 -30.02 -2.27
N PRO B 201 24.05 -30.42 -1.19
CA PRO B 201 24.04 -29.65 0.04
C PRO B 201 24.97 -28.44 -0.05
N SER B 202 24.48 -27.38 -0.68
CA SER B 202 25.28 -26.17 -0.86
C SER B 202 24.37 -24.94 -0.96
N LEU B 203 24.89 -23.80 -0.52
CA LEU B 203 24.13 -22.56 -0.56
C LEU B 203 24.98 -21.42 -1.12
N GLN B 204 24.56 -20.87 -2.25
CA GLN B 204 25.36 -19.89 -2.97
C GLN B 204 24.70 -18.52 -3.08
N TYR B 205 25.42 -17.49 -2.66
CA TYR B 205 24.98 -16.11 -2.83
C TYR B 205 25.67 -15.53 -4.05
N THR B 206 24.91 -15.31 -5.13
CA THR B 206 25.50 -14.93 -6.40
C THR B 206 24.81 -13.76 -7.08
N ILE B 207 25.57 -13.01 -7.87
CA ILE B 207 25.01 -12.04 -8.78
C ILE B 207 25.01 -12.64 -10.18
N ASN B 208 23.81 -12.83 -10.73
CA ASN B 208 23.68 -13.45 -12.04
C ASN B 208 24.41 -14.79 -12.12
N GLY B 209 24.50 -15.47 -10.98
CA GLY B 209 25.08 -16.82 -10.95
C GLY B 209 26.56 -16.89 -10.56
N PHE B 210 27.22 -15.74 -10.57
CA PHE B 210 28.63 -15.69 -10.21
C PHE B 210 28.81 -15.43 -8.72
N ALA B 211 29.28 -16.46 -8.01
CA ALA B 211 29.51 -16.34 -6.58
C ALA B 211 30.91 -15.82 -6.27
N ASN B 212 31.21 -15.69 -4.98
CA ASN B 212 32.54 -15.29 -4.55
C ASN B 212 33.12 -14.11 -5.32
N GLY B 213 32.24 -13.20 -5.75
CA GLY B 213 32.66 -11.99 -6.45
C GLY B 213 33.51 -12.28 -7.68
N THR B 214 32.97 -13.07 -8.59
CA THR B 214 33.66 -13.37 -9.85
C THR B 214 32.85 -12.84 -11.02
N LEU B 215 31.70 -12.23 -10.71
CA LEU B 215 30.88 -11.61 -11.73
C LEU B 215 31.77 -10.82 -12.68
N PRO B 216 31.74 -11.17 -13.97
CA PRO B 216 32.59 -10.49 -14.94
C PRO B 216 32.52 -8.98 -14.76
N ASP B 217 33.64 -8.31 -14.97
CA ASP B 217 33.68 -6.85 -14.88
C ASP B 217 32.64 -6.20 -15.79
N VAL B 218 31.84 -5.31 -15.22
CA VAL B 218 30.96 -4.48 -16.02
C VAL B 218 31.83 -3.42 -16.69
N GLN B 219 31.30 -2.76 -17.71
CA GLN B 219 32.05 -1.74 -18.41
C GLN B 219 31.19 -0.52 -18.69
N ALA B 220 31.78 0.66 -18.52
CA ALA B 220 31.08 1.91 -18.76
C ALA B 220 32.05 3.09 -18.77
N CYS B 221 32.12 3.78 -19.90
CA CYS B 221 32.98 4.96 -20.01
C CYS B 221 32.63 5.97 -18.93
N ALA B 222 33.42 7.04 -18.85
CA ALA B 222 33.20 8.08 -17.85
C ALA B 222 32.23 9.14 -18.36
N TYR B 223 31.28 9.52 -17.51
CA TYR B 223 30.29 10.54 -17.87
C TYR B 223 29.13 9.94 -18.65
N ASP B 224 28.91 8.64 -18.47
CA ASP B 224 27.83 7.93 -19.15
C ASP B 224 26.52 8.00 -18.37
N HIS B 225 25.45 7.52 -19.00
CA HIS B 225 24.13 7.50 -18.39
C HIS B 225 23.59 6.06 -18.42
N ILE B 226 23.79 5.34 -17.33
CA ILE B 226 23.40 3.93 -17.26
C ILE B 226 21.94 3.72 -16.89
N SER B 227 21.33 2.70 -17.48
CA SER B 227 19.97 2.30 -17.15
C SER B 227 19.99 0.93 -16.47
N TRP B 228 19.91 0.94 -15.14
CA TRP B 228 20.02 -0.29 -14.36
C TRP B 228 18.70 -1.04 -14.26
N HIS B 229 18.77 -2.36 -14.35
CA HIS B 229 17.58 -3.20 -14.26
C HIS B 229 17.84 -4.36 -13.31
N LEU B 230 17.91 -4.04 -12.02
CA LEU B 230 18.22 -5.03 -10.98
C LEU B 230 17.05 -5.97 -10.72
N ILE B 231 17.37 -7.20 -10.35
CA ILE B 231 16.36 -8.20 -10.05
C ILE B 231 16.83 -9.12 -8.93
N GLY B 232 16.31 -8.91 -7.73
CA GLY B 232 16.60 -9.79 -6.60
C GLY B 232 15.61 -10.92 -6.55
N MET B 233 16.05 -12.11 -6.12
CA MET B 233 15.16 -13.25 -6.07
C MET B 233 15.75 -14.48 -5.39
N SER B 234 14.86 -15.33 -4.88
CA SER B 234 15.24 -16.54 -4.18
C SER B 234 14.04 -17.48 -4.05
N SER B 235 14.13 -18.41 -3.10
CA SER B 235 13.03 -19.31 -2.82
C SER B 235 12.31 -18.88 -1.55
N SER B 236 13.08 -18.60 -0.51
CA SER B 236 12.53 -18.13 0.76
C SER B 236 12.85 -16.65 0.97
N PRO B 237 11.97 -15.94 1.70
CA PRO B 237 12.07 -14.50 1.91
C PRO B 237 13.50 -14.00 2.00
N GLU B 238 13.90 -13.18 1.02
CA GLU B 238 15.25 -12.63 0.99
C GLU B 238 15.23 -11.16 0.58
N ILE B 239 15.91 -10.31 1.35
CA ILE B 239 15.98 -8.89 1.04
C ILE B 239 17.41 -8.44 0.79
N PHE B 240 17.57 -7.57 -0.20
CA PHE B 240 18.89 -7.03 -0.52
C PHE B 240 18.92 -5.53 -0.30
N SER B 241 20.04 -4.93 -0.68
CA SER B 241 20.22 -3.49 -0.62
C SER B 241 21.45 -3.16 -1.44
N VAL B 242 21.34 -3.34 -2.76
CA VAL B 242 22.46 -3.16 -3.66
C VAL B 242 23.09 -1.78 -3.49
N HIS B 243 24.37 -1.68 -3.85
CA HIS B 243 25.09 -0.43 -3.75
C HIS B 243 26.20 -0.32 -4.78
N PHE B 244 26.35 0.86 -5.34
CA PHE B 244 27.44 1.15 -6.28
C PHE B 244 28.32 2.23 -5.68
N ASN B 245 29.54 1.88 -5.32
CA ASN B 245 30.44 2.83 -4.66
C ASN B 245 30.58 4.15 -5.42
N GLY B 246 30.80 5.23 -4.66
CA GLY B 246 30.92 6.55 -5.25
C GLY B 246 29.98 6.77 -6.41
N GLN B 247 28.74 6.29 -6.26
CA GLN B 247 27.74 6.41 -7.32
C GLN B 247 26.33 6.46 -6.73
N THR B 248 25.49 7.33 -7.30
CA THR B 248 24.11 7.48 -6.85
C THR B 248 23.13 7.25 -8.01
N LEU B 249 22.01 6.60 -7.69
CA LEU B 249 20.99 6.31 -8.71
C LEU B 249 19.70 7.10 -8.48
N GLU B 250 18.70 6.82 -9.29
CA GLU B 250 17.39 7.45 -9.16
C GLU B 250 16.27 6.42 -9.28
N GLN B 251 15.99 5.72 -8.18
CA GLN B 251 14.97 4.68 -8.16
C GLN B 251 13.58 5.28 -8.34
N ASN B 252 13.19 5.50 -9.59
CA ASN B 252 11.89 6.08 -9.90
C ASN B 252 11.72 7.48 -9.31
N HIS B 253 12.46 8.43 -9.85
CA HIS B 253 12.32 9.84 -9.47
C HIS B 253 12.72 10.12 -8.02
N TYR B 254 13.53 9.23 -7.46
CA TYR B 254 14.04 9.43 -6.09
C TYR B 254 15.54 9.20 -6.06
N LYS B 255 16.30 10.23 -5.69
CA LYS B 255 17.74 10.07 -5.52
C LYS B 255 18.01 9.07 -4.41
N VAL B 256 19.07 8.29 -4.55
CA VAL B 256 19.35 7.23 -3.59
C VAL B 256 20.83 6.88 -3.49
N SER B 257 21.13 5.59 -3.54
CA SER B 257 22.50 5.09 -3.39
C SER B 257 22.45 3.67 -2.87
N THR B 258 21.35 3.33 -2.20
CA THR B 258 21.10 1.98 -1.71
C THR B 258 19.75 1.51 -2.22
N ILE B 259 19.75 0.55 -3.15
CA ILE B 259 18.51 0.07 -3.76
C ILE B 259 17.89 -1.06 -2.95
N ASN B 260 16.60 -0.93 -2.67
CA ASN B 260 15.88 -1.89 -1.85
C ASN B 260 15.11 -2.92 -2.68
N LEU B 261 15.74 -4.07 -2.92
CA LEU B 261 15.10 -5.12 -3.69
C LEU B 261 14.83 -6.36 -2.84
N VAL B 262 13.62 -6.89 -2.94
CA VAL B 262 13.25 -8.10 -2.21
C VAL B 262 13.29 -9.32 -3.12
N GLY B 263 13.15 -10.50 -2.54
CA GLY B 263 13.12 -11.73 -3.31
C GLY B 263 11.90 -11.82 -4.20
N GLY B 264 12.12 -11.74 -5.51
CA GLY B 264 11.03 -11.83 -6.47
C GLY B 264 10.60 -10.47 -6.99
N ALA B 265 11.40 -9.46 -6.72
CA ALA B 265 11.11 -8.10 -7.18
C ALA B 265 12.18 -7.60 -8.14
N SER B 266 11.82 -6.58 -8.92
CA SER B 266 12.74 -5.98 -9.88
C SER B 266 12.89 -4.49 -9.61
N VAL B 267 13.99 -3.91 -10.07
CA VAL B 267 14.24 -2.50 -9.85
C VAL B 267 14.75 -1.83 -11.12
N THR B 268 14.20 -0.65 -11.42
CA THR B 268 14.60 0.11 -12.59
C THR B 268 15.09 1.49 -12.21
N ALA B 269 16.40 1.72 -12.35
CA ALA B 269 16.99 3.01 -12.00
C ALA B 269 17.94 3.52 -13.07
N ASP B 270 18.10 4.84 -13.14
CA ASP B 270 19.00 5.45 -14.09
C ASP B 270 20.15 6.17 -13.38
N MET B 271 21.36 5.66 -13.54
CA MET B 271 22.54 6.24 -12.90
C MET B 271 23.19 7.26 -13.82
N SER B 272 24.23 7.92 -13.32
CA SER B 272 24.96 8.92 -14.09
C SER B 272 26.39 9.06 -13.58
N VAL B 273 27.26 8.13 -14.01
CA VAL B 273 28.64 8.14 -13.54
C VAL B 273 29.31 9.49 -13.77
N SER B 274 30.44 9.72 -13.11
CA SER B 274 31.13 11.00 -13.22
C SER B 274 32.58 10.91 -12.75
N ARG B 275 32.95 9.77 -12.18
CA ARG B 275 34.29 9.59 -11.63
C ARG B 275 34.92 8.30 -12.17
N THR B 276 36.08 8.42 -12.79
CA THR B 276 36.77 7.28 -13.37
C THR B 276 37.31 6.36 -12.27
N GLY B 277 37.51 5.09 -12.61
CA GLY B 277 38.02 4.11 -11.66
C GLY B 277 37.07 2.96 -11.44
N LYS B 278 37.59 1.84 -10.94
CA LYS B 278 36.78 0.65 -10.70
C LYS B 278 36.08 0.73 -9.35
N TRP B 279 34.75 0.62 -9.37
CA TRP B 279 33.95 0.69 -8.15
C TRP B 279 33.39 -0.67 -7.77
N LEU B 280 33.06 -0.83 -6.49
CA LEU B 280 32.56 -2.10 -5.98
C LEU B 280 31.04 -2.15 -5.97
N ILE B 281 30.49 -3.34 -6.24
CA ILE B 281 29.04 -3.53 -6.29
C ILE B 281 28.62 -4.67 -5.36
N SER B 282 27.92 -4.33 -4.29
CA SER B 282 27.47 -5.35 -3.34
C SER B 282 26.14 -4.99 -2.71
N SER B 283 25.55 -5.97 -2.04
CA SER B 283 24.42 -5.74 -1.16
C SER B 283 24.97 -5.57 0.25
N LEU B 284 24.90 -4.35 0.77
CA LEU B 284 25.57 -4.00 2.01
C LEU B 284 25.02 -4.71 3.24
N VAL B 285 24.48 -5.91 3.06
CA VAL B 285 23.94 -6.68 4.17
C VAL B 285 25.06 -7.46 4.86
N ALA B 286 24.80 -7.85 6.11
CA ALA B 286 25.79 -8.59 6.90
C ALA B 286 26.22 -9.88 6.22
N LYS B 287 25.25 -10.77 6.01
CA LYS B 287 25.50 -12.07 5.40
C LYS B 287 26.01 -11.95 3.97
N HIS B 288 25.27 -11.20 3.15
CA HIS B 288 25.62 -11.01 1.75
C HIS B 288 27.11 -10.69 1.59
N LEU B 289 27.58 -9.73 2.39
CA LEU B 289 28.92 -9.18 2.23
C LEU B 289 30.01 -10.18 2.60
N GLN B 290 29.73 -11.04 3.57
CA GLN B 290 30.70 -12.04 4.01
C GLN B 290 30.71 -13.24 3.07
N ALA B 291 29.60 -13.46 2.37
CA ALA B 291 29.51 -14.55 1.40
C ALA B 291 30.30 -14.21 0.14
N GLY B 292 30.87 -13.02 0.11
CA GLY B 292 31.73 -12.61 -1.00
C GLY B 292 30.97 -12.03 -2.19
N MET B 293 29.64 -12.14 -2.16
CA MET B 293 28.81 -11.59 -3.22
C MET B 293 29.17 -10.15 -3.54
N TYR B 294 29.83 -9.93 -4.67
CA TYR B 294 30.13 -8.56 -5.13
C TYR B 294 30.58 -8.52 -6.59
N GLY B 295 30.86 -7.31 -7.07
CA GLY B 295 31.27 -7.10 -8.46
C GLY B 295 31.98 -5.77 -8.62
N TYR B 296 32.13 -5.32 -9.86
CA TYR B 296 32.82 -4.07 -10.14
C TYR B 296 32.20 -3.27 -11.27
N LEU B 297 32.23 -1.95 -11.13
CA LEU B 297 31.80 -1.05 -12.18
C LEU B 297 33.05 -0.37 -12.76
N ASN B 298 33.69 -1.07 -13.70
CA ASN B 298 34.97 -0.60 -14.23
C ASN B 298 34.85 0.57 -15.20
N ILE B 299 34.60 1.75 -14.66
CA ILE B 299 34.51 2.95 -15.47
C ILE B 299 35.88 3.35 -16.00
N LYS B 300 35.90 3.83 -17.25
CA LYS B 300 37.12 4.26 -17.88
C LYS B 300 36.83 5.43 -18.81
N ASP B 301 37.62 6.50 -18.71
CA ASP B 301 37.41 7.67 -19.54
C ASP B 301 37.36 7.31 -21.02
N CYS B 302 36.71 8.15 -21.81
CA CYS B 302 36.58 7.90 -23.24
C CYS B 302 36.46 9.20 -24.03
N GLY B 303 37.05 10.27 -23.50
CA GLY B 303 37.09 11.55 -24.18
C GLY B 303 35.80 12.34 -24.13
N ASN B 304 34.67 11.64 -24.10
CA ASN B 304 33.36 12.28 -24.05
C ASN B 304 33.31 13.38 -22.99
N PRO B 305 32.54 14.45 -23.27
CA PRO B 305 32.40 15.59 -22.38
C PRO B 305 31.27 15.42 -21.37
N ASP B 306 31.46 15.92 -20.16
CA ASP B 306 30.45 15.82 -19.11
C ASP B 306 29.64 17.10 -18.99
N MET B 318 25.07 32.78 -5.39
CA MET B 318 25.66 31.46 -5.53
C MET B 318 25.12 30.49 -4.48
N LYS B 319 25.25 30.89 -3.21
CA LYS B 319 24.80 30.05 -2.09
C LYS B 319 25.85 29.00 -1.76
N ILE B 320 26.63 28.60 -2.76
CA ILE B 320 27.70 27.63 -2.56
C ILE B 320 28.64 28.09 -1.46
N LYS B 321 28.96 27.17 -0.54
CA LYS B 321 29.82 27.50 0.59
C LYS B 321 30.62 26.28 1.05
N ASN B 322 31.67 25.94 0.31
CA ASN B 322 32.52 24.81 0.64
C ASN B 322 32.66 24.64 2.16
N TRP B 323 32.07 23.58 2.68
CA TRP B 323 32.11 23.30 4.11
C TRP B 323 33.50 22.84 4.53
N GLU B 324 33.61 22.33 5.76
CA GLU B 324 34.88 21.86 6.27
C GLU B 324 34.72 21.29 7.68
N TYR B 325 34.99 19.99 7.81
CA TYR B 325 34.83 19.31 9.08
C TYR B 325 36.14 18.72 9.58
N PHE B 326 36.33 18.74 10.89
CA PHE B 326 37.49 18.13 11.53
C PHE B 326 37.05 17.01 12.44
N ILE B 327 37.10 15.78 11.94
CA ILE B 327 36.71 14.61 12.73
C ILE B 327 37.89 13.68 12.97
N ALA B 328 37.80 12.86 14.00
CA ALA B 328 38.91 11.98 14.37
C ALA B 328 38.43 10.70 15.04
N ALA B 329 39.19 9.61 14.83
CA ALA B 329 38.87 8.33 15.45
C ALA B 329 39.46 8.25 16.85
N GLU B 330 38.59 8.04 17.84
CA GLU B 330 39.00 7.94 19.23
C GLU B 330 38.59 6.61 19.85
N GLU B 331 39.54 5.92 20.45
CA GLU B 331 39.25 4.66 21.13
C GLU B 331 38.72 4.92 22.54
N ILE B 332 37.41 4.97 22.67
CA ILE B 332 36.77 5.29 23.94
C ILE B 332 36.15 4.07 24.61
N THR B 333 35.56 4.28 25.78
CA THR B 333 34.78 3.26 26.45
C THR B 333 33.30 3.62 26.36
N TRP B 334 32.55 2.86 25.58
CA TRP B 334 31.14 3.17 25.33
C TRP B 334 30.20 2.27 26.14
N ASP B 335 29.21 2.89 26.78
CA ASP B 335 28.22 2.16 27.56
C ASP B 335 26.82 2.29 26.97
N TYR B 336 26.38 1.26 26.26
CA TYR B 336 25.03 1.25 25.70
C TYR B 336 24.01 1.45 26.81
N ALA B 337 24.35 0.95 28.00
CA ALA B 337 23.44 1.02 29.14
C ALA B 337 23.82 2.12 30.12
N PRO B 338 23.28 3.33 29.91
CA PRO B 338 23.37 4.42 30.85
C PRO B 338 21.99 4.76 31.41
N GLU B 339 21.84 4.65 32.71
CA GLU B 339 20.56 4.96 33.36
C GLU B 339 19.46 4.01 32.90
N ILE B 340 19.77 2.72 32.83
CA ILE B 340 18.78 1.72 32.46
C ILE B 340 17.60 1.76 33.43
N PRO B 341 16.41 2.13 32.93
CA PRO B 341 15.22 2.31 33.75
C PRO B 341 14.38 1.05 33.87
N SER B 342 13.55 0.99 34.90
CA SER B 342 12.69 -0.18 35.14
C SER B 342 12.15 -0.76 33.84
N SER B 343 11.51 0.09 33.03
CA SER B 343 10.89 -0.33 31.78
C SER B 343 11.52 -1.59 31.18
N VAL B 344 12.74 -1.46 30.68
CA VAL B 344 13.42 -2.56 30.00
C VAL B 344 12.99 -3.94 30.49
N ASP B 345 13.13 -4.94 29.62
CA ASP B 345 12.82 -6.32 29.98
C ASP B 345 13.94 -6.92 30.82
N ARG B 346 13.55 -7.68 31.83
CA ARG B 346 14.50 -8.23 32.78
C ARG B 346 15.41 -9.25 32.11
N ARG B 347 14.80 -10.28 31.51
CA ARG B 347 15.57 -11.30 30.82
C ARG B 347 16.50 -10.67 29.79
N TYR B 348 16.29 -9.38 29.53
CA TYR B 348 17.16 -8.63 28.62
C TYR B 348 18.41 -8.21 29.37
N LYS B 349 18.26 -7.26 30.28
CA LYS B 349 19.37 -6.77 31.08
C LYS B 349 20.06 -7.90 31.84
N ALA B 350 19.73 -9.13 31.46
CA ALA B 350 20.38 -10.30 32.03
C ALA B 350 21.03 -11.09 30.89
N GLN B 351 20.49 -10.92 29.69
CA GLN B 351 21.04 -11.57 28.52
C GLN B 351 22.09 -10.71 27.83
N TYR B 352 21.88 -9.39 27.88
CA TYR B 352 22.71 -8.47 27.10
C TYR B 352 23.42 -7.41 27.95
N LEU B 353 22.75 -6.93 29.01
CA LEU B 353 23.29 -5.84 29.81
C LEU B 353 24.07 -6.34 31.03
N ASP B 354 23.36 -6.63 32.11
CA ASP B 354 23.99 -7.11 33.34
C ASP B 354 25.25 -7.92 33.03
N ASN B 355 26.32 -7.65 33.77
CA ASN B 355 27.62 -8.27 33.51
C ASN B 355 27.84 -9.58 34.26
N PHE B 356 26.77 -10.16 34.80
CA PHE B 356 26.87 -11.42 35.52
C PHE B 356 26.99 -12.60 34.56
N SER B 357 27.66 -13.65 35.01
CA SER B 357 27.82 -14.87 34.22
C SER B 357 29.07 -14.85 33.35
N ASN B 358 30.00 -13.96 33.70
CA ASN B 358 31.26 -13.87 32.96
C ASN B 358 31.12 -13.05 31.68
N PHE B 359 29.92 -12.55 31.43
CA PHE B 359 29.67 -11.72 30.25
C PHE B 359 30.29 -10.34 30.43
N ILE B 360 30.69 -9.73 29.31
CA ILE B 360 31.36 -8.43 29.34
C ILE B 360 30.52 -7.36 30.03
N GLY B 361 29.20 -7.43 29.85
CA GLY B 361 28.28 -6.54 30.55
C GLY B 361 27.55 -5.54 29.68
N LYS B 362 27.69 -4.27 30.02
CA LYS B 362 26.98 -3.20 29.32
C LYS B 362 27.91 -2.41 28.39
N LYS B 363 29.10 -2.06 28.89
CA LYS B 363 30.01 -1.25 28.11
C LYS B 363 31.21 -2.05 27.56
N TYR B 364 31.57 -1.76 26.32
CA TYR B 364 32.71 -2.38 25.67
C TYR B 364 33.60 -1.25 25.16
N LYS B 365 34.79 -1.58 24.68
CA LYS B 365 35.68 -0.57 24.13
C LYS B 365 35.30 -0.26 22.67
N LYS B 366 35.14 1.02 22.38
CA LYS B 366 34.68 1.46 21.07
C LYS B 366 35.69 2.38 20.39
N ALA B 367 35.58 2.51 19.07
CA ALA B 367 36.44 3.43 18.32
C ALA B 367 35.57 4.36 17.48
N VAL B 368 34.99 5.36 18.13
CA VAL B 368 33.98 6.21 17.50
C VAL B 368 34.57 7.43 16.79
N PHE B 369 33.68 8.25 16.22
CA PHE B 369 34.08 9.50 15.58
C PHE B 369 33.88 10.68 16.52
N ARG B 370 34.67 11.73 16.34
CA ARG B 370 34.52 12.96 17.12
C ARG B 370 34.98 14.17 16.31
N GLN B 371 34.28 15.28 16.47
CA GLN B 371 34.57 16.49 15.71
C GLN B 371 35.33 17.52 16.53
N TYR B 372 36.32 18.16 15.89
CA TYR B 372 37.06 19.25 16.51
C TYR B 372 36.84 20.53 15.73
N GLU B 373 37.31 21.64 16.28
CA GLU B 373 37.13 22.94 15.63
C GLU B 373 38.39 23.37 14.90
N ASP B 374 39.46 22.60 15.04
CA ASP B 374 40.74 22.96 14.45
C ASP B 374 41.65 21.76 14.24
N GLY B 375 42.55 21.88 13.26
CA GLY B 375 43.47 20.82 12.90
C GLY B 375 44.35 20.34 14.04
N ASN B 376 44.53 21.19 15.05
CA ASN B 376 45.33 20.81 16.21
C ASN B 376 44.72 19.63 16.94
N PHE B 377 43.51 19.27 16.55
CA PHE B 377 42.79 18.17 17.21
C PHE B 377 43.06 18.17 18.72
N THR B 378 42.85 19.33 19.34
CA THR B 378 43.02 19.45 20.78
C THR B 378 41.68 19.69 21.46
N LYS B 379 41.01 20.77 21.08
CA LYS B 379 39.72 21.13 21.67
C LYS B 379 38.56 20.61 20.82
N PRO B 380 37.80 19.65 21.37
CA PRO B 380 36.62 19.07 20.72
C PRO B 380 35.49 20.09 20.59
N THR B 381 34.55 19.82 19.69
CA THR B 381 33.45 20.75 19.44
C THR B 381 32.26 20.49 20.37
N TYR B 382 32.53 19.87 21.51
CA TYR B 382 31.48 19.60 22.50
C TYR B 382 32.05 19.36 23.89
N ALA B 383 31.18 19.38 24.90
CA ALA B 383 31.59 19.18 26.28
C ALA B 383 31.20 17.79 26.77
N ILE B 384 30.02 17.33 26.35
CA ILE B 384 29.61 15.95 26.55
C ILE B 384 29.46 15.33 25.18
N TRP B 385 29.59 14.01 25.10
CA TRP B 385 29.30 13.33 23.86
C TRP B 385 27.87 13.72 23.52
N PRO B 386 27.66 14.25 22.31
CA PRO B 386 26.38 14.82 21.92
C PRO B 386 25.22 14.23 22.72
N LYS B 387 24.23 15.06 23.05
CA LYS B 387 23.08 14.61 23.83
C LYS B 387 21.99 14.09 22.91
N GLU B 388 21.85 12.77 22.85
CA GLU B 388 20.78 12.14 22.08
C GLU B 388 21.31 11.32 20.90
N ARG B 389 22.46 11.73 20.35
CA ARG B 389 23.04 11.02 19.22
C ARG B 389 23.96 9.88 19.64
N GLY B 390 23.67 9.33 20.82
CA GLY B 390 24.35 8.15 21.34
C GLY B 390 25.82 8.05 21.02
N ILE B 391 26.19 6.98 20.34
CA ILE B 391 27.58 6.75 19.93
C ILE B 391 27.78 7.27 18.52
N LEU B 392 26.77 7.98 18.01
CA LEU B 392 26.79 8.51 16.66
C LEU B 392 27.86 9.58 16.47
N GLY B 393 28.62 9.46 15.40
CA GLY B 393 29.64 10.45 15.06
C GLY B 393 29.03 11.79 14.74
N PRO B 394 29.85 12.75 14.32
CA PRO B 394 29.38 14.08 13.96
C PRO B 394 28.42 14.02 12.78
N VAL B 395 27.40 14.88 12.80
CA VAL B 395 26.42 14.92 11.72
C VAL B 395 26.90 15.80 10.57
N ILE B 396 27.33 15.17 9.48
CA ILE B 396 27.78 15.92 8.32
C ILE B 396 26.59 16.47 7.55
N LYS B 397 26.85 17.36 6.61
CA LYS B 397 25.79 17.98 5.82
C LYS B 397 26.34 18.74 4.62
N ALA B 398 25.46 19.07 3.68
CA ALA B 398 25.86 19.75 2.46
C ALA B 398 24.69 19.87 1.50
N LYS B 399 24.73 20.92 0.67
CA LYS B 399 23.69 21.13 -0.32
C LYS B 399 24.14 20.59 -1.68
N VAL B 400 23.53 21.09 -2.75
CA VAL B 400 23.90 20.69 -4.10
C VAL B 400 24.87 21.71 -4.70
N ARG B 401 26.04 21.24 -5.13
CA ARG B 401 27.04 22.12 -5.71
C ARG B 401 27.98 22.69 -4.65
N ASP B 402 27.79 22.25 -3.40
CA ASP B 402 28.67 22.64 -2.31
C ASP B 402 29.89 21.73 -2.29
N THR B 403 30.98 22.21 -1.69
CA THR B 403 32.21 21.44 -1.62
C THR B 403 32.62 21.18 -0.17
N VAL B 404 32.29 20.00 0.33
CA VAL B 404 32.64 19.62 1.70
C VAL B 404 34.10 19.18 1.78
N THR B 405 34.77 19.59 2.86
CA THR B 405 36.16 19.24 3.08
C THR B 405 36.35 18.62 4.46
N ILE B 406 36.59 17.32 4.49
CA ILE B 406 36.78 16.60 5.74
C ILE B 406 38.26 16.33 6.00
N VAL B 407 38.72 16.64 7.21
CA VAL B 407 40.07 16.29 7.62
C VAL B 407 40.02 15.18 8.67
N PHE B 408 40.34 13.97 8.25
CA PHE B 408 40.26 12.80 9.12
C PHE B 408 41.59 12.54 9.83
N LYS B 409 41.52 12.28 11.13
CA LYS B 409 42.71 11.97 11.93
C LYS B 409 42.50 10.74 12.78
N ASN B 410 43.16 9.65 12.41
CA ASN B 410 43.08 8.41 13.18
C ASN B 410 43.79 8.55 14.52
N LEU B 411 43.13 8.14 15.59
CA LEU B 411 43.71 8.17 16.91
C LEU B 411 43.66 6.79 17.55
N ALA B 412 42.82 5.92 16.99
CA ALA B 412 42.65 4.57 17.51
C ALA B 412 43.88 3.71 17.22
N SER B 413 43.85 2.47 17.72
CA SER B 413 44.94 1.54 17.54
C SER B 413 45.26 1.32 16.06
N ARG B 414 44.32 0.70 15.35
CA ARG B 414 44.54 0.30 13.96
C ARG B 414 43.98 1.31 12.96
N PRO B 415 44.43 1.22 11.71
CA PRO B 415 44.05 2.14 10.63
C PRO B 415 42.53 2.24 10.45
N TYR B 416 42.06 3.38 9.98
CA TYR B 416 40.65 3.59 9.69
C TYR B 416 40.47 4.51 8.48
N SER B 417 39.22 4.78 8.12
CA SER B 417 38.93 5.60 6.95
C SER B 417 37.56 6.28 7.05
N ILE B 418 37.30 7.19 6.12
CA ILE B 418 36.01 7.87 6.04
C ILE B 418 35.34 7.59 4.69
N TYR B 419 34.11 7.11 4.74
CA TYR B 419 33.36 6.80 3.53
C TYR B 419 31.94 7.36 3.61
N VAL B 420 31.55 8.09 2.58
CA VAL B 420 30.22 8.72 2.53
C VAL B 420 29.34 8.10 1.46
N HIS B 421 28.03 8.23 1.65
CA HIS B 421 27.05 7.70 0.70
C HIS B 421 26.30 8.81 0.00
N GLY B 422 25.70 8.50 -1.14
CA GLY B 422 24.97 9.50 -1.91
C GLY B 422 25.81 10.67 -2.36
N VAL B 423 27.09 10.40 -2.62
CA VAL B 423 28.01 11.41 -3.12
C VAL B 423 28.99 10.82 -4.11
N SER B 424 29.10 11.45 -5.28
CA SER B 424 29.97 10.97 -6.35
C SER B 424 31.43 11.25 -6.03
N VAL B 425 31.89 10.79 -4.87
CA VAL B 425 33.28 10.96 -4.48
C VAL B 425 34.20 10.42 -5.56
N SER B 426 35.43 10.94 -5.61
CA SER B 426 36.43 10.46 -6.56
C SER B 426 37.30 9.39 -5.91
N LYS B 427 37.84 8.48 -6.73
CA LYS B 427 38.65 7.39 -6.21
C LYS B 427 39.86 7.93 -5.45
N ASP B 428 40.20 9.19 -5.70
CA ASP B 428 41.28 9.85 -4.98
C ASP B 428 40.81 10.25 -3.59
N ALA B 429 39.49 10.39 -3.44
CA ALA B 429 38.89 10.74 -2.15
C ALA B 429 37.77 9.76 -1.81
N GLU B 430 37.83 8.57 -2.38
CA GLU B 430 36.81 7.54 -2.17
C GLU B 430 36.67 7.21 -0.69
N GLY B 431 37.76 6.74 -0.09
CA GLY B 431 37.74 6.37 1.32
C GLY B 431 37.22 4.95 1.51
N ALA B 432 37.67 4.04 0.65
CA ALA B 432 37.26 2.65 0.72
C ALA B 432 38.37 1.72 0.24
N ILE B 433 38.50 0.58 0.91
CA ILE B 433 39.52 -0.40 0.56
C ILE B 433 38.94 -1.59 -0.19
N TYR B 434 39.52 -1.91 -1.34
CA TYR B 434 39.10 -3.08 -2.11
C TYR B 434 40.03 -4.26 -1.86
N PRO B 435 39.52 -5.48 -2.08
CA PRO B 435 40.27 -6.72 -1.91
C PRO B 435 41.41 -6.83 -2.93
N SER B 436 41.46 -5.89 -3.87
CA SER B 436 42.52 -5.88 -4.88
C SER B 436 43.42 -4.66 -4.70
N ASP B 437 44.16 -4.63 -3.61
CA ASP B 437 45.07 -3.53 -3.32
C ASP B 437 46.18 -3.97 -2.36
N PRO B 438 47.35 -3.32 -2.46
CA PRO B 438 48.50 -3.63 -1.61
C PRO B 438 48.20 -3.39 -0.13
N THR B 443 47.79 2.68 -1.37
CA THR B 443 46.95 3.40 -0.41
C THR B 443 46.92 4.89 -0.71
N HIS B 444 45.76 5.40 -1.11
CA HIS B 444 45.59 6.81 -1.39
C HIS B 444 44.50 7.41 -0.52
N GLY B 445 44.85 7.74 0.72
CA GLY B 445 43.88 8.30 1.66
C GLY B 445 42.70 7.37 1.88
N LYS B 446 42.81 6.14 1.39
CA LYS B 446 41.75 5.16 1.54
C LYS B 446 41.69 4.59 2.95
N ALA B 447 42.85 4.38 3.55
CA ALA B 447 42.92 3.83 4.90
C ALA B 447 44.03 4.48 5.72
N VAL B 448 43.72 5.60 6.35
CA VAL B 448 44.67 6.34 7.16
C VAL B 448 45.08 5.54 8.39
N GLU B 449 46.26 5.83 8.93
CA GLU B 449 46.80 5.07 10.06
C GLU B 449 46.83 5.89 11.34
N PRO B 450 47.16 5.23 12.46
CA PRO B 450 47.19 5.88 13.78
C PRO B 450 48.04 7.14 13.77
N GLY B 451 47.53 8.21 14.37
CA GLY B 451 48.24 9.49 14.41
C GLY B 451 48.24 10.20 13.07
N GLN B 452 47.94 9.45 12.02
CA GLN B 452 47.92 9.99 10.66
C GLN B 452 46.75 10.92 10.40
N VAL B 453 46.98 11.89 9.51
CA VAL B 453 45.94 12.84 9.12
C VAL B 453 45.73 12.84 7.62
N TYR B 454 44.47 12.78 7.20
CA TYR B 454 44.14 12.84 5.79
C TYR B 454 42.93 13.76 5.57
N THR B 455 42.81 14.29 4.35
CA THR B 455 41.74 15.23 4.05
C THR B 455 40.97 14.83 2.79
N TYR B 456 39.74 14.39 2.98
CA TYR B 456 38.85 14.06 1.87
C TYR B 456 38.26 15.33 1.27
N LYS B 457 38.26 15.43 -0.05
CA LYS B 457 37.72 16.60 -0.73
C LYS B 457 36.79 16.20 -1.88
N TRP B 458 35.50 16.10 -1.58
CA TRP B 458 34.51 15.75 -2.59
C TRP B 458 33.45 16.83 -2.71
N THR B 459 32.77 16.87 -3.85
CA THR B 459 31.75 17.87 -4.11
C THR B 459 30.41 17.23 -4.47
N VAL B 460 29.33 17.89 -4.06
CA VAL B 460 27.98 17.38 -4.28
C VAL B 460 27.47 17.70 -5.69
N LEU B 461 27.73 16.79 -6.62
CA LEU B 461 27.33 16.97 -8.01
C LEU B 461 25.82 17.13 -8.15
N ASP B 462 25.39 17.68 -9.28
CA ASP B 462 23.97 17.88 -9.54
C ASP B 462 23.23 16.55 -9.71
N THR B 463 23.97 15.53 -10.14
CA THR B 463 23.40 14.19 -10.31
C THR B 463 23.13 13.56 -8.93
N ASP B 464 23.79 14.08 -7.91
CA ASP B 464 23.59 13.61 -6.55
C ASP B 464 22.46 14.38 -5.89
N GLU B 465 22.08 15.50 -6.51
CA GLU B 465 20.98 16.32 -6.02
C GLU B 465 19.72 15.48 -5.88
N PRO B 466 18.94 15.73 -4.82
CA PRO B 466 17.69 15.02 -4.62
C PRO B 466 16.58 15.63 -5.47
N THR B 467 15.53 14.85 -5.74
CA THR B 467 14.48 15.25 -6.67
C THR B 467 13.37 16.04 -6.01
N VAL B 468 12.35 16.37 -6.80
CA VAL B 468 11.21 17.15 -6.33
C VAL B 468 10.36 16.32 -5.38
N LYS B 469 10.49 15.01 -5.47
CA LYS B 469 9.78 14.10 -4.58
C LYS B 469 10.50 14.00 -3.24
N ASP B 470 11.82 13.86 -3.28
CA ASP B 470 12.62 13.78 -2.07
C ASP B 470 12.26 14.91 -1.12
N SER B 471 12.51 14.71 0.17
CA SER B 471 12.31 15.75 1.17
C SER B 471 13.43 16.78 1.03
N GLU B 472 13.30 17.89 1.75
CA GLU B 472 14.33 18.92 1.73
C GLU B 472 15.71 18.30 1.89
N CYS B 473 15.80 17.24 2.69
CA CYS B 473 17.05 16.55 2.93
C CYS B 473 16.92 15.05 2.72
N ILE B 474 17.86 14.48 1.96
CA ILE B 474 17.91 13.04 1.77
C ILE B 474 18.86 12.41 2.79
N THR B 475 18.43 11.31 3.39
CA THR B 475 19.21 10.69 4.46
C THR B 475 20.32 9.79 3.91
N LYS B 476 21.46 9.78 4.60
CA LYS B 476 22.60 8.97 4.17
C LYS B 476 23.62 8.79 5.29
N LEU B 477 24.60 7.93 5.07
CA LEU B 477 25.53 7.56 6.13
C LEU B 477 27.01 7.65 5.71
N TYR B 478 27.89 7.46 6.69
CA TYR B 478 29.33 7.42 6.43
C TYR B 478 30.07 6.60 7.48
N HIS B 479 31.07 5.84 7.04
CA HIS B 479 31.84 4.97 7.92
C HIS B 479 33.22 4.70 7.34
N SER B 480 33.96 3.80 7.98
CA SER B 480 35.29 3.43 7.51
C SER B 480 35.23 2.26 6.54
N ALA B 481 36.00 2.33 5.46
CA ALA B 481 35.96 1.31 4.42
C ALA B 481 37.12 0.32 4.51
N VAL B 482 37.80 0.30 5.66
CA VAL B 482 38.91 -0.61 5.88
C VAL B 482 38.42 -2.05 5.97
N ASP B 483 37.34 -2.26 6.71
CA ASP B 483 36.73 -3.56 6.89
C ASP B 483 35.26 -3.31 7.17
N MET B 484 34.68 -2.41 6.37
CA MET B 484 33.38 -1.79 6.65
C MET B 484 32.54 -2.47 7.73
N THR B 485 32.29 -3.76 7.58
CA THR B 485 31.44 -4.49 8.52
C THR B 485 32.07 -4.50 9.91
N ARG B 486 33.30 -4.99 9.98
CA ARG B 486 34.01 -5.10 11.24
C ARG B 486 34.40 -3.72 11.77
N ASP B 487 34.57 -2.77 10.87
CA ASP B 487 34.85 -1.39 11.25
C ASP B 487 33.68 -0.75 11.98
N ILE B 488 32.47 -1.01 11.49
CA ILE B 488 31.27 -0.42 12.06
C ILE B 488 30.88 -1.06 13.38
N ALA B 489 31.00 -2.39 13.45
CA ALA B 489 30.70 -3.11 14.68
C ALA B 489 31.54 -2.55 15.82
N SER B 490 32.74 -2.07 15.49
CA SER B 490 33.63 -1.49 16.48
C SER B 490 33.23 -0.06 16.80
N GLY B 491 32.16 0.42 16.15
CA GLY B 491 31.57 1.71 16.48
C GLY B 491 31.97 2.90 15.63
N LEU B 492 31.94 2.74 14.31
CA LEU B 492 32.27 3.83 13.39
C LEU B 492 31.11 4.17 12.45
N ILE B 493 30.16 4.96 12.94
CA ILE B 493 29.00 5.35 12.14
C ILE B 493 28.64 6.82 12.36
N GLY B 494 27.99 7.42 11.38
CA GLY B 494 27.59 8.82 11.48
C GLY B 494 26.64 9.25 10.37
N PRO B 495 25.51 9.86 10.75
CA PRO B 495 24.51 10.34 9.80
C PRO B 495 25.05 11.44 8.90
N LEU B 496 24.64 11.42 7.64
CA LEU B 496 25.05 12.44 6.68
C LEU B 496 23.87 12.85 5.81
N LEU B 497 23.54 14.15 5.85
CA LEU B 497 22.38 14.67 5.12
C LEU B 497 22.77 15.47 3.89
N VAL B 498 22.13 15.16 2.76
CA VAL B 498 22.32 15.91 1.53
C VAL B 498 21.03 16.64 1.19
N CYS B 499 21.10 17.95 1.05
CA CYS B 499 19.89 18.75 0.90
C CYS B 499 19.98 19.74 -0.26
N LYS B 500 18.82 20.08 -0.82
CA LYS B 500 18.73 21.01 -1.93
C LYS B 500 19.36 22.35 -1.56
N HIS B 501 18.69 23.43 -1.92
CA HIS B 501 19.16 24.77 -1.56
C HIS B 501 18.20 25.36 -0.53
N LYS B 502 17.98 24.64 0.57
CA LYS B 502 17.03 25.05 1.60
C LYS B 502 17.68 25.16 2.97
N ALA B 503 17.99 24.00 3.57
CA ALA B 503 18.66 23.98 4.86
C ALA B 503 19.77 25.03 4.85
N LEU B 504 19.50 26.19 5.42
CA LEU B 504 20.39 27.34 5.28
C LEU B 504 21.03 27.80 6.58
N SER B 505 22.34 27.99 6.53
CA SER B 505 23.11 28.51 7.67
C SER B 505 24.51 27.92 7.70
N GLY B 508 24.79 26.18 9.92
CA GLY B 508 24.10 25.45 8.87
C GLY B 508 22.90 24.67 9.39
N VAL B 509 21.84 25.40 9.74
CA VAL B 509 20.65 24.79 10.32
C VAL B 509 19.71 24.23 9.25
N GLN B 510 18.72 23.47 9.69
CA GLN B 510 17.67 22.99 8.81
C GLN B 510 16.84 24.17 8.32
N ASN B 511 15.93 23.90 7.39
CA ASN B 511 15.02 24.91 6.90
C ASN B 511 13.71 24.23 6.56
N LYS B 512 12.59 24.91 6.82
CA LYS B 512 11.29 24.33 6.55
C LYS B 512 10.78 23.57 7.78
N ALA B 513 11.71 23.06 8.58
CA ALA B 513 11.36 22.24 9.73
C ALA B 513 11.90 22.83 11.03
N ASP B 514 11.22 22.55 12.15
CA ASP B 514 11.62 23.10 13.44
C ASP B 514 12.29 22.06 14.33
N VAL B 515 12.84 21.02 13.72
CA VAL B 515 13.54 20.00 14.48
C VAL B 515 14.14 18.93 13.56
N GLU B 516 15.47 18.90 13.50
CA GLU B 516 16.17 17.85 12.78
C GLU B 516 16.48 16.71 13.73
N GLN B 517 15.88 15.55 13.48
CA GLN B 517 16.05 14.40 14.36
C GLN B 517 16.80 13.27 13.67
N HIS B 518 17.39 12.38 14.46
CA HIS B 518 18.09 11.21 13.93
C HIS B 518 17.78 9.98 14.75
N ALA B 519 17.49 8.88 14.06
CA ALA B 519 17.20 7.61 14.71
C ALA B 519 17.87 6.45 13.98
N VAL B 520 19.17 6.30 14.21
CA VAL B 520 19.94 5.25 13.56
C VAL B 520 19.81 3.92 14.30
N PHE B 521 19.19 2.94 13.65
CA PHE B 521 19.00 1.62 14.24
C PHE B 521 20.20 0.72 13.96
N ALA B 522 21.28 0.94 14.70
CA ALA B 522 22.50 0.18 14.52
C ALA B 522 22.54 -1.07 15.41
N VAL B 523 23.06 -2.16 14.85
CA VAL B 523 23.21 -3.39 15.60
C VAL B 523 24.68 -3.77 15.72
N PHE B 524 25.34 -3.28 16.76
CA PHE B 524 26.76 -3.53 16.96
C PHE B 524 27.02 -4.92 17.52
N ASP B 525 27.90 -5.65 16.86
CA ASP B 525 28.24 -7.01 17.27
C ASP B 525 29.71 -7.10 17.66
N GLU B 526 29.99 -6.97 18.95
CA GLU B 526 31.35 -6.96 19.46
C GLU B 526 32.22 -8.05 18.84
N ASN B 527 31.71 -9.28 18.85
CA ASN B 527 32.45 -10.41 18.30
C ASN B 527 32.93 -10.14 16.88
N LYS B 528 32.58 -8.96 16.36
CA LYS B 528 33.05 -8.51 15.06
C LYS B 528 33.73 -7.16 15.18
N SER B 529 34.27 -6.88 16.36
CA SER B 529 35.04 -5.66 16.61
C SER B 529 36.54 -5.96 16.61
N TRP B 530 37.33 -4.91 16.77
CA TRP B 530 38.78 -5.04 16.82
C TRP B 530 39.25 -5.06 18.27
N TYR B 531 38.30 -4.88 19.18
CA TYR B 531 38.60 -4.87 20.60
C TYR B 531 37.92 -6.05 21.28
N LEU B 532 37.48 -7.00 20.47
CA LEU B 532 36.77 -8.17 20.96
C LEU B 532 37.49 -8.84 22.13
N GLU B 533 38.82 -8.74 22.15
CA GLU B 533 39.59 -9.35 23.23
C GLU B 533 40.11 -8.30 24.21
N ASP B 534 40.11 -7.04 23.79
CA ASP B 534 40.45 -5.94 24.69
C ASP B 534 39.32 -5.77 25.70
N ASN B 535 38.16 -6.33 25.37
CA ASN B 535 37.00 -6.29 26.25
C ASN B 535 36.93 -7.56 27.09
N ILE B 536 37.17 -8.70 26.47
CA ILE B 536 37.15 -9.99 27.16
C ILE B 536 38.30 -10.07 28.15
N LYS B 537 39.44 -9.48 27.80
CA LYS B 537 40.61 -9.47 28.66
C LYS B 537 40.59 -8.24 29.58
N LYS B 538 39.40 -7.78 29.94
CA LYS B 538 39.26 -6.60 30.78
C LYS B 538 37.97 -6.62 31.60
N TYR B 539 36.84 -6.83 30.92
CA TYR B 539 35.53 -6.77 31.57
C TYR B 539 35.00 -8.15 31.94
N CYS B 540 35.79 -9.19 31.69
CA CYS B 540 35.35 -10.56 31.96
C CYS B 540 35.59 -10.99 33.40
N SER B 541 34.89 -12.04 33.83
CA SER B 541 35.07 -12.60 35.17
C SER B 541 36.37 -13.41 35.21
N ASN B 542 36.48 -14.37 34.30
CA ASN B 542 37.76 -15.04 34.05
C ASN B 542 37.99 -15.28 32.57
N PRO B 543 38.60 -14.30 31.89
CA PRO B 543 38.90 -14.39 30.46
C PRO B 543 39.49 -15.76 30.13
N SER B 544 40.26 -16.30 31.07
CA SER B 544 40.89 -17.60 30.90
C SER B 544 40.00 -18.56 30.10
N ALA B 545 38.81 -18.82 30.62
CA ALA B 545 37.89 -19.76 29.98
C ALA B 545 37.00 -19.08 28.94
N VAL B 546 37.04 -17.75 28.91
CA VAL B 546 36.24 -16.99 27.95
C VAL B 546 36.23 -17.68 26.59
N LYS B 547 35.06 -18.19 26.19
CA LYS B 547 34.95 -18.98 24.97
C LYS B 547 34.19 -18.25 23.87
N LYS B 548 34.83 -17.26 23.25
CA LYS B 548 34.22 -16.51 22.16
C LYS B 548 33.58 -17.46 21.14
N ASP B 549 32.33 -17.19 20.79
CA ASP B 549 31.58 -18.00 19.84
C ASP B 549 30.65 -18.97 20.56
N ASP B 550 30.86 -19.13 21.86
CA ASP B 550 29.93 -19.91 22.68
C ASP B 550 28.57 -19.24 22.66
N PRO B 551 27.63 -19.81 21.90
CA PRO B 551 26.31 -19.23 21.70
C PRO B 551 25.97 -18.20 22.78
N LYS B 552 25.31 -18.63 23.84
CA LYS B 552 24.93 -17.73 24.93
C LYS B 552 25.84 -16.51 24.99
N PHE B 553 27.15 -16.74 24.91
CA PHE B 553 28.13 -15.68 24.99
C PHE B 553 28.10 -14.75 23.78
N TYR B 554 28.17 -15.34 22.59
CA TYR B 554 28.18 -14.58 21.35
C TYR B 554 26.99 -13.64 21.28
N LYS B 555 25.79 -14.21 21.29
CA LYS B 555 24.56 -13.42 21.24
C LYS B 555 24.63 -12.25 22.22
N SER B 556 25.27 -12.48 23.35
CA SER B 556 25.46 -11.42 24.34
C SER B 556 26.08 -10.20 23.69
N ASN B 557 27.33 -10.34 23.23
CA ASN B 557 28.05 -9.26 22.59
C ASN B 557 27.28 -8.60 21.45
N VAL B 558 26.68 -9.42 20.59
CA VAL B 558 25.91 -8.92 19.46
C VAL B 558 24.61 -8.28 19.93
N MET B 559 24.70 -7.03 20.37
CA MET B 559 23.52 -6.35 20.91
C MET B 559 22.94 -5.27 20.00
N TYR B 560 21.65 -4.99 20.19
CA TYR B 560 20.92 -4.04 19.37
C TYR B 560 20.99 -2.63 19.93
N THR B 561 20.94 -1.64 19.05
CA THR B 561 21.01 -0.25 19.47
C THR B 561 20.08 0.68 18.70
N LEU B 562 19.69 1.76 19.36
CA LEU B 562 19.10 2.91 18.70
C LEU B 562 19.95 4.11 19.07
N ASN B 563 20.69 4.64 18.09
CA ASN B 563 21.63 5.72 18.35
C ASN B 563 22.67 5.33 19.40
N GLY B 564 22.98 4.04 19.46
CA GLY B 564 23.99 3.54 20.39
C GLY B 564 23.43 3.09 21.73
N TYR B 565 22.20 3.51 22.04
CA TYR B 565 21.57 3.11 23.28
C TYR B 565 20.88 1.75 23.12
N ALA B 566 21.36 0.77 23.88
CA ALA B 566 20.90 -0.61 23.74
C ALA B 566 19.60 -0.89 24.50
N SER B 567 18.93 0.17 24.92
CA SER B 567 17.67 0.04 25.64
C SER B 567 17.04 1.41 25.86
N ASP B 568 15.75 1.43 26.18
CA ASP B 568 15.09 2.69 26.49
C ASP B 568 15.77 3.28 27.72
N ARG B 569 15.68 4.60 27.87
CA ARG B 569 16.27 5.27 29.01
C ARG B 569 15.25 6.04 29.84
N THR B 570 15.73 6.75 30.85
CA THR B 570 14.85 7.50 31.75
C THR B 570 14.41 8.83 31.13
N GLU B 571 15.27 9.42 30.31
CA GLU B 571 14.96 10.69 29.65
C GLU B 571 14.08 10.47 28.42
N VAL B 572 13.23 11.44 28.12
CA VAL B 572 12.33 11.35 26.99
C VAL B 572 12.61 12.46 25.97
N LEU B 573 12.66 12.09 24.69
CA LEU B 573 12.86 13.06 23.63
C LEU B 573 11.61 13.93 23.50
N ARG B 574 11.72 15.18 23.93
CA ARG B 574 10.56 16.07 24.02
C ARG B 574 10.41 17.01 22.82
N PHE B 575 9.22 17.02 22.23
CA PHE B 575 8.91 17.92 21.12
C PHE B 575 7.68 18.76 21.46
N HIS B 576 7.47 19.82 20.70
CA HIS B 576 6.34 20.72 20.94
C HIS B 576 5.06 20.26 20.27
N GLN B 577 4.01 21.04 20.40
CA GLN B 577 2.72 20.73 19.77
C GLN B 577 2.53 21.54 18.49
N SER B 578 1.99 20.88 17.47
CA SER B 578 1.70 21.54 16.20
C SER B 578 2.98 21.88 15.42
N GLU B 579 4.12 21.38 15.89
CA GLU B 579 5.39 21.62 15.21
C GLU B 579 5.82 20.43 14.35
N VAL B 580 6.55 20.72 13.28
CA VAL B 580 6.94 19.70 12.32
C VAL B 580 8.40 19.28 12.50
N VAL B 581 8.60 18.08 13.03
CA VAL B 581 9.96 17.55 13.22
C VAL B 581 10.36 16.59 12.09
N GLN B 582 11.42 16.94 11.38
CA GLN B 582 11.91 16.09 10.30
C GLN B 582 12.89 15.05 10.81
N TRP B 583 12.58 13.79 10.55
CA TRP B 583 13.41 12.68 11.01
C TRP B 583 14.38 12.25 9.93
N HIS B 584 15.29 11.37 10.31
CA HIS B 584 16.25 10.80 9.38
C HIS B 584 16.70 9.43 9.86
N LEU B 585 15.93 8.41 9.48
CA LEU B 585 16.18 7.04 9.94
C LEU B 585 17.08 6.27 8.98
N THR B 586 17.86 5.36 9.52
CA THR B 586 18.81 4.57 8.75
C THR B 586 19.31 3.38 9.56
N SER B 587 18.92 2.18 9.15
CA SER B 587 19.35 0.98 9.85
C SER B 587 20.75 0.56 9.44
N VAL B 588 21.72 0.80 10.31
CA VAL B 588 23.09 0.38 10.07
C VAL B 588 23.37 -0.92 10.83
N GLY B 589 24.66 -1.19 11.06
CA GLY B 589 25.05 -2.40 11.78
C GLY B 589 25.07 -3.63 10.90
N THR B 590 24.87 -4.79 11.51
CA THR B 590 24.87 -6.05 10.78
C THR B 590 23.46 -6.60 10.64
N VAL B 591 22.49 -5.70 10.48
CA VAL B 591 21.09 -6.10 10.34
C VAL B 591 20.90 -7.00 9.12
N ASP B 592 20.25 -8.14 9.33
CA ASP B 592 19.99 -9.09 8.25
C ASP B 592 18.54 -9.01 7.78
N GLU B 593 17.66 -8.57 8.68
CA GLU B 593 16.24 -8.46 8.38
C GLU B 593 15.86 -7.01 8.09
N ILE B 594 14.63 -6.80 7.64
CA ILE B 594 14.13 -5.47 7.40
C ILE B 594 13.67 -4.84 8.72
N VAL B 595 14.41 -3.83 9.18
CA VAL B 595 14.10 -3.18 10.45
C VAL B 595 12.90 -2.24 10.34
N PRO B 596 11.72 -2.71 10.76
CA PRO B 596 10.53 -1.88 10.75
C PRO B 596 10.57 -0.89 11.91
N VAL B 597 9.69 0.10 11.91
CA VAL B 597 9.61 1.04 13.02
C VAL B 597 8.22 1.64 13.20
N HIS B 598 7.94 2.06 14.43
CA HIS B 598 6.58 2.38 14.84
C HIS B 598 6.54 3.70 15.58
N LEU B 599 5.41 4.41 15.47
CA LEU B 599 5.21 5.65 16.20
C LEU B 599 4.07 5.54 17.20
N SER B 600 3.07 6.39 17.03
CA SER B 600 1.90 6.40 17.90
C SER B 600 1.18 7.74 17.74
N GLY B 601 -0.13 7.70 17.62
CA GLY B 601 -0.90 8.92 17.39
C GLY B 601 -0.30 9.75 16.27
N HIS B 602 1.03 9.79 16.23
CA HIS B 602 1.74 10.54 15.21
C HIS B 602 2.15 9.62 14.06
N THR B 603 2.31 10.20 12.87
CA THR B 603 2.63 9.42 11.67
C THR B 603 3.74 10.05 10.85
N PHE B 604 4.56 9.21 10.23
CA PHE B 604 5.60 9.67 9.31
C PHE B 604 4.97 10.20 8.02
N LEU B 605 5.63 11.15 7.38
CA LEU B 605 5.18 11.66 6.11
C LEU B 605 6.20 11.38 5.02
N SER B 606 6.30 10.12 4.62
CA SER B 606 7.29 9.68 3.63
C SER B 606 6.78 9.82 2.21
N LYS B 607 7.69 9.78 1.25
CA LYS B 607 7.33 9.86 -0.16
C LYS B 607 5.91 10.38 -0.33
N GLY B 608 5.67 11.61 0.12
CA GLY B 608 4.36 12.26 -0.04
C GLY B 608 3.20 11.40 0.42
N LYS B 609 3.46 10.49 1.35
CA LYS B 609 2.41 9.62 1.89
C LYS B 609 2.56 9.46 3.41
N HIS B 610 1.44 9.16 4.07
CA HIS B 610 1.44 8.93 5.51
C HIS B 610 1.56 7.44 5.82
N GLN B 611 2.38 7.12 6.82
CA GLN B 611 2.55 5.73 7.24
C GLN B 611 2.88 5.61 8.73
N ASP B 612 2.04 4.88 9.44
CA ASP B 612 2.22 4.69 10.87
C ASP B 612 3.42 3.79 11.15
N ILE B 613 4.05 3.30 10.09
CA ILE B 613 5.22 2.46 10.22
C ILE B 613 6.20 2.69 9.06
N LEU B 614 7.46 2.33 9.26
CA LEU B 614 8.48 2.47 8.22
C LEU B 614 9.47 1.31 8.25
N ASN B 615 9.52 0.55 7.17
CA ASN B 615 10.48 -0.54 7.05
C ASN B 615 11.82 -0.04 6.51
N LEU B 616 12.91 -0.46 7.12
CA LEU B 616 14.22 0.05 6.76
C LEU B 616 15.18 -1.02 6.24
N PHE B 617 15.37 -1.03 4.92
CA PHE B 617 16.37 -1.89 4.31
C PHE B 617 17.75 -1.45 4.78
N PRO B 618 18.56 -2.39 5.25
CA PRO B 618 19.84 -2.06 5.85
C PRO B 618 20.69 -1.16 4.96
N MET B 619 21.16 -0.04 5.52
CA MET B 619 22.14 0.82 4.85
C MET B 619 21.55 1.82 3.88
N SER B 620 20.23 1.82 3.72
CA SER B 620 19.56 2.83 2.91
C SER B 620 18.56 3.61 3.77
N GLY B 621 18.89 4.87 4.05
CA GLY B 621 18.09 5.68 4.95
C GLY B 621 16.84 6.26 4.31
N GLU B 622 15.97 6.82 5.15
CA GLU B 622 14.74 7.44 4.69
C GLU B 622 14.43 8.69 5.52
N SER B 623 13.88 9.70 4.87
CA SER B 623 13.65 10.99 5.54
C SER B 623 12.18 11.40 5.57
N ALA B 624 11.51 11.11 6.68
CA ALA B 624 10.11 11.49 6.85
C ALA B 624 9.99 12.83 7.57
N THR B 625 8.77 13.25 7.86
CA THR B 625 8.52 14.52 8.54
C THR B 625 7.28 14.43 9.43
N VAL B 626 7.42 13.72 10.54
CA VAL B 626 6.30 13.48 11.44
C VAL B 626 5.93 14.74 12.23
N THR B 627 4.87 15.41 11.80
CA THR B 627 4.38 16.58 12.52
C THR B 627 3.71 16.15 13.82
N MET B 628 3.68 17.06 14.80
CA MET B 628 3.09 16.75 16.11
C MET B 628 1.62 17.15 16.18
N ASP B 629 0.77 16.38 15.52
CA ASP B 629 -0.65 16.67 15.48
C ASP B 629 -1.38 16.16 16.73
N ASN B 630 -0.66 15.45 17.58
CA ASN B 630 -1.24 14.93 18.81
C ASN B 630 -0.34 15.16 20.01
N LEU B 631 -0.96 15.35 21.18
CA LEU B 631 -0.20 15.62 22.40
C LEU B 631 -0.21 14.43 23.36
N GLY B 632 0.70 14.45 24.33
CA GLY B 632 0.88 13.34 25.25
C GLY B 632 2.16 12.58 24.94
N THR B 633 2.63 11.80 25.91
CA THR B 633 3.82 10.99 25.71
C THR B 633 3.50 9.76 24.85
N TRP B 634 4.47 9.33 24.06
CA TRP B 634 4.25 8.20 23.16
C TRP B 634 5.50 7.34 23.03
N LEU B 635 5.33 6.14 22.47
CA LEU B 635 6.43 5.20 22.31
C LEU B 635 6.83 5.03 20.85
N LEU B 636 8.13 4.96 20.61
CA LEU B 636 8.65 4.64 19.28
C LEU B 636 9.53 3.40 19.41
N SER B 637 9.29 2.41 18.55
CA SER B 637 10.02 1.14 18.65
C SER B 637 9.94 0.28 17.40
N SER B 638 10.92 -0.61 17.25
CA SER B 638 10.90 -1.62 16.19
C SER B 638 10.47 -2.94 16.82
N TRP B 639 9.44 -3.55 16.24
CA TRP B 639 8.84 -4.75 16.81
C TRP B 639 9.20 -6.00 16.01
N GLY B 640 9.98 -6.88 16.64
CA GLY B 640 10.38 -8.13 16.02
C GLY B 640 10.96 -9.10 17.05
N SER B 641 12.27 -9.23 17.05
CA SER B 641 12.94 -10.08 18.02
C SER B 641 12.69 -9.57 19.44
N CYS B 642 12.65 -10.50 20.39
CA CYS B 642 12.60 -10.13 21.79
C CYS B 642 13.84 -9.28 22.08
N GLU B 643 14.64 -9.09 21.03
CA GLU B 643 15.84 -8.27 21.10
C GLU B 643 15.58 -6.91 20.46
N MET B 644 14.91 -6.94 19.31
CA MET B 644 14.57 -5.70 18.59
C MET B 644 13.57 -4.86 19.39
N SER B 645 12.80 -5.51 20.26
CA SER B 645 11.76 -4.84 21.02
C SER B 645 12.34 -3.84 22.02
N ASN B 646 13.38 -4.25 22.72
CA ASN B 646 13.98 -3.41 23.75
C ASN B 646 15.25 -2.73 23.29
N GLY B 647 16.05 -3.44 22.50
CA GLY B 647 17.33 -2.92 22.02
C GLY B 647 17.17 -1.72 21.11
N MET B 648 15.95 -1.50 20.64
CA MET B 648 15.67 -0.39 19.74
C MET B 648 14.32 0.26 20.06
N ARG B 649 14.32 1.17 21.01
CA ARG B 649 13.10 1.91 21.35
C ARG B 649 13.39 3.17 22.16
N LEU B 650 12.37 4.02 22.29
CA LEU B 650 12.48 5.25 23.05
C LEU B 650 11.13 5.96 23.13
N ARG B 651 10.97 6.82 24.13
CA ARG B 651 9.73 7.57 24.29
C ARG B 651 9.94 9.04 23.94
N PHE B 652 8.85 9.73 23.59
CA PHE B 652 8.93 11.15 23.27
C PHE B 652 7.66 11.87 23.73
N LEU B 653 7.85 13.01 24.38
CA LEU B 653 6.73 13.80 24.87
C LEU B 653 6.21 14.73 23.79
N ASP B 654 4.92 15.03 23.83
CA ASP B 654 4.32 15.95 22.87
C ASP B 654 3.23 16.78 23.54
N ALA B 655 3.62 17.94 24.07
CA ALA B 655 2.68 18.82 24.75
C ALA B 655 2.91 20.29 24.39
N ASN B 656 2.17 21.17 25.05
CA ASN B 656 2.31 22.61 24.81
C ASN B 656 3.42 23.24 25.64
N TYR B 657 3.05 24.24 26.44
CA TYR B 657 4.01 25.01 27.21
C TYR B 657 3.46 25.37 28.59
N ASP B 658 2.22 25.00 29.12
CA ASP B 658 0.93 25.65 29.31
C ASP B 658 0.93 26.58 30.50
N ASP B 659 -0.16 27.31 30.63
CA ASP B 659 -0.98 27.40 31.81
C ASP B 659 -1.90 28.61 31.89
N GLU B 660 -1.33 29.81 32.01
CA GLU B 660 0.10 30.06 32.25
C GLU B 660 0.33 29.98 33.77
N ASP B 661 1.62 30.09 34.10
CA ASP B 661 2.08 30.35 35.44
C ASP B 661 1.70 31.77 35.72
N GLU B 662 1.90 32.64 34.74
CA GLU B 662 1.74 34.07 34.92
C GLU B 662 0.33 34.61 35.18
N GLY B 663 -0.67 34.19 34.40
CA GLY B 663 -2.00 34.74 34.60
C GLY B 663 -2.61 34.33 35.93
N ASN B 664 -2.49 33.04 36.20
CA ASN B 664 -2.98 32.47 37.44
C ASN B 664 -2.18 33.10 38.55
N GLU B 665 -0.90 33.28 38.29
CA GLU B 665 -0.02 33.80 39.31
C GLU B 665 -0.50 35.17 39.68
N GLU B 666 -0.79 36.02 38.71
CA GLU B 666 -1.17 37.39 39.03
C GLU B 666 -2.44 37.32 39.82
N GLU B 667 -3.36 36.48 39.35
CA GLU B 667 -4.69 36.45 39.93
C GLU B 667 -4.64 36.07 41.41
N GLU B 668 -3.78 35.11 41.75
CA GLU B 668 -3.75 34.62 43.13
C GLU B 668 -2.47 34.95 43.86
N GLU B 669 -1.72 35.93 43.34
CA GLU B 669 -0.27 35.91 43.49
C GLU B 669 0.54 36.94 42.71
N ASP B 670 1.76 36.55 42.32
CA ASP B 670 2.91 37.45 42.28
C ASP B 670 3.21 37.59 40.82
N ASP B 671 2.87 38.61 40.11
CA ASP B 671 3.05 39.09 38.74
C ASP B 671 4.52 39.35 38.43
N GLY B 672 4.88 39.20 37.15
CA GLY B 672 6.26 39.39 36.73
C GLY B 672 6.39 40.40 35.60
N ASP B 673 7.54 40.34 34.92
CA ASP B 673 7.82 41.26 33.81
C ASP B 673 6.73 41.22 32.75
N ILE B 674 6.62 42.31 31.99
CA ILE B 674 5.66 42.39 30.90
C ILE B 674 6.25 41.79 29.62
N PHE B 675 7.45 42.23 29.27
CA PHE B 675 8.13 41.76 28.06
C PHE B 675 7.82 42.65 26.87
N ALA B 676 7.60 43.93 27.12
CA ALA B 676 7.24 44.87 26.06
C ALA B 676 8.02 46.17 26.15
N ASP B 677 8.16 46.84 25.02
CA ASP B 677 8.80 48.15 24.96
C ASP B 677 7.72 49.23 24.78
N ILE B 678 7.66 50.16 25.72
CA ILE B 678 6.63 51.20 25.70
C ILE B 678 6.89 52.25 24.62
N PHE B 679 5.86 53.03 24.30
CA PHE B 679 5.96 54.05 23.27
C PHE B 679 4.58 54.64 22.97
N ILE B 680 4.53 55.92 22.61
CA ILE B 680 3.25 56.58 22.36
C ILE B 680 3.36 57.95 21.67
N PRO B 681 4.58 58.53 21.66
CA PRO B 681 4.81 59.86 21.11
C PRO B 681 4.19 60.08 19.74
N SER B 682 3.65 61.28 19.52
CA SER B 682 3.02 61.64 18.26
C SER B 682 2.02 62.77 18.47
N GLU B 683 2.32 63.94 17.92
CA GLU B 683 1.46 65.11 18.08
C GLU B 683 0.42 65.19 16.96
N GLY B 793 -18.18 16.89 10.25
CA GLY B 793 -17.87 15.49 10.53
C GLY B 793 -19.05 14.75 11.13
N ASN B 794 -19.27 13.52 10.65
CA ASN B 794 -20.37 12.70 11.15
C ASN B 794 -19.88 11.53 12.01
N LYS B 795 -20.72 11.12 12.95
CA LYS B 795 -20.36 10.04 13.87
C LYS B 795 -20.23 8.70 13.14
N ARG B 796 -20.33 7.62 13.91
CA ARG B 796 -20.21 6.27 13.36
C ARG B 796 -19.77 5.31 14.47
N ARG B 797 -20.58 4.29 14.72
CA ARG B 797 -20.33 3.38 15.83
C ARG B 797 -20.39 1.92 15.41
N TYR B 798 -19.56 1.10 16.04
CA TYR B 798 -19.57 -0.35 15.82
C TYR B 798 -19.64 -1.07 17.16
N TYR B 799 -20.04 -2.34 17.13
CA TYR B 799 -20.13 -3.13 18.35
C TYR B 799 -19.33 -4.42 18.20
N ILE B 800 -18.01 -4.32 18.33
CA ILE B 800 -17.13 -5.47 18.16
C ILE B 800 -16.99 -6.29 19.44
N ALA B 801 -16.32 -7.43 19.33
CA ALA B 801 -16.12 -8.31 20.49
C ALA B 801 -15.14 -9.42 20.14
N ALA B 802 -14.15 -9.62 21.00
CA ALA B 802 -13.11 -10.62 20.76
C ALA B 802 -13.57 -12.02 21.16
N GLU B 803 -14.21 -12.72 20.24
CA GLU B 803 -14.74 -14.05 20.51
C GLU B 803 -13.68 -15.14 20.30
N GLU B 804 -14.02 -16.36 20.71
CA GLU B 804 -13.13 -17.50 20.61
C GLU B 804 -13.67 -18.50 19.59
N VAL B 805 -12.83 -18.89 18.64
CA VAL B 805 -13.26 -19.81 17.58
C VAL B 805 -12.25 -20.91 17.30
N LEU B 806 -12.73 -21.97 16.65
CA LEU B 806 -11.87 -23.05 16.19
C LEU B 806 -11.63 -22.87 14.69
N TRP B 807 -10.37 -22.96 14.29
CA TRP B 807 -9.97 -22.64 12.93
C TRP B 807 -9.10 -23.75 12.35
N ASP B 808 -9.52 -24.31 11.22
CA ASP B 808 -8.65 -25.22 10.48
C ASP B 808 -8.47 -24.73 9.05
N TYR B 809 -7.21 -24.73 8.60
CA TYR B 809 -6.85 -24.13 7.33
C TYR B 809 -7.00 -25.09 6.16
N SER B 810 -7.85 -26.10 6.33
CA SER B 810 -8.10 -27.08 5.28
C SER B 810 -9.49 -27.70 5.41
N PRO B 811 -10.53 -26.94 5.05
CA PRO B 811 -11.90 -27.43 5.09
C PRO B 811 -12.12 -28.60 4.12
N LYS B 823 -3.75 -30.73 13.58
CA LYS B 823 -4.21 -31.41 12.37
C LYS B 823 -4.97 -30.46 11.45
N THR B 824 -4.52 -29.21 11.39
CA THR B 824 -5.12 -28.20 10.54
C THR B 824 -6.33 -27.54 11.17
N THR B 825 -6.72 -28.02 12.36
CA THR B 825 -7.84 -27.45 13.08
C THR B 825 -7.41 -26.98 14.47
N PHE B 826 -7.22 -25.67 14.61
CA PHE B 826 -6.79 -25.08 15.88
C PHE B 826 -7.87 -24.19 16.47
N LYS B 827 -7.70 -23.81 17.72
CA LYS B 827 -8.57 -22.86 18.37
C LYS B 827 -7.96 -21.47 18.27
N LYS B 828 -8.78 -20.47 18.03
CA LYS B 828 -8.27 -19.11 17.90
C LYS B 828 -9.24 -18.04 18.39
N ALA B 829 -8.70 -16.89 18.76
CA ALA B 829 -9.49 -15.74 19.15
C ALA B 829 -9.65 -14.83 17.94
N ILE B 830 -10.90 -14.49 17.62
CA ILE B 830 -11.21 -13.68 16.46
C ILE B 830 -12.00 -12.44 16.88
N PHE B 831 -12.54 -11.72 15.89
CA PHE B 831 -13.40 -10.57 16.18
C PHE B 831 -14.85 -10.90 15.86
N ARG B 832 -15.52 -9.96 15.20
CA ARG B 832 -16.91 -10.16 14.79
C ARG B 832 -17.80 -9.03 15.27
N SER B 833 -18.67 -8.55 14.39
CA SER B 833 -19.53 -7.42 14.70
C SER B 833 -20.88 -7.88 15.25
N TYR B 834 -21.46 -7.04 16.11
CA TYR B 834 -22.80 -7.32 16.66
C TYR B 834 -23.77 -6.21 16.27
N LEU B 835 -25.05 -6.56 16.20
CA LEU B 835 -26.08 -5.62 15.77
C LEU B 835 -26.08 -4.34 16.59
N ASP B 836 -25.94 -4.47 17.90
CA ASP B 836 -25.91 -3.32 18.79
C ASP B 836 -25.18 -3.62 20.10
N ASP B 837 -25.32 -2.71 21.06
CA ASP B 837 -24.61 -2.82 22.33
C ASP B 837 -25.12 -3.96 23.22
N THR B 838 -26.25 -4.55 22.83
CA THR B 838 -26.81 -5.66 23.60
C THR B 838 -25.92 -6.89 23.48
N PHE B 839 -25.43 -7.14 22.27
CA PHE B 839 -24.59 -8.31 22.02
C PHE B 839 -25.38 -9.59 22.11
N GLN B 840 -24.74 -10.72 21.78
CA GLN B 840 -25.42 -12.00 21.71
C GLN B 840 -26.15 -12.13 20.38
N THR B 841 -26.19 -11.03 19.63
CA THR B 841 -26.80 -11.00 18.31
C THR B 841 -25.80 -10.55 17.25
N PRO B 842 -24.78 -11.38 16.98
CA PRO B 842 -23.73 -11.05 16.02
C PRO B 842 -24.30 -10.80 14.62
N SER B 843 -23.86 -9.72 13.98
CA SER B 843 -24.30 -9.39 12.63
C SER B 843 -23.93 -10.51 11.67
N THR B 844 -24.84 -10.79 10.74
CA THR B 844 -24.70 -11.93 9.82
C THR B 844 -23.80 -11.65 8.62
N GLY B 845 -23.37 -12.70 7.95
CA GLY B 845 -22.46 -12.59 6.82
C GLY B 845 -23.12 -12.12 5.54
N GLY B 846 -22.34 -11.43 4.71
CA GLY B 846 -22.81 -10.99 3.40
C GLY B 846 -22.01 -11.66 2.30
N GLU B 847 -22.31 -11.31 1.06
CA GLU B 847 -21.62 -11.90 -0.08
C GLU B 847 -20.18 -11.41 -0.18
N TYR B 848 -19.99 -10.10 -0.07
CA TYR B 848 -18.66 -9.51 -0.14
C TYR B 848 -17.78 -10.06 0.96
N GLU B 849 -18.27 -10.01 2.20
CA GLU B 849 -17.54 -10.48 3.36
C GLU B 849 -17.20 -11.96 3.26
N LYS B 850 -17.45 -12.55 2.09
CA LYS B 850 -17.19 -13.97 1.87
C LYS B 850 -15.72 -14.22 1.53
N HIS B 851 -14.92 -13.16 1.59
CA HIS B 851 -13.51 -13.27 1.25
C HIS B 851 -12.63 -12.74 2.37
N LEU B 852 -13.17 -11.81 3.16
CA LEU B 852 -12.44 -11.23 4.27
C LEU B 852 -11.63 -12.29 5.01
N GLY B 853 -12.17 -13.50 5.07
CA GLY B 853 -11.50 -14.61 5.74
C GLY B 853 -11.60 -14.50 7.24
N ILE B 854 -10.45 -14.44 7.90
CA ILE B 854 -10.40 -14.33 9.36
C ILE B 854 -10.58 -12.88 9.79
N LEU B 855 -9.96 -11.96 9.04
CA LEU B 855 -10.05 -10.54 9.31
C LEU B 855 -11.37 -10.15 9.97
N GLY B 856 -11.30 -9.29 10.98
CA GLY B 856 -12.49 -8.77 11.63
C GLY B 856 -13.28 -7.89 10.69
N PRO B 857 -14.41 -7.34 11.16
CA PRO B 857 -15.28 -6.50 10.34
C PRO B 857 -14.55 -5.29 9.79
N ILE B 858 -15.04 -4.74 8.69
CA ILE B 858 -14.41 -3.59 8.06
C ILE B 858 -14.82 -2.28 8.72
N ILE B 859 -13.97 -1.78 9.61
CA ILE B 859 -14.20 -0.48 10.24
C ILE B 859 -13.99 0.61 9.19
N ARG B 860 -15.09 1.16 8.70
CA ARG B 860 -15.04 2.15 7.63
C ARG B 860 -15.54 3.52 8.10
N ALA B 861 -14.89 4.58 7.63
CA ALA B 861 -15.31 5.94 7.96
C ALA B 861 -14.82 6.94 6.92
N GLU B 862 -15.10 8.21 7.16
CA GLU B 862 -14.61 9.28 6.29
C GLU B 862 -13.89 10.33 7.13
N VAL B 863 -13.09 11.17 6.48
CA VAL B 863 -12.30 12.16 7.19
C VAL B 863 -13.15 13.03 8.11
N ASP B 864 -12.62 13.33 9.29
CA ASP B 864 -13.29 14.20 10.25
C ASP B 864 -14.39 13.48 11.04
N ASP B 865 -14.80 12.31 10.54
CA ASP B 865 -15.75 11.48 11.26
C ASP B 865 -15.11 10.94 12.53
N VAL B 866 -15.95 10.59 13.50
CA VAL B 866 -15.45 10.01 14.75
C VAL B 866 -16.00 8.60 14.93
N ILE B 867 -15.12 7.67 15.27
CA ILE B 867 -15.51 6.28 15.47
C ILE B 867 -15.74 5.97 16.94
N GLU B 868 -16.77 5.19 17.22
CA GLU B 868 -17.08 4.78 18.59
C GLU B 868 -17.16 3.26 18.68
N ILE B 869 -15.99 2.63 18.85
CA ILE B 869 -15.92 1.18 18.93
C ILE B 869 -16.21 0.68 20.34
N GLN B 870 -17.36 0.04 20.53
CA GLN B 870 -17.71 -0.54 21.82
C GLN B 870 -17.21 -1.98 21.93
N PHE B 871 -15.89 -2.12 22.02
CA PHE B 871 -15.26 -3.42 22.14
C PHE B 871 -15.54 -4.04 23.51
N LYS B 872 -15.65 -5.36 23.53
CA LYS B 872 -15.83 -6.09 24.78
C LYS B 872 -15.24 -7.50 24.66
N ASN B 873 -14.25 -7.80 25.48
CA ASN B 873 -13.58 -9.10 25.44
C ASN B 873 -14.59 -10.25 25.58
N LEU B 874 -14.11 -11.47 25.39
CA LEU B 874 -14.95 -12.66 25.44
C LEU B 874 -14.09 -13.91 25.35
N ALA B 875 -12.86 -13.83 25.86
CA ALA B 875 -11.91 -14.92 25.72
C ALA B 875 -11.18 -15.25 27.02
N SER B 876 -10.27 -16.21 26.94
CA SER B 876 -9.52 -16.69 28.10
C SER B 876 -8.54 -15.65 28.64
N ARG B 877 -7.83 -14.98 27.75
CA ARG B 877 -6.85 -13.98 28.15
C ARG B 877 -7.25 -12.58 27.67
N PRO B 878 -6.82 -11.55 28.41
CA PRO B 878 -7.16 -10.17 28.11
C PRO B 878 -6.64 -9.71 26.75
N TYR B 879 -7.46 -8.95 26.02
CA TYR B 879 -7.07 -8.41 24.73
C TYR B 879 -7.43 -6.93 24.63
N SER B 880 -7.03 -6.29 23.54
CA SER B 880 -7.27 -4.85 23.38
C SER B 880 -7.41 -4.44 21.91
N LEU B 881 -7.96 -3.24 21.70
CA LEU B 881 -8.10 -2.69 20.36
C LEU B 881 -7.11 -1.56 20.11
N HIS B 882 -6.16 -1.82 19.21
CA HIS B 882 -5.26 -0.77 18.73
C HIS B 882 -5.60 -0.42 17.30
N ALA B 883 -5.63 0.87 16.98
CA ALA B 883 -5.94 1.31 15.63
C ALA B 883 -4.77 2.08 15.03
N HIS B 884 -4.37 1.69 13.82
CA HIS B 884 -3.30 2.39 13.12
C HIS B 884 -3.82 3.64 12.41
N GLY B 885 -2.90 4.58 12.14
CA GLY B 885 -3.21 5.76 11.35
C GLY B 885 -4.10 6.80 12.02
N LEU B 886 -5.25 6.34 12.52
CA LEU B 886 -6.24 7.23 13.13
C LEU B 886 -5.66 8.04 14.31
N LEU B 887 -6.35 9.12 14.65
CA LEU B 887 -5.95 9.97 15.76
C LEU B 887 -6.65 9.55 17.05
N TYR B 888 -5.99 8.73 17.85
CA TYR B 888 -6.57 8.23 19.09
C TYR B 888 -5.86 8.81 20.30
N GLU B 889 -6.63 9.16 21.32
CA GLU B 889 -6.07 9.69 22.56
C GLU B 889 -5.44 8.57 23.40
N LYS B 890 -4.81 8.94 24.50
CA LYS B 890 -4.19 7.96 25.38
C LYS B 890 -5.22 7.04 26.02
N SER B 891 -6.50 7.38 25.83
CA SER B 891 -7.59 6.58 26.37
C SER B 891 -8.11 5.58 25.33
N SER B 892 -7.70 5.77 24.08
CA SER B 892 -8.10 4.89 22.99
C SER B 892 -6.91 4.31 22.26
N GLU B 893 -5.76 4.28 22.92
CA GLU B 893 -4.54 3.75 22.33
C GLU B 893 -4.54 2.23 22.31
N GLY B 894 -4.53 1.63 23.50
CA GLY B 894 -4.50 0.18 23.62
C GLY B 894 -3.06 -0.33 23.63
N ARG B 895 -2.29 0.13 24.60
CA ARG B 895 -0.90 -0.29 24.75
C ARG B 895 -0.30 0.25 26.05
N SER B 896 0.38 -0.61 26.80
CA SER B 896 0.98 -0.22 28.07
C SER B 896 2.49 -0.03 27.96
N TYR B 897 2.92 1.22 28.04
CA TYR B 897 4.34 1.54 28.14
C TYR B 897 4.55 2.76 29.04
N ASP B 898 5.82 3.14 29.23
CA ASP B 898 6.16 4.21 30.16
C ASP B 898 5.31 5.47 29.99
N ASP B 899 4.13 5.32 29.41
CA ASP B 899 3.21 6.44 29.28
C ASP B 899 3.03 7.11 30.63
N LYS B 900 3.08 8.44 30.65
CA LYS B 900 2.98 9.18 31.91
C LYS B 900 1.53 9.42 32.32
N SER B 901 0.59 9.11 31.44
CA SER B 901 -0.83 9.24 31.75
C SER B 901 -1.17 8.48 33.02
N PRO B 902 -2.24 8.89 33.72
CA PRO B 902 -2.67 8.24 34.94
C PRO B 902 -3.47 6.97 34.65
N GLU B 903 -3.96 6.32 35.70
CA GLU B 903 -4.77 5.11 35.55
C GLU B 903 -6.01 5.41 34.71
N LEU B 904 -6.37 6.69 34.62
CA LEU B 904 -7.53 7.12 33.84
C LEU B 904 -7.33 6.82 32.36
N PHE B 905 -6.09 6.88 31.90
CA PHE B 905 -5.77 6.65 30.50
C PHE B 905 -5.10 5.30 30.27
N LYS B 906 -5.00 4.50 31.33
CA LYS B 906 -4.38 3.18 31.23
C LYS B 906 -5.42 2.08 31.06
N LYS B 907 -6.65 2.35 31.49
CA LYS B 907 -7.74 1.37 31.44
C LYS B 907 -7.97 0.81 30.04
N ASP B 908 -7.49 1.53 29.03
CA ASP B 908 -7.62 1.09 27.65
C ASP B 908 -6.47 0.17 27.26
N ASP B 909 -5.43 0.17 28.09
CA ASP B 909 -4.22 -0.60 27.83
C ASP B 909 -4.48 -2.09 27.59
N ALA B 910 -5.55 -2.60 28.19
CA ALA B 910 -5.89 -4.02 28.05
C ALA B 910 -7.15 -4.36 28.83
N ILE B 911 -7.99 -5.21 28.25
CA ILE B 911 -9.27 -5.58 28.87
C ILE B 911 -9.37 -7.08 29.10
N MET B 912 -9.32 -7.47 30.36
CA MET B 912 -9.47 -8.89 30.73
C MET B 912 -10.84 -9.41 30.30
N PRO B 913 -10.97 -10.73 30.16
CA PRO B 913 -12.21 -11.33 29.69
C PRO B 913 -13.43 -10.60 30.24
N ASN B 914 -14.52 -10.61 29.47
CA ASN B 914 -15.74 -9.90 29.86
C ASN B 914 -15.55 -8.39 29.95
N GLY B 915 -14.30 -7.97 30.10
CA GLY B 915 -13.98 -6.56 30.11
C GLY B 915 -14.76 -5.84 29.04
N THR B 916 -15.13 -4.59 29.30
CA THR B 916 -15.89 -3.81 28.34
C THR B 916 -15.33 -2.40 28.26
N TYR B 917 -15.17 -1.91 27.04
CA TYR B 917 -14.59 -0.59 26.83
C TYR B 917 -15.24 0.13 25.67
N THR B 918 -14.71 1.32 25.34
CA THR B 918 -15.19 2.10 24.21
C THR B 918 -14.04 2.91 23.65
N TYR B 919 -13.73 2.70 22.39
CA TYR B 919 -12.60 3.37 21.75
C TYR B 919 -13.07 4.45 20.78
N VAL B 920 -13.08 5.70 21.26
CA VAL B 920 -13.44 6.82 20.40
C VAL B 920 -12.26 7.25 19.56
N TRP B 921 -12.22 6.79 18.31
CA TRP B 921 -11.15 7.16 17.38
C TRP B 921 -11.57 8.28 16.44
N GLN B 922 -10.61 9.10 16.04
CA GLN B 922 -10.90 10.30 15.27
C GLN B 922 -10.14 10.32 13.94
N VAL B 923 -10.88 10.54 12.86
CA VAL B 923 -10.28 10.59 11.53
C VAL B 923 -10.02 12.02 11.08
N PRO B 924 -8.75 12.45 11.19
CA PRO B 924 -8.28 13.74 10.73
C PRO B 924 -7.70 13.65 9.32
N PRO B 925 -7.77 14.75 8.56
CA PRO B 925 -7.31 14.79 7.17
C PRO B 925 -6.11 13.89 6.91
N ARG B 926 -5.17 13.83 7.85
CA ARG B 926 -3.95 13.08 7.65
C ARG B 926 -4.11 11.57 7.88
N SER B 927 -5.35 11.12 8.07
CA SER B 927 -5.61 9.71 8.32
C SER B 927 -6.44 9.10 7.20
N GLY B 928 -6.89 9.93 6.28
CA GLY B 928 -7.67 9.48 5.13
C GLY B 928 -6.86 9.52 3.87
N PRO B 929 -7.53 9.83 2.74
CA PRO B 929 -6.89 9.93 1.42
C PRO B 929 -6.06 11.21 1.28
N THR B 930 -4.88 11.09 0.70
CA THR B 930 -4.03 12.24 0.41
C THR B 930 -4.21 12.66 -1.04
N ASP B 931 -4.90 13.78 -1.25
CA ASP B 931 -5.20 14.31 -2.59
C ASP B 931 -6.30 13.54 -3.31
N ASN B 932 -7.00 14.22 -4.21
CA ASN B 932 -8.15 13.65 -4.91
C ASN B 932 -7.85 12.30 -5.58
N THR B 933 -6.72 12.23 -6.28
CA THR B 933 -6.30 10.99 -6.93
C THR B 933 -6.70 9.77 -6.09
N GLU B 934 -6.34 9.80 -4.82
CA GLU B 934 -6.64 8.71 -3.91
C GLU B 934 -8.12 8.68 -3.52
N LYS B 935 -8.66 7.49 -3.31
CA LYS B 935 -10.07 7.33 -2.97
C LYS B 935 -10.25 6.88 -1.52
N CYS B 936 -9.58 5.80 -1.14
CA CYS B 936 -9.68 5.27 0.22
C CYS B 936 -8.31 4.95 0.81
N LYS B 937 -8.10 5.32 2.07
CA LYS B 937 -6.87 5.02 2.78
C LYS B 937 -7.06 3.75 3.62
N SER B 938 -5.99 2.96 3.74
CA SER B 938 -6.07 1.69 4.44
C SER B 938 -5.34 1.73 5.77
N TRP B 939 -5.95 1.11 6.79
CA TRP B 939 -5.33 1.01 8.10
C TRP B 939 -5.76 -0.29 8.78
N ALA B 940 -4.94 -0.76 9.72
CA ALA B 940 -5.21 -2.03 10.40
C ALA B 940 -5.62 -1.81 11.86
N TYR B 941 -6.17 -2.84 12.49
CA TYR B 941 -6.50 -2.79 13.90
C TYR B 941 -6.35 -4.16 14.56
N TYR B 942 -5.52 -4.23 15.61
CA TYR B 942 -5.21 -5.49 16.27
C TYR B 942 -5.03 -5.34 17.78
N SER B 943 -4.56 -6.40 18.43
CA SER B 943 -4.36 -6.40 19.89
C SER B 943 -3.24 -5.46 20.33
N GLY B 944 -3.37 -4.97 21.55
CA GLY B 944 -2.36 -4.11 22.16
C GLY B 944 -1.58 -4.87 23.21
N VAL B 945 -2.30 -5.66 24.01
CA VAL B 945 -1.67 -6.47 25.05
C VAL B 945 -0.34 -7.02 24.55
N ASN B 946 -0.42 -7.89 23.55
CA ASN B 946 0.78 -8.41 22.89
C ASN B 946 0.53 -8.59 21.40
N PRO B 947 0.74 -7.53 20.62
CA PRO B 947 0.49 -7.47 19.18
C PRO B 947 0.82 -8.79 18.47
N GLU B 948 2.11 -9.10 18.35
CA GLU B 948 2.54 -10.26 17.57
C GLU B 948 1.89 -11.57 18.00
N LYS B 949 2.05 -11.92 19.28
CA LYS B 949 1.51 -13.17 19.80
C LYS B 949 -0.02 -13.13 19.88
N ASP B 950 -0.56 -11.92 19.84
CA ASP B 950 -2.01 -11.73 19.81
C ASP B 950 -2.54 -11.75 18.38
N ILE B 951 -1.78 -11.13 17.47
CA ILE B 951 -2.18 -11.06 16.06
C ILE B 951 -2.08 -12.42 15.38
N HIS B 952 -1.21 -13.28 15.90
CA HIS B 952 -1.07 -14.63 15.37
C HIS B 952 -2.22 -15.52 15.83
N SER B 953 -2.79 -15.18 16.99
CA SER B 953 -3.82 -16.02 17.59
C SER B 953 -5.17 -15.91 16.87
N GLY B 954 -5.22 -15.07 15.86
CA GLY B 954 -6.43 -14.92 15.06
C GLY B 954 -7.13 -13.60 15.29
N LEU B 955 -6.38 -12.63 15.80
CA LEU B 955 -6.93 -11.34 16.14
C LEU B 955 -6.39 -10.25 15.22
N ILE B 956 -7.21 -9.79 14.29
CA ILE B 956 -6.81 -8.75 13.35
C ILE B 956 -7.99 -8.25 12.51
N GLY B 957 -7.90 -7.02 12.02
CA GLY B 957 -8.99 -6.42 11.25
C GLY B 957 -8.56 -5.27 10.34
N PRO B 958 -9.42 -4.93 9.36
CA PRO B 958 -9.17 -3.90 8.35
C PRO B 958 -9.87 -2.57 8.66
N ILE B 959 -9.23 -1.46 8.28
CA ILE B 959 -9.81 -0.14 8.45
C ILE B 959 -9.80 0.61 7.12
N LEU B 960 -10.95 1.16 6.74
CA LEU B 960 -11.04 1.91 5.49
C LEU B 960 -11.60 3.31 5.67
N ILE B 961 -10.84 4.30 5.23
CA ILE B 961 -11.25 5.69 5.27
C ILE B 961 -11.34 6.25 3.87
N CYS B 962 -12.56 6.42 3.37
CA CYS B 962 -12.77 6.88 2.01
C CYS B 962 -13.08 8.37 1.94
N GLN B 963 -13.06 8.91 0.72
CA GLN B 963 -13.32 10.33 0.51
C GLN B 963 -14.67 10.74 1.08
N LYS B 964 -14.70 11.89 1.73
CA LYS B 964 -15.93 12.40 2.32
C LYS B 964 -17.07 12.39 1.30
N GLY B 965 -17.93 11.38 1.40
CA GLY B 965 -19.08 11.28 0.52
C GLY B 965 -19.20 9.92 -0.17
N MET B 966 -18.10 9.18 -0.21
CA MET B 966 -18.06 7.91 -0.90
C MET B 966 -18.51 6.73 -0.04
N ILE B 967 -19.80 6.71 0.28
CA ILE B 967 -20.44 5.59 0.98
C ILE B 967 -21.95 5.73 0.78
N ASP B 968 -22.60 4.64 0.35
CA ASP B 968 -23.98 4.72 -0.14
C ASP B 968 -25.05 4.28 0.85
N LYS B 969 -26.31 4.33 0.39
CA LYS B 969 -27.46 3.97 1.20
C LYS B 969 -27.09 3.12 2.41
N TYR B 970 -26.59 1.93 2.14
CA TYR B 970 -26.15 1.02 3.20
C TYR B 970 -24.63 0.90 3.18
N ASN B 971 -24.03 0.91 4.37
CA ASN B 971 -22.57 0.99 4.54
C ASN B 971 -21.70 0.23 3.53
N ARG B 972 -21.67 0.71 2.29
CA ARG B 972 -20.77 0.16 1.28
C ARG B 972 -20.37 1.24 0.27
N THR B 973 -19.16 1.13 -0.27
CA THR B 973 -18.68 2.12 -1.23
C THR B 973 -19.31 1.88 -2.60
N ILE B 974 -19.62 2.97 -3.30
CA ILE B 974 -20.29 2.86 -4.60
C ILE B 974 -19.35 3.17 -5.76
N ASP B 975 -19.68 2.61 -6.92
CA ASP B 975 -18.94 2.88 -8.16
C ASP B 975 -17.58 2.17 -8.22
N ILE B 976 -17.32 1.29 -7.28
CA ILE B 976 -16.05 0.57 -7.25
C ILE B 976 -16.17 -0.80 -6.58
N ARG B 977 -15.25 -1.71 -6.91
CA ARG B 977 -15.19 -3.01 -6.27
C ARG B 977 -14.13 -3.01 -5.18
N GLU B 978 -14.39 -3.74 -4.10
CA GLU B 978 -13.54 -3.65 -2.92
C GLU B 978 -13.11 -5.01 -2.36
N PHE B 979 -11.80 -5.16 -2.18
CA PHE B 979 -11.22 -6.37 -1.59
C PHE B 979 -10.17 -6.00 -0.56
N VAL B 980 -10.18 -6.70 0.57
CA VAL B 980 -9.13 -6.55 1.55
C VAL B 980 -8.37 -7.87 1.71
N LEU B 981 -7.06 -7.83 1.49
CA LEU B 981 -6.24 -9.03 1.56
C LEU B 981 -5.20 -8.95 2.67
N PHE B 982 -5.16 -10.00 3.50
CA PHE B 982 -4.20 -10.07 4.59
C PHE B 982 -3.13 -11.11 4.29
N PHE B 983 -1.94 -10.64 3.91
CA PHE B 983 -0.82 -11.53 3.63
C PHE B 983 0.01 -11.73 4.88
N MET B 984 -0.13 -12.90 5.50
CA MET B 984 0.55 -13.18 6.75
C MET B 984 0.74 -14.69 6.92
N VAL B 985 1.91 -15.10 7.36
CA VAL B 985 2.19 -16.51 7.59
C VAL B 985 1.92 -16.89 9.04
N PHE B 986 0.64 -17.06 9.38
CA PHE B 986 0.27 -17.45 10.73
C PHE B 986 1.22 -18.51 11.26
N ASP B 987 1.40 -18.53 12.57
CA ASP B 987 2.26 -19.52 13.21
C ASP B 987 1.66 -19.90 14.57
N GLU B 988 0.92 -21.00 14.58
CA GLU B 988 0.20 -21.41 15.78
C GLU B 988 1.15 -21.74 16.94
N GLU B 989 2.45 -21.63 16.69
CA GLU B 989 3.45 -21.77 17.73
C GLU B 989 3.66 -20.45 18.45
N LYS B 990 3.11 -19.38 17.88
CA LYS B 990 3.21 -18.05 18.47
C LYS B 990 1.91 -17.67 19.16
N SER B 991 0.80 -18.21 18.66
CA SER B 991 -0.51 -17.97 19.25
C SER B 991 -0.54 -18.41 20.71
N TRP B 992 -1.30 -17.69 21.52
CA TRP B 992 -1.42 -18.02 22.94
C TRP B 992 -2.01 -19.41 23.14
N TYR B 993 -2.99 -19.75 22.31
CA TYR B 993 -3.65 -21.04 22.39
C TYR B 993 -2.79 -22.12 21.73
N PHE B 994 -2.01 -22.83 22.54
CA PHE B 994 -1.14 -23.88 22.02
C PHE B 994 -0.18 -24.40 23.09
N PRO B 995 -0.09 -25.74 23.22
CA PRO B 995 0.80 -26.40 24.17
C PRO B 995 2.18 -25.74 24.21
N CYS B 1002 13.72 -12.79 25.17
CA CYS B 1002 12.46 -12.96 25.89
C CYS B 1002 12.12 -14.44 26.02
N SER B 1011 8.31 -23.89 15.20
CA SER B 1011 7.98 -23.32 13.91
C SER B 1011 7.60 -24.39 12.91
N LEU B 1012 6.84 -25.38 13.37
CA LEU B 1012 6.41 -26.49 12.52
C LEU B 1012 5.00 -26.27 12.00
N HIS B 1013 4.15 -25.70 12.83
CA HIS B 1013 2.76 -25.45 12.47
C HIS B 1013 2.59 -24.07 11.87
N THR B 1014 3.07 -23.90 10.63
CA THR B 1014 2.90 -22.64 9.93
C THR B 1014 1.87 -22.81 8.82
N PHE B 1015 1.10 -21.77 8.56
CA PHE B 1015 0.07 -21.82 7.53
C PHE B 1015 0.13 -20.58 6.64
N PRO B 1016 1.20 -20.47 5.84
CA PRO B 1016 1.37 -19.32 4.96
C PRO B 1016 0.12 -19.13 4.12
N ALA B 1017 -0.90 -18.51 4.71
CA ALA B 1017 -2.17 -18.32 4.03
C ALA B 1017 -2.59 -16.86 4.04
N ILE B 1018 -3.48 -16.51 3.12
CA ILE B 1018 -4.05 -15.16 3.08
C ILE B 1018 -5.41 -15.15 3.76
N ASN B 1019 -5.64 -14.16 4.61
CA ASN B 1019 -6.87 -14.09 5.39
C ASN B 1019 -7.08 -15.34 6.23
N GLY B 1020 -5.98 -16.00 6.59
CA GLY B 1020 -6.03 -17.21 7.38
C GLY B 1020 -6.61 -18.40 6.61
N ILE B 1021 -6.69 -18.26 5.29
CA ILE B 1021 -7.23 -19.31 4.43
C ILE B 1021 -6.25 -19.69 3.32
N PRO B 1022 -5.30 -20.58 3.61
CA PRO B 1022 -4.35 -20.84 2.55
C PRO B 1022 -5.04 -21.53 1.38
N TYR B 1023 -4.98 -20.92 0.20
CA TYR B 1023 -5.54 -21.51 -1.00
C TYR B 1023 -6.97 -21.06 -1.28
N GLN B 1024 -7.91 -21.60 -0.51
CA GLN B 1024 -9.32 -21.42 -0.76
C GLN B 1024 -9.76 -19.96 -0.83
N LEU B 1025 -10.59 -19.55 0.12
CA LEU B 1025 -11.19 -18.23 0.11
C LEU B 1025 -12.31 -18.22 -0.92
N GLN B 1026 -12.65 -17.04 -1.43
CA GLN B 1026 -13.71 -16.90 -2.41
C GLN B 1026 -14.20 -15.47 -2.47
N GLY B 1027 -15.23 -15.23 -3.27
CA GLY B 1027 -15.82 -13.90 -3.39
C GLY B 1027 -15.02 -12.98 -4.28
N LEU B 1028 -13.96 -13.52 -4.89
CA LEU B 1028 -13.12 -12.74 -5.78
C LEU B 1028 -13.65 -12.73 -7.21
N THR B 1029 -14.90 -12.33 -7.35
CA THR B 1029 -15.51 -12.18 -8.66
C THR B 1029 -15.63 -10.71 -9.02
N MET B 1030 -14.97 -10.30 -10.09
CA MET B 1030 -14.99 -8.92 -10.55
C MET B 1030 -15.23 -8.92 -12.05
N TYR B 1031 -15.95 -7.92 -12.54
CA TYR B 1031 -16.16 -7.81 -13.98
C TYR B 1031 -14.86 -7.42 -14.67
N LYS B 1032 -14.87 -7.44 -15.99
CA LYS B 1032 -13.72 -7.03 -16.79
C LYS B 1032 -13.84 -5.56 -17.16
N ASP B 1033 -12.89 -4.75 -16.72
CA ASP B 1033 -12.89 -3.33 -17.03
C ASP B 1033 -13.49 -2.47 -15.92
N GLU B 1034 -14.01 -3.11 -14.87
CA GLU B 1034 -14.65 -2.36 -13.79
C GLU B 1034 -13.69 -2.07 -12.63
N ASN B 1035 -13.54 -0.78 -12.32
CA ASN B 1035 -12.68 -0.35 -11.22
C ASN B 1035 -12.78 -1.25 -9.99
N VAL B 1036 -11.72 -2.01 -9.73
CA VAL B 1036 -11.66 -2.81 -8.51
C VAL B 1036 -10.39 -2.50 -7.74
N HIS B 1037 -10.55 -2.16 -6.46
CA HIS B 1037 -9.42 -1.84 -5.61
C HIS B 1037 -9.02 -3.06 -4.78
N TRP B 1038 -7.77 -3.07 -4.31
CA TRP B 1038 -7.24 -4.16 -3.51
C TRP B 1038 -6.41 -3.63 -2.34
N HIS B 1039 -7.04 -3.52 -1.17
CA HIS B 1039 -6.32 -3.09 0.03
C HIS B 1039 -5.50 -4.26 0.58
N LEU B 1040 -4.18 -4.09 0.61
CA LEU B 1040 -3.29 -5.15 1.04
C LEU B 1040 -2.72 -4.88 2.43
N LEU B 1041 -2.83 -5.86 3.33
CA LEU B 1041 -2.39 -5.70 4.71
C LEU B 1041 -1.46 -6.84 5.14
N ASN B 1042 -0.23 -6.49 5.48
CA ASN B 1042 0.75 -7.45 5.98
C ASN B 1042 1.16 -7.06 7.41
N MET B 1043 1.51 -8.04 8.23
CA MET B 1043 1.82 -7.76 9.63
C MET B 1043 2.89 -8.65 10.24
N GLY B 1044 3.37 -9.63 9.47
CA GLY B 1044 4.40 -10.53 9.96
C GLY B 1044 5.65 -9.81 10.44
N GLY B 1045 6.57 -10.57 11.01
CA GLY B 1045 7.83 -10.01 11.49
C GLY B 1045 8.68 -9.46 10.36
N PRO B 1046 10.01 -9.54 10.51
CA PRO B 1046 10.92 -9.07 9.47
C PRO B 1046 11.08 -10.11 8.36
N LYS B 1047 10.52 -11.29 8.55
CA LYS B 1047 10.76 -12.41 7.64
C LYS B 1047 9.68 -12.59 6.58
N ASP B 1048 8.48 -12.07 6.83
CA ASP B 1048 7.41 -12.23 5.84
C ASP B 1048 7.19 -10.98 4.99
N ILE B 1049 8.03 -10.86 3.96
CA ILE B 1049 7.77 -9.98 2.84
C ILE B 1049 6.87 -10.77 1.91
N HIS B 1050 5.98 -10.10 1.20
CA HIS B 1050 5.04 -10.81 0.35
C HIS B 1050 4.81 -10.13 -0.99
N VAL B 1051 5.77 -10.26 -1.90
CA VAL B 1051 5.64 -9.69 -3.22
C VAL B 1051 4.34 -10.15 -3.88
N VAL B 1052 3.27 -9.37 -3.67
CA VAL B 1052 1.95 -9.73 -4.16
C VAL B 1052 1.86 -9.59 -5.69
N ASN B 1053 1.08 -10.47 -6.31
CA ASN B 1053 1.00 -10.52 -7.76
C ASN B 1053 -0.37 -10.96 -8.30
N PHE B 1054 -0.89 -10.20 -9.27
CA PHE B 1054 -2.13 -10.56 -9.94
C PHE B 1054 -1.82 -11.10 -11.34
N HIS B 1055 -2.26 -12.32 -11.60
CA HIS B 1055 -1.84 -13.05 -12.79
C HIS B 1055 -2.61 -12.65 -14.02
N GLY B 1056 -1.91 -12.24 -15.06
CA GLY B 1056 -2.55 -11.80 -16.28
C GLY B 1056 -3.17 -10.44 -16.09
N GLN B 1057 -2.93 -9.85 -14.91
CA GLN B 1057 -3.43 -8.51 -14.62
C GLN B 1057 -2.30 -7.52 -14.38
N THR B 1058 -2.63 -6.24 -14.42
CA THR B 1058 -1.67 -5.18 -14.12
C THR B 1058 -2.37 -4.09 -13.32
N PHE B 1059 -1.73 -3.64 -12.24
CA PHE B 1059 -2.35 -2.68 -11.34
C PHE B 1059 -1.45 -1.50 -11.06
N THR B 1060 -2.06 -0.37 -10.74
CA THR B 1060 -1.32 0.80 -10.26
C THR B 1060 -1.64 0.95 -8.78
N GLU B 1061 -0.71 1.55 -8.03
CA GLU B 1061 -0.97 1.81 -6.61
C GLU B 1061 -1.58 3.19 -6.41
N GLU B 1062 -2.77 3.21 -5.83
CA GLU B 1062 -3.52 4.44 -5.61
C GLU B 1062 -2.62 5.61 -5.25
N GLY B 1063 -3.07 6.82 -5.56
CA GLY B 1063 -2.27 8.02 -5.36
C GLY B 1063 -1.20 8.14 -6.43
N ARG B 1064 -0.66 7.00 -6.84
CA ARG B 1064 0.33 6.96 -7.90
C ARG B 1064 -0.23 6.23 -9.13
N GLU B 1065 -1.12 6.89 -9.84
CA GLU B 1065 -1.76 6.31 -11.02
C GLU B 1065 -0.81 6.36 -12.22
N ASP B 1066 0.34 6.98 -12.03
CA ASP B 1066 1.32 7.11 -13.12
C ASP B 1066 2.43 6.07 -12.99
N ASN B 1067 2.32 5.23 -11.96
CA ASN B 1067 3.31 4.19 -11.72
C ASN B 1067 2.74 2.79 -11.93
N GLN B 1068 3.30 2.07 -12.90
CA GLN B 1068 2.73 0.81 -13.36
C GLN B 1068 2.92 -0.37 -12.40
N LEU B 1069 4.17 -0.78 -12.21
CA LEU B 1069 4.47 -2.00 -11.47
C LEU B 1069 3.72 -3.19 -12.06
N GLY B 1070 3.10 -4.00 -11.20
CA GLY B 1070 2.45 -5.23 -11.62
C GLY B 1070 2.80 -6.30 -10.61
N VAL B 1071 3.87 -6.03 -9.87
CA VAL B 1071 4.28 -6.83 -8.73
C VAL B 1071 4.60 -5.83 -7.63
N LEU B 1072 4.11 -6.08 -6.42
CA LEU B 1072 4.28 -5.12 -5.34
C LEU B 1072 4.72 -5.79 -4.04
N PRO B 1073 5.99 -5.60 -3.67
CA PRO B 1073 6.48 -6.14 -2.41
C PRO B 1073 5.69 -5.53 -1.24
N LEU B 1074 4.95 -6.37 -0.52
CA LEU B 1074 4.20 -5.91 0.64
C LEU B 1074 5.04 -6.11 1.90
N LEU B 1075 5.61 -5.02 2.40
CA LEU B 1075 6.52 -5.08 3.54
C LEU B 1075 5.77 -5.19 4.86
N PRO B 1076 6.44 -5.74 5.88
CA PRO B 1076 5.85 -5.92 7.22
C PRO B 1076 5.28 -4.63 7.78
N GLY B 1077 4.08 -4.69 8.34
CA GLY B 1077 3.43 -3.51 8.87
C GLY B 1077 3.14 -2.51 7.78
N THR B 1078 2.82 -3.01 6.60
CA THR B 1078 2.50 -2.17 5.46
C THR B 1078 1.06 -2.43 5.01
N PHE B 1079 0.45 -1.44 4.38
CA PHE B 1079 -0.88 -1.60 3.80
C PHE B 1079 -1.22 -0.46 2.86
N ALA B 1080 -1.12 -0.74 1.56
CA ALA B 1080 -1.43 0.25 0.53
C ALA B 1080 -2.57 -0.24 -0.35
N SER B 1081 -3.35 0.70 -0.87
CA SER B 1081 -4.45 0.38 -1.76
C SER B 1081 -4.04 0.50 -3.22
N ILE B 1082 -4.48 -0.45 -4.04
CA ILE B 1082 -4.20 -0.43 -5.47
C ILE B 1082 -5.49 -0.48 -6.27
N LYS B 1083 -5.43 -0.02 -7.51
CA LYS B 1083 -6.59 -0.06 -8.40
C LYS B 1083 -6.38 -1.10 -9.50
N MET B 1084 -7.40 -1.91 -9.77
CA MET B 1084 -7.31 -3.01 -10.72
C MET B 1084 -7.82 -2.65 -12.10
N LYS B 1085 -9.05 -3.06 -12.40
CA LYS B 1085 -9.60 -2.95 -13.75
C LYS B 1085 -8.91 -3.97 -14.65
N PRO B 1086 -9.23 -5.26 -14.45
CA PRO B 1086 -8.58 -6.37 -15.15
C PRO B 1086 -8.91 -6.38 -16.65
N SER B 1087 -8.04 -7.02 -17.44
CA SER B 1087 -8.18 -7.00 -18.89
C SER B 1087 -8.51 -8.38 -19.46
N LYS B 1088 -8.26 -9.43 -18.68
CA LYS B 1088 -8.53 -10.79 -19.13
C LYS B 1088 -9.67 -11.43 -18.32
N ILE B 1089 -10.47 -12.25 -18.99
CA ILE B 1089 -11.62 -12.89 -18.36
C ILE B 1089 -11.31 -14.33 -17.95
N GLY B 1090 -11.85 -14.73 -16.80
CA GLY B 1090 -11.70 -16.10 -16.33
C GLY B 1090 -11.10 -16.21 -14.95
N THR B 1091 -10.74 -17.43 -14.55
CA THR B 1091 -10.14 -17.67 -13.24
C THR B 1091 -8.63 -17.46 -13.30
N TRP B 1092 -8.11 -16.71 -12.33
CA TRP B 1092 -6.69 -16.42 -12.24
C TRP B 1092 -6.18 -16.54 -10.81
N LEU B 1093 -4.91 -16.89 -10.66
CA LEU B 1093 -4.30 -17.02 -9.36
C LEU B 1093 -3.75 -15.66 -8.91
N LEU B 1094 -3.99 -15.29 -7.65
CA LEU B 1094 -3.27 -14.17 -7.02
C LEU B 1094 -2.38 -14.71 -5.92
N GLU B 1095 -1.38 -13.93 -5.52
CA GLU B 1095 -0.18 -14.58 -5.02
C GLU B 1095 0.89 -13.83 -4.28
N THR B 1096 1.94 -14.59 -4.01
CA THR B 1096 3.21 -14.07 -3.59
C THR B 1096 4.24 -14.72 -4.48
N GLU B 1097 5.15 -13.92 -5.02
CA GLU B 1097 6.19 -14.48 -5.86
C GLU B 1097 7.23 -15.16 -4.97
N VAL B 1098 6.99 -15.15 -3.66
CA VAL B 1098 7.87 -15.80 -2.71
C VAL B 1098 7.66 -17.32 -2.75
N GLY B 1099 8.69 -18.05 -3.17
CA GLY B 1099 8.61 -19.49 -3.33
C GLY B 1099 7.99 -20.23 -2.15
N GLU B 1100 8.69 -20.23 -1.02
CA GLU B 1100 8.30 -20.98 0.16
C GLU B 1100 6.80 -20.93 0.46
N ASN B 1101 6.22 -19.73 0.39
CA ASN B 1101 4.82 -19.51 0.75
C ASN B 1101 3.84 -19.79 -0.40
N GLN B 1102 4.14 -19.20 -1.55
CA GLN B 1102 3.45 -19.51 -2.80
C GLN B 1102 2.88 -20.92 -2.80
N GLU B 1103 3.73 -21.90 -2.54
CA GLU B 1103 3.33 -23.30 -2.66
C GLU B 1103 2.80 -23.89 -1.37
N ARG B 1104 2.95 -23.15 -0.27
CA ARG B 1104 2.52 -23.65 1.03
C ARG B 1104 1.33 -22.87 1.58
N GLY B 1105 0.35 -22.61 0.72
CA GLY B 1105 -0.87 -21.94 1.15
C GLY B 1105 -1.10 -20.59 0.50
N MET B 1106 -0.32 -19.60 0.91
CA MET B 1106 -0.48 -18.24 0.41
C MET B 1106 -0.63 -18.21 -1.11
N GLN B 1107 -1.88 -18.23 -1.57
CA GLN B 1107 -2.18 -18.23 -3.00
C GLN B 1107 -3.66 -18.51 -3.24
N ALA B 1108 -4.46 -17.44 -3.32
CA ALA B 1108 -5.89 -17.60 -3.57
C ALA B 1108 -6.24 -17.25 -5.02
N LEU B 1109 -7.15 -18.01 -5.61
CA LEU B 1109 -7.60 -17.79 -6.98
C LEU B 1109 -8.71 -16.74 -7.04
N PHE B 1110 -8.69 -15.92 -8.08
CA PHE B 1110 -9.77 -14.94 -8.29
C PHE B 1110 -10.45 -15.13 -9.63
N THR B 1111 -11.47 -14.33 -9.92
CA THR B 1111 -12.27 -14.52 -11.12
C THR B 1111 -12.78 -13.23 -11.76
N VAL B 1112 -12.93 -13.27 -13.08
CA VAL B 1112 -13.43 -12.12 -13.84
C VAL B 1112 -14.51 -12.55 -14.83
N ILE B 1113 -15.47 -11.67 -15.07
CA ILE B 1113 -16.58 -11.96 -15.97
C ILE B 1113 -16.73 -10.87 -17.03
N ASP B 1114 -16.88 -11.29 -18.28
CA ASP B 1114 -17.09 -10.35 -19.37
C ASP B 1114 -18.07 -9.26 -18.96
N LYS B 1115 -17.67 -8.01 -19.12
CA LYS B 1115 -18.51 -6.88 -18.76
C LYS B 1115 -19.97 -7.11 -19.16
N ASP B 1116 -20.18 -7.53 -20.41
CA ASP B 1116 -21.52 -7.82 -20.90
C ASP B 1116 -21.96 -9.19 -20.41
N CYS B 1117 -22.55 -9.23 -19.22
CA CYS B 1117 -22.90 -10.50 -18.59
C CYS B 1117 -24.31 -10.51 -18.01
N LYS B 1118 -25.23 -9.83 -18.69
CA LYS B 1118 -26.63 -9.81 -18.26
C LYS B 1118 -27.55 -10.23 -19.39
N LEU B 1119 -27.03 -11.01 -20.33
CA LEU B 1119 -27.83 -11.42 -21.49
C LEU B 1119 -28.78 -12.57 -21.18
N PRO B 1120 -30.06 -12.41 -21.57
CA PRO B 1120 -31.09 -13.42 -21.32
C PRO B 1120 -30.50 -14.82 -21.38
N MET B 1121 -30.77 -15.63 -20.36
CA MET B 1121 -30.10 -16.92 -20.21
C MET B 1121 -30.97 -18.15 -20.44
N GLY B 1122 -32.15 -17.97 -21.03
CA GLY B 1122 -32.90 -19.10 -21.55
C GLY B 1122 -34.12 -19.58 -20.79
N LEU B 1123 -35.06 -18.66 -20.53
CA LEU B 1123 -36.36 -19.04 -20.01
C LEU B 1123 -37.45 -18.57 -20.96
N ALA B 1124 -37.19 -17.47 -21.66
CA ALA B 1124 -38.08 -17.00 -22.71
C ALA B 1124 -37.90 -17.90 -23.93
N SER B 1125 -36.64 -18.22 -24.24
CA SER B 1125 -36.30 -19.04 -25.40
C SER B 1125 -36.41 -20.53 -25.08
N GLY B 1126 -36.38 -20.87 -23.80
CA GLY B 1126 -36.53 -22.26 -23.39
C GLY B 1126 -35.24 -23.06 -23.46
N ILE B 1127 -34.34 -22.64 -24.34
CA ILE B 1127 -33.07 -23.34 -24.48
C ILE B 1127 -32.77 -24.06 -23.18
N ILE B 1128 -33.54 -23.71 -22.15
CA ILE B 1128 -33.49 -24.39 -20.85
C ILE B 1128 -34.71 -25.31 -20.73
N GLN B 1129 -34.48 -26.61 -20.88
CA GLN B 1129 -35.55 -27.60 -20.84
C GLN B 1129 -36.62 -27.27 -19.81
N ASP B 1130 -37.85 -27.65 -20.10
CA ASP B 1130 -38.92 -27.55 -19.12
C ASP B 1130 -38.69 -28.63 -18.08
N SER B 1131 -37.77 -29.53 -18.38
CA SER B 1131 -37.41 -30.63 -17.49
C SER B 1131 -36.42 -30.15 -16.43
N GLN B 1132 -36.03 -28.88 -16.53
CA GLN B 1132 -35.07 -28.31 -15.58
C GLN B 1132 -35.75 -27.51 -14.48
N ILE B 1133 -36.89 -26.90 -14.80
CA ILE B 1133 -37.63 -26.09 -13.83
C ILE B 1133 -38.51 -26.96 -12.93
N SER B 1134 -38.42 -26.74 -11.62
CA SER B 1134 -39.24 -27.45 -10.66
C SER B 1134 -39.61 -26.55 -9.49
N ALA B 1135 -40.68 -26.90 -8.78
CA ALA B 1135 -41.13 -26.09 -7.65
C ALA B 1135 -41.50 -26.95 -6.44
N SER B 1136 -41.62 -26.31 -5.28
CA SER B 1136 -41.98 -27.00 -4.05
C SER B 1136 -43.42 -27.49 -4.11
N GLY B 1137 -44.17 -27.00 -5.09
CA GLY B 1137 -45.57 -27.33 -5.24
C GLY B 1137 -46.32 -26.22 -5.93
N HIS B 1138 -47.40 -26.56 -6.63
CA HIS B 1138 -48.17 -25.58 -7.37
C HIS B 1138 -49.66 -25.85 -7.29
N VAL B 1139 -50.44 -24.79 -7.09
CA VAL B 1139 -51.89 -24.90 -7.03
C VAL B 1139 -52.51 -24.55 -8.38
N GLY B 1140 -53.24 -25.50 -8.95
CA GLY B 1140 -53.90 -25.30 -10.24
C GLY B 1140 -53.18 -26.04 -11.35
N TYR B 1141 -53.49 -25.68 -12.59
CA TYR B 1141 -52.80 -26.22 -13.76
C TYR B 1141 -51.45 -25.54 -13.91
N TRP B 1142 -51.26 -24.46 -13.15
CA TRP B 1142 -50.01 -23.70 -13.19
C TRP B 1142 -48.83 -24.61 -12.87
N GLU B 1143 -47.86 -24.64 -13.78
CA GLU B 1143 -46.71 -25.51 -13.65
C GLU B 1143 -45.44 -24.68 -13.48
N PRO B 1144 -44.40 -25.29 -12.91
CA PRO B 1144 -43.09 -24.64 -12.91
C PRO B 1144 -42.59 -24.61 -14.34
N LYS B 1145 -42.93 -25.65 -15.10
CA LYS B 1145 -42.52 -25.76 -16.50
C LYS B 1145 -43.01 -24.58 -17.32
N LEU B 1146 -44.04 -23.90 -16.83
CA LEU B 1146 -44.64 -22.79 -17.57
C LEU B 1146 -44.24 -21.43 -16.99
N ALA B 1147 -43.19 -21.41 -16.19
CA ALA B 1147 -42.73 -20.17 -15.56
C ALA B 1147 -41.74 -19.42 -16.44
N ARG B 1148 -42.22 -18.89 -17.57
CA ARG B 1148 -41.36 -18.18 -18.51
C ARG B 1148 -41.86 -16.75 -18.71
N LEU B 1149 -41.00 -15.88 -19.23
CA LEU B 1149 -41.33 -14.47 -19.39
C LEU B 1149 -42.11 -14.17 -20.67
N ASN B 1150 -43.14 -13.34 -20.54
CA ASN B 1150 -44.01 -13.00 -21.65
C ASN B 1150 -44.86 -14.17 -22.12
N ASN B 1151 -44.75 -15.30 -21.43
CA ASN B 1151 -45.51 -16.50 -21.77
C ASN B 1151 -47.01 -16.28 -21.67
N THR B 1152 -47.73 -16.60 -22.76
CA THR B 1152 -49.17 -16.38 -22.82
C THR B 1152 -49.94 -17.69 -22.65
N GLY B 1153 -51.26 -17.57 -22.51
CA GLY B 1153 -52.14 -18.73 -22.35
C GLY B 1153 -53.02 -18.62 -21.13
N LYS B 1154 -54.02 -19.51 -21.05
CA LYS B 1154 -54.91 -19.57 -19.90
C LYS B 1154 -54.10 -19.89 -18.64
N TYR B 1155 -53.02 -20.63 -18.83
CA TYR B 1155 -52.08 -20.94 -17.76
C TYR B 1155 -50.67 -20.65 -18.25
N ASN B 1156 -50.10 -19.54 -17.78
CA ASN B 1156 -48.85 -19.02 -18.33
C ASN B 1156 -47.72 -18.94 -17.32
N ALA B 1157 -48.01 -19.26 -16.06
CA ALA B 1157 -47.02 -19.16 -15.01
C ALA B 1157 -47.14 -20.30 -13.99
N TRP B 1158 -46.31 -20.23 -12.95
CA TRP B 1158 -46.39 -21.16 -11.84
C TRP B 1158 -46.92 -20.43 -10.61
N SER B 1159 -47.89 -21.03 -9.93
CA SER B 1159 -48.51 -20.39 -8.77
C SER B 1159 -49.08 -21.40 -7.79
N ILE B 1160 -48.58 -21.37 -6.57
CA ILE B 1160 -49.08 -22.27 -5.53
C ILE B 1160 -49.98 -21.52 -4.54
N ILE B 1161 -50.35 -22.19 -3.46
CA ILE B 1161 -51.18 -21.59 -2.42
C ILE B 1161 -50.44 -21.59 -1.08
N LYS B 1162 -50.18 -20.40 -0.55
CA LYS B 1162 -49.43 -20.26 0.70
C LYS B 1162 -50.22 -20.78 1.89
N LYS B 1163 -49.50 -21.28 2.90
CA LYS B 1163 -50.14 -21.84 4.09
C LYS B 1163 -49.37 -21.45 5.35
N GLU B 1164 -49.96 -21.74 6.51
CA GLU B 1164 -49.28 -21.55 7.78
C GLU B 1164 -48.15 -22.56 7.90
N HIS B 1165 -47.93 -23.30 6.81
CA HIS B 1165 -46.87 -24.29 6.75
C HIS B 1165 -45.54 -23.62 6.39
N GLU B 1166 -44.85 -24.19 5.41
CA GLU B 1166 -43.55 -23.68 4.98
C GLU B 1166 -43.68 -22.74 3.78
N HIS B 1167 -42.58 -22.05 3.46
CA HIS B 1167 -42.57 -21.14 2.32
C HIS B 1167 -42.32 -21.90 1.03
N PRO B 1168 -42.94 -21.45 -0.07
CA PRO B 1168 -42.83 -22.09 -1.37
C PRO B 1168 -41.60 -21.63 -2.14
N TRP B 1169 -41.06 -22.50 -2.99
CA TRP B 1169 -39.89 -22.16 -3.79
C TRP B 1169 -39.96 -22.77 -5.19
N ILE B 1170 -39.09 -22.30 -6.08
CA ILE B 1170 -39.05 -22.79 -7.45
C ILE B 1170 -37.61 -22.86 -7.97
N GLN B 1171 -37.05 -24.07 -7.99
CA GLN B 1171 -35.66 -24.28 -8.37
C GLN B 1171 -35.46 -24.30 -9.88
N ILE B 1172 -34.45 -23.55 -10.35
CA ILE B 1172 -34.10 -23.54 -11.76
C ILE B 1172 -32.71 -24.15 -11.94
N ASP B 1173 -32.65 -25.32 -12.56
CA ASP B 1173 -31.36 -25.97 -12.80
C ASP B 1173 -30.77 -25.64 -14.16
N LEU B 1174 -29.61 -25.00 -14.15
CA LEU B 1174 -28.90 -24.69 -15.38
C LEU B 1174 -28.07 -25.88 -15.85
N GLN B 1175 -28.04 -26.91 -15.01
CA GLN B 1175 -27.39 -28.17 -15.35
C GLN B 1175 -25.89 -28.01 -15.47
N ARG B 1176 -25.39 -26.84 -15.03
CA ARG B 1176 -23.97 -26.55 -15.03
C ARG B 1176 -23.71 -25.15 -14.49
N GLN B 1177 -22.64 -24.98 -13.73
CA GLN B 1177 -22.32 -23.70 -13.10
C GLN B 1177 -22.24 -22.57 -14.12
N VAL B 1178 -22.89 -21.45 -13.79
CA VAL B 1178 -22.93 -20.28 -14.66
C VAL B 1178 -22.91 -19.01 -13.83
N VAL B 1179 -22.89 -17.87 -14.51
CA VAL B 1179 -22.88 -16.59 -13.82
C VAL B 1179 -24.20 -15.87 -14.03
N ILE B 1180 -24.84 -15.48 -12.93
CA ILE B 1180 -26.09 -14.74 -12.98
C ILE B 1180 -25.93 -13.36 -12.36
N THR B 1181 -26.50 -12.36 -13.00
CA THR B 1181 -26.43 -10.99 -12.50
C THR B 1181 -27.74 -10.26 -12.75
N GLY B 1182 -28.85 -10.87 -12.36
CA GLY B 1182 -30.16 -10.24 -12.52
C GLY B 1182 -31.31 -11.21 -12.66
N ILE B 1183 -32.45 -10.84 -12.09
CA ILE B 1183 -33.68 -11.62 -12.21
C ILE B 1183 -34.79 -10.73 -12.77
N GLN B 1184 -35.88 -11.36 -13.19
CA GLN B 1184 -37.02 -10.63 -13.72
C GLN B 1184 -38.32 -11.33 -13.34
N THR B 1185 -39.33 -10.56 -12.95
CA THR B 1185 -40.51 -11.13 -12.32
C THR B 1185 -41.84 -10.61 -12.87
N GLN B 1186 -42.88 -11.41 -12.70
CA GLN B 1186 -44.24 -11.02 -13.09
C GLN B 1186 -45.25 -12.13 -12.82
N GLY B 1187 -46.51 -11.74 -12.66
CA GLY B 1187 -47.61 -12.68 -12.53
C GLY B 1187 -48.53 -12.56 -13.73
N THR B 1188 -49.49 -13.47 -13.84
CA THR B 1188 -50.42 -13.45 -14.98
C THR B 1188 -51.76 -12.85 -14.61
N VAL B 1189 -52.32 -12.05 -15.51
CA VAL B 1189 -53.59 -11.39 -15.26
C VAL B 1189 -54.76 -12.16 -15.88
N GLN B 1190 -55.70 -12.58 -15.03
CA GLN B 1190 -56.94 -13.17 -15.50
C GLN B 1190 -57.84 -12.05 -16.02
N LEU B 1191 -57.67 -10.86 -15.45
CA LEU B 1191 -58.47 -9.70 -15.80
C LEU B 1191 -58.79 -8.90 -14.54
N LEU B 1192 -59.68 -9.44 -13.71
CA LEU B 1192 -60.09 -8.78 -12.47
C LEU B 1192 -58.92 -8.63 -11.50
N GLN B 1193 -58.18 -9.72 -11.29
CA GLN B 1193 -57.03 -9.70 -10.40
C GLN B 1193 -55.80 -10.29 -11.08
N HIS B 1194 -54.62 -9.87 -10.66
CA HIS B 1194 -53.39 -10.27 -11.31
C HIS B 1194 -52.67 -11.44 -10.63
N SER B 1195 -52.71 -11.46 -9.30
CA SER B 1195 -52.07 -12.53 -8.54
C SER B 1195 -50.58 -12.63 -8.85
N TYR B 1196 -49.80 -11.72 -8.27
CA TYR B 1196 -48.36 -11.66 -8.53
C TYR B 1196 -47.57 -11.67 -7.23
N THR B 1197 -46.26 -11.81 -7.34
CA THR B 1197 -45.38 -11.80 -6.17
C THR B 1197 -44.91 -10.38 -5.86
N VAL B 1198 -44.93 -10.04 -4.57
CA VAL B 1198 -44.53 -8.70 -4.13
C VAL B 1198 -43.07 -8.64 -3.73
N GLU B 1199 -42.61 -9.65 -3.01
CA GLU B 1199 -41.22 -9.71 -2.57
C GLU B 1199 -40.72 -11.16 -2.58
N TYR B 1200 -39.40 -11.32 -2.51
CA TYR B 1200 -38.79 -12.64 -2.54
C TYR B 1200 -37.29 -12.58 -2.30
N PHE B 1201 -36.65 -13.74 -2.28
CA PHE B 1201 -35.20 -13.81 -2.16
C PHE B 1201 -34.67 -15.06 -2.85
N VAL B 1202 -33.35 -15.16 -2.96
CA VAL B 1202 -32.73 -16.24 -3.73
C VAL B 1202 -31.99 -17.24 -2.84
N THR B 1203 -31.65 -18.38 -3.42
CA THR B 1203 -30.88 -19.40 -2.71
C THR B 1203 -30.18 -20.33 -3.71
N TYR B 1204 -28.96 -19.98 -4.08
CA TYR B 1204 -28.20 -20.76 -5.05
C TYR B 1204 -27.47 -21.93 -4.38
N SER B 1205 -26.89 -22.80 -5.21
CA SER B 1205 -26.14 -23.95 -4.72
C SER B 1205 -25.60 -24.78 -5.89
N GLU B 1206 -24.30 -25.03 -5.88
CA GLU B 1206 -23.64 -25.74 -6.98
C GLU B 1206 -23.62 -27.25 -6.79
N ASP B 1207 -23.77 -27.71 -5.55
CA ASP B 1207 -23.74 -29.14 -5.27
C ASP B 1207 -25.13 -29.71 -4.98
N GLY B 1208 -26.10 -29.34 -5.82
CA GLY B 1208 -27.44 -29.90 -5.75
C GLY B 1208 -28.26 -29.49 -4.55
N GLN B 1209 -27.94 -30.04 -3.39
CA GLN B 1209 -28.78 -29.87 -2.20
C GLN B 1209 -28.32 -28.76 -1.26
N ASN B 1210 -27.06 -28.80 -0.85
CA ASN B 1210 -26.54 -27.78 0.07
C ASN B 1210 -26.27 -26.45 -0.64
N TRP B 1211 -26.93 -25.40 -0.19
CA TRP B 1211 -26.74 -24.08 -0.79
C TRP B 1211 -26.82 -22.92 0.20
N ILE B 1212 -26.37 -21.76 -0.25
CA ILE B 1212 -26.35 -20.56 0.57
C ILE B 1212 -27.40 -19.55 0.11
N THR B 1213 -27.59 -18.50 0.91
CA THR B 1213 -28.54 -17.45 0.57
C THR B 1213 -27.80 -16.19 0.14
N PHE B 1214 -28.36 -15.47 -0.83
CA PHE B 1214 -27.73 -14.26 -1.35
C PHE B 1214 -28.01 -13.05 -0.46
N LYS B 1215 -26.99 -12.24 -0.23
CA LYS B 1215 -27.13 -11.05 0.61
C LYS B 1215 -26.10 -9.98 0.28
N GLY B 1216 -26.46 -9.09 -0.65
CA GLY B 1216 -25.57 -8.01 -1.07
C GLY B 1216 -26.18 -6.64 -0.82
N GLN B 1222 -30.15 -7.69 -1.85
CA GLN B 1222 -29.60 -8.28 -0.63
C GLN B 1222 -30.40 -9.51 -0.20
N MET B 1223 -30.93 -9.47 1.02
CA MET B 1223 -31.73 -10.58 1.55
C MET B 1223 -33.02 -10.76 0.77
N HIS B 1224 -33.74 -9.67 0.55
CA HIS B 1224 -35.02 -9.72 -0.15
C HIS B 1224 -35.03 -8.78 -1.36
N PHE B 1225 -35.83 -9.14 -2.37
CA PHE B 1225 -35.89 -8.37 -3.61
C PHE B 1225 -37.27 -7.79 -3.86
N GLU B 1226 -37.35 -6.84 -4.78
CA GLU B 1226 -38.60 -6.16 -5.10
C GLU B 1226 -39.48 -7.01 -6.02
N GLY B 1227 -40.71 -7.26 -5.59
CA GLY B 1227 -41.67 -8.02 -6.38
C GLY B 1227 -42.37 -7.17 -7.42
N ASN B 1228 -43.26 -7.79 -8.18
CA ASN B 1228 -44.00 -7.08 -9.22
C ASN B 1228 -45.00 -6.07 -8.65
N SER B 1229 -45.43 -5.14 -9.49
CA SER B 1229 -46.43 -4.16 -9.09
C SER B 1229 -47.82 -4.57 -9.57
N ASP B 1230 -47.86 -5.37 -10.63
CA ASP B 1230 -49.11 -5.91 -11.14
C ASP B 1230 -48.91 -7.34 -11.61
N GLY B 1231 -49.77 -7.80 -12.52
CA GLY B 1231 -49.68 -9.15 -13.04
C GLY B 1231 -49.16 -9.19 -14.46
N THR B 1232 -48.29 -8.24 -14.80
CA THR B 1232 -47.72 -8.17 -16.15
C THR B 1232 -46.42 -7.39 -16.17
N THR B 1233 -46.42 -6.21 -15.55
CA THR B 1233 -45.23 -5.37 -15.51
C THR B 1233 -43.98 -6.20 -15.18
N VAL B 1234 -42.90 -5.95 -15.92
CA VAL B 1234 -41.65 -6.67 -15.71
C VAL B 1234 -40.71 -5.90 -14.79
N LYS B 1235 -40.54 -6.40 -13.57
CA LYS B 1235 -39.64 -5.78 -12.60
C LYS B 1235 -38.28 -6.49 -12.60
N GLU B 1236 -37.24 -5.74 -12.96
CA GLU B 1236 -35.90 -6.31 -13.07
C GLU B 1236 -35.08 -6.01 -11.81
N ASN B 1237 -34.29 -7.00 -11.39
CA ASN B 1237 -33.42 -6.82 -10.24
C ASN B 1237 -31.96 -7.10 -10.62
N HIS B 1238 -31.04 -6.48 -9.91
CA HIS B 1238 -29.62 -6.63 -10.19
C HIS B 1238 -28.88 -7.35 -9.06
N ILE B 1239 -27.71 -7.89 -9.37
CA ILE B 1239 -26.88 -8.57 -8.38
C ILE B 1239 -25.43 -8.14 -8.54
N ASP B 1240 -24.98 -7.22 -7.69
CA ASP B 1240 -23.63 -6.67 -7.82
C ASP B 1240 -22.54 -7.72 -7.61
N PRO B 1241 -22.67 -8.52 -6.56
CA PRO B 1241 -21.75 -9.64 -6.38
C PRO B 1241 -22.27 -10.85 -7.14
N PRO B 1242 -21.92 -10.95 -8.44
CA PRO B 1242 -22.44 -11.98 -9.31
C PRO B 1242 -22.46 -13.35 -8.63
N ILE B 1243 -23.53 -14.11 -8.86
CA ILE B 1243 -23.66 -15.45 -8.31
C ILE B 1243 -23.11 -16.48 -9.29
N ILE B 1244 -22.54 -17.55 -8.76
CA ILE B 1244 -22.00 -18.62 -9.58
C ILE B 1244 -22.34 -19.98 -8.96
N ALA B 1245 -23.33 -20.66 -9.53
CA ALA B 1245 -23.75 -21.95 -9.02
C ALA B 1245 -24.57 -22.74 -10.04
N ARG B 1246 -24.59 -24.06 -9.86
CA ARG B 1246 -25.32 -24.96 -10.74
C ARG B 1246 -26.83 -24.71 -10.63
N TYR B 1247 -27.30 -24.40 -9.43
CA TYR B 1247 -28.72 -24.25 -9.15
C TYR B 1247 -29.08 -22.90 -8.54
N ILE B 1248 -30.32 -22.47 -8.76
CA ILE B 1248 -30.85 -21.25 -8.16
C ILE B 1248 -32.32 -21.43 -7.78
N ARG B 1249 -32.77 -20.68 -6.78
CA ARG B 1249 -34.14 -20.79 -6.29
C ARG B 1249 -34.76 -19.42 -6.01
N LEU B 1250 -36.07 -19.33 -6.14
CA LEU B 1250 -36.79 -18.10 -5.82
C LEU B 1250 -37.87 -18.34 -4.77
N HIS B 1251 -37.65 -17.83 -3.57
CA HIS B 1251 -38.63 -17.98 -2.50
C HIS B 1251 -39.39 -16.67 -2.30
N PRO B 1252 -40.69 -16.65 -2.69
CA PRO B 1252 -41.49 -15.45 -2.56
C PRO B 1252 -41.99 -15.25 -1.13
N THR B 1253 -42.03 -14.01 -0.68
CA THR B 1253 -42.49 -13.69 0.68
C THR B 1253 -43.80 -12.92 0.64
N LYS B 1254 -43.87 -11.91 -0.21
CA LYS B 1254 -45.08 -11.10 -0.38
C LYS B 1254 -45.72 -11.38 -1.72
N PHE B 1255 -47.02 -11.12 -1.83
CA PHE B 1255 -47.77 -11.43 -3.04
C PHE B 1255 -49.18 -10.88 -2.98
N TYR B 1256 -49.81 -10.77 -4.16
CA TYR B 1256 -51.20 -10.34 -4.26
C TYR B 1256 -52.09 -11.45 -4.80
N ASN B 1257 -52.80 -12.12 -3.89
CA ASN B 1257 -53.70 -13.21 -4.27
C ASN B 1257 -53.02 -14.57 -4.13
N ARG B 1258 -51.87 -14.72 -4.77
CA ARG B 1258 -51.04 -15.92 -4.62
C ARG B 1258 -49.70 -15.73 -5.32
N PRO B 1259 -48.68 -16.46 -4.87
CA PRO B 1259 -47.31 -16.32 -5.38
C PRO B 1259 -47.20 -16.67 -6.86
N THR B 1260 -47.83 -15.87 -7.72
CA THR B 1260 -47.72 -16.08 -9.17
C THR B 1260 -46.32 -15.73 -9.66
N PHE B 1261 -45.68 -16.68 -10.34
CA PHE B 1261 -44.30 -16.51 -10.80
C PHE B 1261 -44.02 -17.07 -12.19
N ARG B 1262 -43.58 -16.20 -13.08
CA ARG B 1262 -42.93 -16.60 -14.32
C ARG B 1262 -41.74 -15.68 -14.50
N ILE B 1263 -40.60 -16.24 -14.89
CA ILE B 1263 -39.34 -15.54 -14.74
C ILE B 1263 -38.35 -15.77 -15.88
N GLU B 1264 -37.17 -15.17 -15.74
CA GLU B 1264 -36.04 -15.47 -16.61
C GLU B 1264 -34.74 -14.95 -16.00
N LEU B 1265 -33.66 -15.70 -16.20
CA LEU B 1265 -32.36 -15.35 -15.63
C LEU B 1265 -31.55 -14.46 -16.55
N LEU B 1266 -30.66 -13.66 -15.96
CA LEU B 1266 -29.76 -12.80 -16.73
C LEU B 1266 -28.33 -12.94 -16.22
N GLY B 1267 -27.48 -13.56 -17.03
CA GLY B 1267 -26.08 -13.72 -16.69
C GLY B 1267 -25.26 -14.09 -17.92
N CYS B 1268 -24.11 -14.72 -17.69
CA CYS B 1268 -23.28 -15.23 -18.78
C CYS B 1268 -22.52 -16.45 -18.29
N GLU B 1269 -21.79 -17.09 -19.18
CA GLU B 1269 -21.05 -18.30 -18.84
C GLU B 1269 -19.80 -17.95 -18.03
N VAL B 1270 -19.34 -18.91 -17.24
CA VAL B 1270 -18.13 -18.73 -16.44
C VAL B 1270 -17.00 -18.10 -17.28
N GLU B 1271 -16.87 -18.57 -18.51
CA GLU B 1271 -15.86 -18.04 -19.42
C GLU B 1271 -16.41 -16.97 -20.36
N GLY B 1272 -17.73 -16.89 -20.45
CA GLY B 1272 -18.40 -15.89 -21.28
C GLY B 1272 -17.90 -15.87 -22.71
N CYS B 1273 -17.73 -17.06 -23.29
CA CYS B 1273 -17.20 -17.19 -24.64
C CYS B 1273 -18.29 -17.47 -25.67
N SER B 1274 -19.33 -18.19 -25.24
CA SER B 1274 -20.40 -18.61 -26.14
C SER B 1274 -20.89 -17.53 -27.09
N VAL B 1275 -20.41 -17.60 -28.33
CA VAL B 1275 -20.86 -16.70 -29.40
C VAL B 1275 -21.06 -17.50 -30.68
N PRO B 1276 -22.15 -17.22 -31.43
CA PRO B 1276 -22.41 -17.95 -32.66
C PRO B 1276 -21.23 -17.88 -33.62
N LEU B 1277 -20.73 -19.05 -34.03
CA LEU B 1277 -19.51 -19.12 -34.84
C LEU B 1277 -19.74 -18.83 -36.32
N GLY B 1278 -21.00 -18.78 -36.74
CA GLY B 1278 -21.31 -18.39 -38.11
C GLY B 1278 -22.09 -19.42 -38.91
N MET B 1279 -22.33 -20.59 -38.33
CA MET B 1279 -23.11 -21.62 -39.00
C MET B 1279 -24.41 -21.02 -39.52
N GLU B 1280 -25.28 -20.62 -38.60
CA GLU B 1280 -26.55 -20.00 -38.96
C GLU B 1280 -26.33 -18.70 -39.70
N SER B 1281 -25.42 -17.87 -39.18
CA SER B 1281 -25.12 -16.59 -39.81
C SER B 1281 -24.59 -16.78 -41.22
N GLY B 1282 -23.83 -17.86 -41.42
CA GLY B 1282 -23.26 -18.16 -42.73
C GLY B 1282 -21.77 -17.88 -42.78
N ALA B 1283 -21.28 -17.15 -41.78
CA ALA B 1283 -19.86 -16.82 -41.71
C ALA B 1283 -19.00 -18.02 -42.09
N ILE B 1284 -19.44 -19.21 -41.67
CA ILE B 1284 -18.73 -20.43 -42.00
C ILE B 1284 -19.12 -20.92 -43.39
N LYS B 1285 -18.23 -20.70 -44.35
CA LYS B 1285 -18.49 -21.13 -45.72
C LYS B 1285 -18.79 -22.62 -45.79
N ASN B 1286 -19.61 -23.01 -46.75
CA ASN B 1286 -20.00 -24.41 -46.91
C ASN B 1286 -18.92 -25.27 -47.54
N LYS B 1287 -17.80 -24.63 -47.90
CA LYS B 1287 -16.67 -25.35 -48.46
C LYS B 1287 -15.94 -26.09 -47.35
N GLU B 1288 -15.93 -25.50 -46.15
CA GLU B 1288 -15.28 -26.09 -44.99
C GLU B 1288 -16.17 -27.18 -44.39
N ILE B 1289 -17.48 -27.06 -44.59
CA ILE B 1289 -18.42 -28.02 -44.03
C ILE B 1289 -18.36 -29.37 -44.75
N THR B 1290 -17.52 -30.26 -44.23
CA THR B 1290 -17.38 -31.60 -44.78
C THR B 1290 -18.42 -32.54 -44.17
N ALA B 1291 -18.58 -33.72 -44.77
CA ALA B 1291 -19.52 -34.72 -44.25
C ALA B 1291 -19.04 -36.13 -44.58
N SER B 1292 -19.54 -37.12 -43.85
CA SER B 1292 -19.19 -38.51 -44.07
C SER B 1292 -19.96 -39.08 -45.26
N SER B 1293 -21.03 -38.40 -45.64
CA SER B 1293 -21.85 -38.81 -46.78
C SER B 1293 -23.17 -38.05 -46.77
N TYR B 1294 -23.55 -37.52 -47.92
CA TYR B 1294 -24.82 -36.79 -48.05
C TYR B 1294 -25.71 -37.46 -49.07
N LYS B 1295 -26.89 -37.90 -48.63
CA LYS B 1295 -27.82 -38.60 -49.49
C LYS B 1295 -28.33 -37.70 -50.61
N LYS B 1296 -28.05 -38.09 -51.85
CA LYS B 1296 -28.53 -37.36 -53.00
C LYS B 1296 -29.37 -38.28 -53.88
N THR B 1297 -30.69 -38.22 -53.71
CA THR B 1297 -31.60 -39.00 -54.52
C THR B 1297 -31.81 -38.29 -55.85
N TRP B 1298 -32.26 -39.04 -56.86
CA TRP B 1298 -32.52 -38.45 -58.17
C TRP B 1298 -33.24 -37.11 -58.04
N TRP B 1299 -34.13 -37.01 -57.06
CA TRP B 1299 -34.92 -35.79 -56.84
C TRP B 1299 -34.15 -34.77 -56.00
N SER B 1300 -34.03 -35.05 -54.71
CA SER B 1300 -33.43 -34.10 -53.79
C SER B 1300 -32.38 -34.75 -52.87
N SER B 1301 -31.32 -34.01 -52.60
CA SER B 1301 -30.26 -34.49 -51.72
C SER B 1301 -30.01 -33.48 -50.61
N TRP B 1302 -29.39 -33.95 -49.52
CA TRP B 1302 -29.04 -33.08 -48.41
C TRP B 1302 -27.53 -32.99 -48.29
N GLU B 1303 -26.96 -31.89 -48.76
CA GLU B 1303 -25.52 -31.67 -48.67
C GLU B 1303 -25.14 -31.23 -47.26
N PRO B 1304 -23.98 -31.69 -46.78
CA PRO B 1304 -23.54 -31.44 -45.41
C PRO B 1304 -23.24 -29.98 -45.13
N PHE B 1305 -23.47 -29.11 -46.12
CA PHE B 1305 -23.35 -27.67 -45.90
C PHE B 1305 -24.73 -27.04 -45.82
N LEU B 1306 -25.76 -27.88 -45.82
CA LEU B 1306 -27.13 -27.45 -45.63
C LEU B 1306 -27.51 -27.62 -44.17
N ALA B 1307 -26.51 -27.92 -43.34
CA ALA B 1307 -26.73 -28.12 -41.91
C ALA B 1307 -26.52 -26.82 -41.14
N ARG B 1308 -27.53 -25.96 -41.15
CA ARG B 1308 -27.49 -24.70 -40.43
C ARG B 1308 -28.69 -24.61 -39.49
N LEU B 1309 -28.54 -23.89 -38.38
CA LEU B 1309 -29.62 -23.75 -37.42
C LEU B 1309 -30.76 -22.88 -37.93
N ASN B 1310 -31.91 -23.00 -37.27
CA ASN B 1310 -33.11 -22.25 -37.66
C ASN B 1310 -33.17 -21.98 -39.16
N LEU B 1311 -33.08 -23.05 -39.94
CA LEU B 1311 -33.12 -22.95 -41.39
C LEU B 1311 -34.32 -23.67 -41.97
N GLU B 1312 -35.23 -22.92 -42.58
CA GLU B 1312 -36.38 -23.48 -43.25
C GLU B 1312 -36.44 -22.99 -44.69
N GLY B 1313 -36.42 -23.92 -45.65
CA GLY B 1313 -36.49 -23.56 -47.06
C GLY B 1313 -35.75 -24.54 -47.96
N GLY B 1314 -36.51 -25.38 -48.65
CA GLY B 1314 -35.94 -26.36 -49.58
C GLY B 1314 -35.74 -27.73 -48.94
N THR B 1315 -34.48 -28.13 -48.83
CA THR B 1315 -34.13 -29.40 -48.19
C THR B 1315 -33.38 -29.10 -46.89
N ASN B 1316 -34.12 -28.63 -45.89
CA ASN B 1316 -33.55 -28.06 -44.68
C ASN B 1316 -32.83 -29.04 -43.75
N ALA B 1317 -31.52 -29.16 -43.93
CA ALA B 1317 -30.70 -29.99 -43.04
C ALA B 1317 -29.61 -30.75 -43.78
N TRP B 1318 -29.09 -31.79 -43.12
CA TRP B 1318 -28.08 -32.66 -43.69
C TRP B 1318 -28.28 -34.09 -43.19
N GLN B 1319 -28.57 -35.00 -44.11
CA GLN B 1319 -28.68 -36.41 -43.75
C GLN B 1319 -27.86 -37.31 -44.68
N PRO B 1320 -27.23 -38.35 -44.11
CA PRO B 1320 -26.33 -39.25 -44.80
C PRO B 1320 -27.06 -40.32 -45.60
N GLU B 1321 -26.53 -40.66 -46.78
CA GLU B 1321 -27.09 -41.72 -47.59
C GLU B 1321 -27.18 -43.02 -46.77
N VAL B 1322 -26.07 -43.36 -46.10
CA VAL B 1322 -26.04 -44.54 -45.26
C VAL B 1322 -26.15 -44.18 -43.78
N ASN B 1323 -27.28 -44.52 -43.18
CA ASN B 1323 -27.51 -44.24 -41.76
C ASN B 1323 -26.87 -45.28 -40.85
N ASN B 1324 -25.82 -44.88 -40.15
CA ASN B 1324 -25.10 -45.78 -39.25
C ASN B 1324 -24.34 -45.03 -38.16
N LYS B 1325 -23.84 -45.78 -37.18
CA LYS B 1325 -23.04 -45.21 -36.12
C LYS B 1325 -21.64 -44.86 -36.63
N ASP B 1326 -21.47 -44.94 -37.95
CA ASP B 1326 -20.19 -44.63 -38.58
C ASP B 1326 -20.21 -43.25 -39.21
N GLN B 1327 -21.39 -42.66 -39.34
CA GLN B 1327 -21.54 -41.35 -39.95
C GLN B 1327 -20.93 -40.24 -39.10
N TRP B 1328 -20.69 -39.09 -39.71
CA TRP B 1328 -20.20 -37.92 -39.00
C TRP B 1328 -20.33 -36.65 -39.84
N LEU B 1329 -20.44 -35.52 -39.16
CA LEU B 1329 -20.46 -34.22 -39.82
C LEU B 1329 -19.25 -33.39 -39.37
N GLN B 1330 -18.33 -33.16 -40.28
CA GLN B 1330 -17.11 -32.44 -39.96
C GLN B 1330 -17.19 -30.98 -40.39
N ILE B 1331 -17.02 -30.07 -39.44
CA ILE B 1331 -17.04 -28.64 -39.73
C ILE B 1331 -15.65 -28.05 -39.52
N ASP B 1332 -14.99 -27.72 -40.62
CA ASP B 1332 -13.64 -27.18 -40.56
C ASP B 1332 -13.69 -25.68 -40.25
N LEU B 1333 -12.87 -25.26 -39.30
CA LEU B 1333 -12.79 -23.86 -38.93
C LEU B 1333 -11.47 -23.27 -39.39
N GLN B 1334 -10.69 -24.09 -40.10
CA GLN B 1334 -9.42 -23.65 -40.66
C GLN B 1334 -8.47 -23.27 -39.53
N HIS B 1335 -8.77 -22.15 -38.87
CA HIS B 1335 -7.93 -21.65 -37.79
C HIS B 1335 -8.49 -22.06 -36.43
N LEU B 1336 -7.58 -22.41 -35.51
CA LEU B 1336 -7.95 -22.88 -34.20
C LEU B 1336 -8.89 -21.88 -33.52
N THR B 1337 -10.05 -22.36 -33.08
CA THR B 1337 -10.98 -21.53 -32.33
C THR B 1337 -11.51 -22.24 -31.09
N LYS B 1338 -11.95 -21.46 -30.11
CA LYS B 1338 -12.45 -22.01 -28.86
C LYS B 1338 -13.95 -22.28 -28.93
N ILE B 1339 -14.34 -23.51 -28.61
CA ILE B 1339 -15.74 -23.91 -28.66
C ILE B 1339 -16.25 -24.26 -27.27
N THR B 1340 -17.46 -23.80 -26.96
CA THR B 1340 -18.00 -23.94 -25.61
C THR B 1340 -19.37 -24.64 -25.58
N SER B 1341 -20.21 -24.35 -26.56
CA SER B 1341 -21.55 -24.92 -26.60
C SER B 1341 -22.09 -25.00 -28.02
N ILE B 1342 -22.70 -26.13 -28.36
CA ILE B 1342 -23.25 -26.33 -29.70
C ILE B 1342 -24.70 -26.80 -29.63
N ILE B 1343 -25.58 -26.13 -30.35
CA ILE B 1343 -26.98 -26.52 -30.41
C ILE B 1343 -27.22 -27.52 -31.53
N THR B 1344 -28.26 -28.33 -31.37
CA THR B 1344 -28.61 -29.33 -32.36
C THR B 1344 -30.09 -29.27 -32.71
N GLN B 1345 -30.41 -29.37 -34.00
CA GLN B 1345 -31.79 -29.26 -34.46
C GLN B 1345 -32.22 -30.50 -35.22
N GLY B 1346 -33.27 -30.37 -36.03
CA GLY B 1346 -33.79 -31.49 -36.80
C GLY B 1346 -34.27 -31.07 -38.18
N ALA B 1347 -35.12 -31.89 -38.79
CA ALA B 1347 -35.64 -31.60 -40.12
C ALA B 1347 -37.03 -32.19 -40.34
N THR B 1348 -37.84 -31.50 -41.13
CA THR B 1348 -39.17 -31.97 -41.49
C THR B 1348 -39.34 -32.05 -43.00
N SER B 1349 -39.89 -33.15 -43.49
CA SER B 1349 -40.11 -33.33 -44.92
C SER B 1349 -40.77 -34.67 -45.24
N MET B 1350 -41.79 -34.62 -46.09
CA MET B 1350 -42.50 -35.81 -46.53
C MET B 1350 -42.57 -36.89 -45.45
N THR B 1351 -41.90 -38.00 -45.68
CA THR B 1351 -41.92 -39.13 -44.76
C THR B 1351 -41.17 -38.82 -43.46
N THR B 1352 -41.92 -38.66 -42.38
CA THR B 1352 -41.35 -38.44 -41.05
C THR B 1352 -40.51 -37.17 -40.95
N SER B 1353 -40.40 -36.65 -39.74
CA SER B 1353 -39.51 -35.53 -39.43
C SER B 1353 -38.38 -36.04 -38.54
N MET B 1354 -37.14 -35.84 -38.97
CA MET B 1354 -36.01 -36.50 -38.32
C MET B 1354 -35.23 -35.61 -37.35
N TYR B 1355 -34.47 -36.26 -36.47
CA TYR B 1355 -33.60 -35.59 -35.50
C TYR B 1355 -32.71 -36.63 -34.82
N VAL B 1356 -31.56 -36.19 -34.32
CA VAL B 1356 -30.64 -37.10 -33.65
C VAL B 1356 -31.03 -37.29 -32.19
N LYS B 1357 -31.32 -38.54 -31.82
CA LYS B 1357 -31.74 -38.84 -30.45
C LYS B 1357 -30.59 -38.74 -29.45
N THR B 1358 -29.39 -39.09 -29.90
CA THR B 1358 -28.18 -38.95 -29.09
C THR B 1358 -26.97 -38.83 -30.01
N PHE B 1359 -25.84 -38.40 -29.43
CA PHE B 1359 -24.64 -38.19 -30.23
C PHE B 1359 -23.37 -38.14 -29.40
N SER B 1360 -22.24 -38.14 -30.10
CA SER B 1360 -20.94 -37.97 -29.48
C SER B 1360 -20.26 -36.76 -30.12
N ILE B 1361 -18.98 -36.55 -29.82
CA ILE B 1361 -18.23 -35.46 -30.42
C ILE B 1361 -16.74 -35.75 -30.46
N HIS B 1362 -16.15 -35.63 -31.65
CA HIS B 1362 -14.71 -35.80 -31.82
C HIS B 1362 -14.10 -34.46 -32.21
N TYR B 1363 -12.84 -34.27 -31.84
CA TYR B 1363 -12.15 -33.02 -32.17
C TYR B 1363 -10.68 -33.24 -32.52
N THR B 1364 -10.00 -32.14 -32.85
CA THR B 1364 -8.61 -32.19 -33.26
C THR B 1364 -7.71 -32.01 -32.05
N ASP B 1365 -6.53 -32.62 -32.08
CA ASP B 1365 -5.60 -32.55 -30.95
C ASP B 1365 -4.37 -31.71 -31.27
N ASP B 1366 -3.66 -31.29 -30.21
CA ASP B 1366 -2.45 -30.50 -30.38
C ASP B 1366 -1.72 -30.93 -31.65
N ASN B 1367 -1.26 -32.17 -31.67
CA ASN B 1367 -0.64 -32.73 -32.87
C ASN B 1367 -1.68 -33.50 -33.68
N SER B 1368 -1.86 -33.08 -34.93
CA SER B 1368 -2.90 -33.61 -35.82
C SER B 1368 -3.33 -35.05 -35.55
N THR B 1369 -4.25 -35.22 -34.60
CA THR B 1369 -4.82 -36.53 -34.30
C THR B 1369 -6.23 -36.37 -33.71
N TRP B 1370 -7.16 -37.18 -34.18
CA TRP B 1370 -8.54 -37.12 -33.70
C TRP B 1370 -8.64 -37.62 -32.26
N LYS B 1371 -9.48 -36.96 -31.47
CA LYS B 1371 -9.69 -37.35 -30.09
C LYS B 1371 -11.14 -37.11 -29.69
N PRO B 1372 -11.79 -38.13 -29.10
CA PRO B 1372 -13.18 -38.02 -28.69
C PRO B 1372 -13.34 -37.15 -27.46
N TYR B 1373 -14.42 -36.38 -27.41
CA TYR B 1373 -14.70 -35.51 -26.26
C TYR B 1373 -14.99 -36.36 -25.02
N LEU B 1374 -13.94 -36.86 -24.39
CA LEU B 1374 -14.10 -37.66 -23.19
C LEU B 1374 -14.70 -36.84 -22.05
N ASP B 1375 -15.24 -37.53 -21.05
CA ASP B 1375 -15.92 -36.87 -19.95
C ASP B 1375 -15.01 -36.76 -18.73
N VAL B 1376 -15.15 -35.65 -17.99
CA VAL B 1376 -14.42 -35.48 -16.74
C VAL B 1376 -15.21 -36.15 -15.62
N ARG B 1377 -16.48 -36.43 -15.90
CA ARG B 1377 -17.35 -37.10 -14.94
C ARG B 1377 -17.69 -38.51 -15.43
N THR B 1378 -16.73 -39.15 -16.08
CA THR B 1378 -16.92 -40.50 -16.60
C THR B 1378 -15.67 -41.02 -17.28
N SER B 1379 -15.75 -42.25 -17.80
CA SER B 1379 -14.61 -42.89 -18.43
C SER B 1379 -14.50 -42.55 -19.92
N MET B 1380 -15.62 -42.63 -20.62
CA MET B 1380 -15.64 -42.40 -22.07
C MET B 1380 -16.28 -41.08 -22.45
N GLU B 1381 -16.04 -40.65 -23.67
CA GLU B 1381 -16.59 -39.40 -24.18
C GLU B 1381 -18.09 -39.31 -23.96
N LYS B 1382 -18.53 -38.21 -23.34
CA LYS B 1382 -19.94 -38.02 -23.03
C LYS B 1382 -20.81 -38.27 -24.26
N VAL B 1383 -22.00 -38.82 -24.03
CA VAL B 1383 -22.98 -38.99 -25.08
C VAL B 1383 -24.23 -38.16 -24.78
N PHE B 1384 -24.32 -37.01 -25.43
CA PHE B 1384 -25.38 -36.05 -25.15
C PHE B 1384 -26.73 -36.51 -25.68
N THR B 1385 -27.80 -35.95 -25.12
CA THR B 1385 -29.16 -36.28 -25.53
C THR B 1385 -29.66 -35.31 -26.58
N GLY B 1386 -29.76 -35.77 -27.82
CA GLY B 1386 -30.18 -34.94 -28.94
C GLY B 1386 -31.58 -34.41 -28.81
N ASN B 1387 -32.13 -33.93 -29.93
CA ASN B 1387 -33.47 -33.34 -29.93
C ASN B 1387 -34.59 -34.35 -29.79
N ILE B 1388 -35.77 -33.86 -29.43
CA ILE B 1388 -36.96 -34.69 -29.36
C ILE B 1388 -38.05 -34.06 -30.23
N ASN B 1389 -37.79 -34.00 -31.53
CA ASN B 1389 -38.70 -33.37 -32.48
C ASN B 1389 -38.03 -33.03 -33.80
N SER B 1390 -38.31 -31.84 -34.30
CA SER B 1390 -37.72 -31.38 -35.55
C SER B 1390 -37.23 -29.94 -35.45
N ASP B 1391 -38.15 -29.04 -35.15
CA ASP B 1391 -37.82 -27.61 -35.05
C ASP B 1391 -37.52 -27.20 -33.62
N GLY B 1392 -36.82 -28.07 -32.89
CA GLY B 1392 -36.50 -27.81 -31.50
C GLY B 1392 -34.99 -27.71 -31.24
N HIS B 1393 -34.62 -26.85 -30.30
CA HIS B 1393 -33.22 -26.66 -29.96
C HIS B 1393 -32.83 -27.48 -28.74
N VAL B 1394 -31.52 -27.69 -28.56
CA VAL B 1394 -31.01 -28.44 -27.42
C VAL B 1394 -29.52 -28.16 -27.22
N LYS B 1395 -29.22 -26.98 -26.69
CA LYS B 1395 -27.86 -26.52 -26.50
C LYS B 1395 -27.07 -27.41 -25.54
N HIS B 1396 -25.93 -27.91 -26.00
CA HIS B 1396 -25.06 -28.72 -25.16
C HIS B 1396 -23.73 -28.01 -24.91
N PHE B 1397 -23.27 -28.03 -23.67
CA PHE B 1397 -22.06 -27.31 -23.29
C PHE B 1397 -20.88 -28.25 -23.08
N PHE B 1398 -19.68 -27.70 -23.03
CA PHE B 1398 -18.47 -28.50 -22.87
C PHE B 1398 -17.77 -28.20 -21.55
N LYS B 1399 -17.97 -29.06 -20.56
CA LYS B 1399 -17.34 -28.90 -19.25
C LYS B 1399 -16.12 -28.00 -19.39
N PRO B 1400 -15.01 -28.57 -19.91
CA PRO B 1400 -13.84 -27.80 -20.28
C PRO B 1400 -13.87 -27.51 -21.79
N PRO B 1401 -14.01 -26.22 -22.16
CA PRO B 1401 -14.14 -25.80 -23.54
C PRO B 1401 -13.26 -26.62 -24.49
N ILE B 1402 -13.66 -26.70 -25.75
CA ILE B 1402 -12.86 -27.37 -26.77
C ILE B 1402 -12.05 -26.35 -27.55
N LEU B 1403 -10.77 -26.61 -27.71
CA LEU B 1403 -9.89 -25.70 -28.44
C LEU B 1403 -9.26 -26.40 -29.65
N SER B 1404 -10.11 -26.82 -30.58
CA SER B 1404 -9.65 -27.48 -31.79
C SER B 1404 -10.03 -26.66 -33.02
N ARG B 1405 -9.67 -27.17 -34.19
CA ARG B 1405 -10.02 -26.52 -35.45
C ARG B 1405 -10.97 -27.41 -36.25
N PHE B 1406 -11.25 -28.59 -35.72
CA PHE B 1406 -12.09 -29.56 -36.40
C PHE B 1406 -13.05 -30.24 -35.44
N ILE B 1407 -14.35 -30.02 -35.63
CA ILE B 1407 -15.37 -30.64 -34.81
C ILE B 1407 -16.19 -31.65 -35.60
N ARG B 1408 -16.28 -32.87 -35.10
CA ARG B 1408 -17.15 -33.87 -35.69
C ARG B 1408 -18.24 -34.26 -34.71
N ILE B 1409 -19.38 -34.67 -35.25
CA ILE B 1409 -20.51 -35.07 -34.41
C ILE B 1409 -21.04 -36.44 -34.86
N ILE B 1410 -20.66 -37.48 -34.12
CA ILE B 1410 -21.04 -38.84 -34.46
C ILE B 1410 -22.35 -39.24 -33.79
N PRO B 1411 -23.45 -39.23 -34.57
CA PRO B 1411 -24.78 -39.60 -34.05
C PRO B 1411 -24.86 -41.07 -33.69
N LYS B 1412 -25.26 -41.36 -32.45
CA LYS B 1412 -25.39 -42.74 -31.98
C LYS B 1412 -26.83 -43.24 -32.07
N THR B 1413 -27.78 -42.34 -31.82
CA THR B 1413 -29.21 -42.66 -31.96
C THR B 1413 -29.92 -41.56 -32.72
N TRP B 1414 -30.91 -41.93 -33.52
CA TRP B 1414 -31.65 -40.94 -34.31
C TRP B 1414 -33.08 -41.37 -34.60
N ASN B 1415 -33.91 -40.40 -34.94
CA ASN B 1415 -35.30 -40.65 -35.34
C ASN B 1415 -35.45 -40.48 -36.84
N GLN B 1416 -36.05 -41.48 -37.49
CA GLN B 1416 -36.15 -41.48 -38.95
C GLN B 1416 -34.75 -41.54 -39.56
N TYR B 1417 -34.41 -40.54 -40.36
CA TYR B 1417 -33.11 -40.48 -41.01
C TYR B 1417 -32.27 -39.36 -40.41
N ILE B 1418 -31.06 -39.70 -39.97
CA ILE B 1418 -30.17 -38.73 -39.35
C ILE B 1418 -30.18 -37.38 -40.08
N ALA B 1419 -30.82 -36.39 -39.47
CA ALA B 1419 -30.82 -35.03 -40.00
C ALA B 1419 -30.66 -34.06 -38.84
N LEU B 1420 -30.05 -32.91 -39.09
CA LEU B 1420 -29.82 -31.94 -38.03
C LEU B 1420 -29.35 -30.59 -38.52
N ARG B 1421 -29.45 -29.59 -37.64
CA ARG B 1421 -28.98 -28.26 -37.92
C ARG B 1421 -28.09 -27.80 -36.77
N ILE B 1422 -26.85 -27.43 -37.08
CA ILE B 1422 -25.87 -27.11 -36.06
C ILE B 1422 -25.61 -25.61 -35.93
N GLU B 1423 -25.23 -25.20 -34.72
CA GLU B 1423 -24.82 -23.82 -34.48
C GLU B 1423 -23.77 -23.75 -33.38
N LEU B 1424 -22.51 -23.87 -33.78
CA LEU B 1424 -21.41 -23.85 -32.84
C LEU B 1424 -21.35 -22.52 -32.08
N PHE B 1425 -20.75 -22.56 -30.88
CA PHE B 1425 -20.57 -21.37 -30.06
C PHE B 1425 -19.15 -21.30 -29.52
N GLY B 1426 -18.52 -20.14 -29.65
CA GLY B 1426 -17.17 -19.95 -29.15
C GLY B 1426 -16.59 -18.57 -29.40
N CYS B 1427 -15.37 -18.35 -28.91
CA CYS B 1427 -14.66 -17.11 -29.12
C CYS B 1427 -13.48 -17.33 -30.06
N GLU B 1428 -12.78 -16.25 -30.40
CA GLU B 1428 -11.67 -16.34 -31.36
C GLU B 1428 -10.35 -16.76 -30.72
N VAL B 1429 -10.31 -16.81 -29.40
CA VAL B 1429 -9.10 -17.20 -28.68
C VAL B 1429 -7.87 -16.49 -29.25
#